data_2RVK
#
_entry.id   2RVK
#
_entity_poly.entity_id   1
_entity_poly.type   'polypeptide(L)'
_entity_poly.pdbx_seq_one_letter_code
;GPGHMGSVSNAKAPTSALRALLEHKENSSQNGPLAENFATFSGHAESNALRLNIYFPSSESPSKPLFVELRKNVLVSEAI
GYILLQYVNQQLVPPIEDEAQNPNYWNLRIVEDDGELDEDFPALDRVGPLSKFGFDAFALVKATPAQIKENQAAYPFKSK
;
_entity_poly.pdbx_strand_id   A
#
# COMPACT_ATOMS: atom_id res chain seq x y z
N GLY A 1 38.50 37.55 37.88
CA GLY A 1 37.45 37.97 36.90
C GLY A 1 36.09 37.51 37.40
N PRO A 2 35.04 38.02 36.83
CA PRO A 2 33.65 37.65 37.22
C PRO A 2 33.33 36.21 36.85
N GLY A 3 34.11 35.66 35.92
CA GLY A 3 33.94 34.29 35.47
C GLY A 3 35.24 33.75 34.86
N HIS A 4 35.10 32.83 33.91
CA HIS A 4 36.26 32.25 33.25
C HIS A 4 36.93 33.29 32.36
N MET A 5 38.27 33.26 32.32
CA MET A 5 39.01 34.22 31.50
C MET A 5 38.72 34.02 30.01
N GLY A 6 38.62 32.76 29.59
CA GLY A 6 38.36 32.46 28.19
C GLY A 6 36.96 32.93 27.79
N SER A 7 36.85 33.46 26.57
CA SER A 7 35.57 33.94 26.06
C SER A 7 34.70 32.75 25.65
N VAL A 8 33.39 32.98 25.56
CA VAL A 8 32.45 31.93 25.17
C VAL A 8 32.86 30.59 25.78
N SER A 9 32.50 30.38 27.04
CA SER A 9 32.82 29.14 27.73
C SER A 9 31.70 28.13 27.55
N ASN A 10 32.06 26.85 27.43
CA ASN A 10 31.07 25.79 27.26
C ASN A 10 31.62 24.44 27.71
N ALA A 11 30.73 23.47 27.87
CA ALA A 11 31.14 22.14 28.30
C ALA A 11 31.87 21.42 27.17
N LYS A 12 32.87 20.62 27.53
CA LYS A 12 33.65 19.87 26.54
C LYS A 12 33.16 18.42 26.52
N ALA A 13 32.42 18.06 25.48
CA ALA A 13 31.89 16.70 25.35
C ALA A 13 31.19 16.53 24.00
N PRO A 14 31.94 16.35 22.94
CA PRO A 14 31.39 16.19 21.57
C PRO A 14 30.48 14.96 21.47
N THR A 15 29.47 15.04 20.62
CA THR A 15 28.54 13.93 20.43
C THR A 15 29.26 12.69 19.93
N SER A 16 30.13 12.88 18.94
CA SER A 16 30.88 11.78 18.36
C SER A 16 32.02 11.35 19.28
N ALA A 17 31.69 11.02 20.52
CA ALA A 17 32.69 10.58 21.48
C ALA A 17 33.31 9.26 21.02
N LEU A 18 32.48 8.40 20.46
CA LEU A 18 32.94 7.10 19.95
C LEU A 18 33.65 7.29 18.63
N ARG A 19 34.63 6.42 18.35
CA ARG A 19 35.37 6.51 17.09
C ARG A 19 34.47 6.23 15.90
N ALA A 20 33.58 5.23 16.05
CA ALA A 20 32.65 4.87 14.98
C ALA A 20 31.21 5.10 15.44
N LEU A 21 30.35 5.52 14.52
CA LEU A 21 28.95 5.78 14.84
C LEU A 21 28.08 4.59 14.48
N LEU A 22 27.98 3.63 15.40
CA LEU A 22 27.17 2.43 15.20
C LEU A 22 27.16 2.00 13.73
N GLU A 23 28.19 1.23 13.35
CA GLU A 23 28.29 0.74 11.99
C GLU A 23 27.18 -0.27 11.70
N HIS A 24 26.58 -0.19 10.51
CA HIS A 24 25.52 -1.10 10.13
C HIS A 24 26.08 -2.40 9.58
N LYS A 25 25.32 -3.48 9.75
CA LYS A 25 25.75 -4.79 9.28
C LYS A 25 26.09 -4.75 7.79
N GLU A 26 25.06 -4.53 6.97
CA GLU A 26 25.26 -4.47 5.52
C GLU A 26 24.08 -3.78 4.85
N ASN A 27 24.06 -2.45 4.90
CA ASN A 27 22.99 -1.69 4.28
C ASN A 27 21.63 -2.14 4.81
N SER A 28 21.57 -2.47 6.09
CA SER A 28 20.33 -2.92 6.71
C SER A 28 19.36 -1.75 6.87
N SER A 29 18.07 -2.04 6.72
CA SER A 29 17.05 -1.00 6.86
C SER A 29 15.70 -1.61 7.17
N GLN A 30 14.81 -0.80 7.73
CA GLN A 30 13.47 -1.27 8.08
C GLN A 30 12.65 -1.52 6.83
N ASN A 31 13.01 -0.84 5.74
CA ASN A 31 12.31 -1.00 4.47
C ASN A 31 12.62 -2.35 3.84
N GLY A 32 11.60 -2.96 3.24
CA GLY A 32 11.80 -4.25 2.58
C GLY A 32 12.41 -4.05 1.20
N PRO A 33 12.99 -5.07 0.63
CA PRO A 33 13.63 -4.97 -0.72
C PRO A 33 12.63 -4.49 -1.77
N LEU A 34 11.45 -5.09 -1.77
CA LEU A 34 10.40 -4.70 -2.71
C LEU A 34 9.91 -3.29 -2.37
N ALA A 35 9.83 -3.02 -1.07
CA ALA A 35 9.37 -1.73 -0.59
C ALA A 35 10.21 -0.60 -1.13
N GLU A 36 11.46 -0.90 -1.51
CA GLU A 36 12.34 0.15 -2.03
C GLU A 36 11.70 0.84 -3.22
N ASN A 37 11.21 0.04 -4.17
CA ASN A 37 10.58 0.59 -5.37
C ASN A 37 9.21 1.21 -5.06
N PHE A 38 8.43 0.53 -4.21
CA PHE A 38 7.09 1.00 -3.87
C PHE A 38 7.09 2.06 -2.78
N ALA A 39 7.77 1.78 -1.67
CA ALA A 39 7.80 2.73 -0.57
C ALA A 39 8.21 4.11 -1.05
N THR A 40 8.82 4.17 -2.23
CA THR A 40 9.24 5.45 -2.80
C THR A 40 8.04 6.34 -3.02
N PHE A 41 6.90 5.74 -3.38
CA PHE A 41 5.67 6.50 -3.65
C PHE A 41 4.74 6.47 -2.44
N SER A 42 5.17 5.84 -1.35
CA SER A 42 4.34 5.74 -0.16
C SER A 42 4.39 7.02 0.67
N GLY A 43 5.38 7.86 0.40
CA GLY A 43 5.51 9.11 1.14
C GLY A 43 5.69 8.83 2.63
N HIS A 44 6.49 7.83 2.95
CA HIS A 44 6.74 7.47 4.35
C HIS A 44 7.28 8.68 5.10
N ALA A 45 8.17 9.43 4.44
CA ALA A 45 8.76 10.62 5.04
C ALA A 45 7.80 11.80 4.93
N GLU A 46 6.72 11.62 4.18
CA GLU A 46 5.73 12.67 3.99
C GLU A 46 4.56 12.50 4.94
N SER A 47 4.38 13.46 5.84
CA SER A 47 3.29 13.40 6.81
C SER A 47 1.99 13.83 6.15
N ASN A 48 2.09 14.33 4.92
CA ASN A 48 0.92 14.78 4.17
C ASN A 48 0.41 13.69 3.23
N ALA A 49 0.89 12.47 3.42
CA ALA A 49 0.48 11.35 2.58
C ALA A 49 -1.00 11.02 2.78
N LEU A 50 -1.65 10.67 1.67
CA LEU A 50 -3.08 10.33 1.70
C LEU A 50 -3.28 8.89 2.16
N ARG A 51 -4.20 8.70 3.10
CA ARG A 51 -4.51 7.35 3.60
C ARG A 51 -5.44 6.65 2.62
N LEU A 52 -5.41 5.31 2.61
CA LEU A 52 -6.25 4.56 1.68
C LEU A 52 -6.70 3.22 2.27
N ASN A 53 -7.99 2.90 2.05
CA ASN A 53 -8.57 1.64 2.55
C ASN A 53 -9.10 0.82 1.38
N ILE A 54 -9.13 -0.51 1.54
CA ILE A 54 -9.62 -1.39 0.47
C ILE A 54 -10.69 -2.35 0.98
N TYR A 55 -11.57 -2.74 0.07
CA TYR A 55 -12.65 -3.67 0.37
C TYR A 55 -12.99 -4.51 -0.86
N PHE A 56 -12.37 -5.69 -0.98
CA PHE A 56 -12.63 -6.55 -2.13
C PHE A 56 -14.00 -7.26 -1.96
N PRO A 57 -14.89 -7.17 -2.92
CA PRO A 57 -16.22 -7.84 -2.81
C PRO A 57 -16.12 -9.36 -3.01
N SER A 58 -15.17 -9.78 -3.83
CA SER A 58 -14.99 -11.20 -4.12
C SER A 58 -14.41 -11.94 -2.92
N SER A 59 -13.70 -11.20 -2.07
CA SER A 59 -13.10 -11.80 -0.88
C SER A 59 -14.16 -12.15 0.16
N GLU A 60 -13.93 -13.24 0.89
CA GLU A 60 -14.86 -13.69 1.91
C GLU A 60 -14.52 -13.02 3.24
N SER A 61 -13.37 -12.34 3.28
CA SER A 61 -12.92 -11.65 4.49
C SER A 61 -12.68 -10.17 4.20
N PRO A 62 -13.72 -9.42 3.93
CA PRO A 62 -13.60 -7.96 3.62
C PRO A 62 -13.32 -7.14 4.87
N SER A 63 -13.38 -7.80 6.02
CA SER A 63 -13.14 -7.13 7.29
C SER A 63 -11.65 -6.79 7.45
N LYS A 64 -10.84 -7.22 6.50
CA LYS A 64 -9.39 -6.96 6.53
C LYS A 64 -8.99 -5.99 5.42
N PRO A 65 -9.19 -4.70 5.61
CA PRO A 65 -8.85 -3.69 4.58
C PRO A 65 -7.35 -3.39 4.53
N LEU A 66 -6.89 -2.87 3.40
CA LEU A 66 -5.48 -2.53 3.22
C LEU A 66 -5.25 -1.07 3.58
N PHE A 67 -4.37 -0.84 4.57
CA PHE A 67 -4.06 0.51 5.02
C PHE A 67 -2.63 0.89 4.62
N VAL A 68 -2.51 1.91 3.78
CA VAL A 68 -1.21 2.38 3.31
C VAL A 68 -1.18 3.90 3.22
N GLU A 69 0.02 4.47 3.23
CA GLU A 69 0.19 5.91 3.11
C GLU A 69 0.75 6.20 1.73
N LEU A 70 0.04 7.02 0.95
CA LEU A 70 0.47 7.34 -0.42
C LEU A 70 0.61 8.86 -0.59
N ARG A 71 1.52 9.27 -1.46
CA ARG A 71 1.73 10.69 -1.70
C ARG A 71 0.53 11.32 -2.38
N LYS A 72 0.47 12.63 -2.31
CA LYS A 72 -0.62 13.38 -2.92
C LYS A 72 -0.38 13.51 -4.42
N ASN A 73 0.84 13.20 -4.88
CA ASN A 73 1.17 13.32 -6.31
C ASN A 73 1.26 11.97 -7.03
N VAL A 74 1.35 10.86 -6.29
CA VAL A 74 1.44 9.54 -6.93
C VAL A 74 0.07 9.06 -7.37
N LEU A 75 0.03 8.33 -8.48
CA LEU A 75 -1.22 7.82 -9.04
C LEU A 75 -1.76 6.64 -8.24
N VAL A 76 -2.96 6.19 -8.62
CA VAL A 76 -3.60 5.07 -7.93
C VAL A 76 -2.81 3.78 -8.11
N SER A 77 -2.29 3.58 -9.32
CA SER A 77 -1.55 2.35 -9.62
C SER A 77 -0.64 1.92 -8.46
N GLU A 78 -0.11 2.90 -7.73
CA GLU A 78 0.77 2.61 -6.60
C GLU A 78 -0.03 2.00 -5.44
N ALA A 79 -1.28 2.43 -5.30
CA ALA A 79 -2.15 1.94 -4.23
C ALA A 79 -2.17 0.41 -4.18
N ILE A 80 -2.54 -0.21 -5.30
CA ILE A 80 -2.61 -1.67 -5.35
C ILE A 80 -1.23 -2.31 -5.29
N GLY A 81 -0.24 -1.67 -5.91
CA GLY A 81 1.11 -2.20 -5.95
C GLY A 81 1.61 -2.59 -4.55
N TYR A 82 1.17 -1.86 -3.53
CA TYR A 82 1.59 -2.14 -2.16
C TYR A 82 0.98 -3.44 -1.65
N ILE A 83 -0.16 -3.82 -2.22
CA ILE A 83 -0.88 -5.02 -1.80
C ILE A 83 0.05 -6.21 -1.61
N LEU A 84 1.14 -6.27 -2.39
CA LEU A 84 2.06 -7.38 -2.27
C LEU A 84 2.70 -7.44 -0.88
N LEU A 85 3.10 -6.29 -0.37
CA LEU A 85 3.74 -6.23 0.95
C LEU A 85 2.79 -6.67 2.06
N GLN A 86 1.55 -6.20 2.01
CA GLN A 86 0.58 -6.56 3.04
C GLN A 86 0.21 -8.04 2.96
N TYR A 87 0.15 -8.57 1.75
CA TYR A 87 -0.22 -9.96 1.55
C TYR A 87 0.71 -10.86 2.35
N VAL A 88 2.01 -10.61 2.22
CA VAL A 88 2.99 -11.40 2.95
C VAL A 88 2.87 -11.17 4.45
N ASN A 89 2.73 -9.90 4.85
CA ASN A 89 2.65 -9.57 6.27
C ASN A 89 1.40 -10.19 6.91
N GLN A 90 0.27 -10.10 6.21
CA GLN A 90 -0.99 -10.63 6.75
C GLN A 90 -1.23 -12.07 6.28
N GLN A 91 -0.38 -12.55 5.38
CA GLN A 91 -0.52 -13.92 4.87
C GLN A 91 -1.98 -14.20 4.52
N LEU A 92 -2.57 -13.31 3.71
CA LEU A 92 -3.96 -13.46 3.32
C LEU A 92 -4.16 -14.76 2.54
N VAL A 93 -5.12 -15.57 2.97
CA VAL A 93 -5.37 -16.85 2.30
C VAL A 93 -6.01 -16.64 0.92
N PRO A 94 -6.97 -15.74 0.78
CA PRO A 94 -7.60 -15.52 -0.55
C PRO A 94 -6.54 -15.47 -1.66
N PRO A 95 -6.64 -16.27 -2.70
CA PRO A 95 -5.62 -16.28 -3.79
C PRO A 95 -5.78 -15.09 -4.73
N ILE A 96 -4.69 -14.35 -4.91
CA ILE A 96 -4.67 -13.19 -5.80
C ILE A 96 -3.65 -13.42 -6.91
N GLU A 97 -4.09 -13.24 -8.15
CA GLU A 97 -3.21 -13.45 -9.30
C GLU A 97 -2.09 -12.40 -9.30
N ASP A 98 -0.92 -12.80 -9.79
CA ASP A 98 0.23 -11.91 -9.83
C ASP A 98 0.01 -10.78 -10.83
N GLU A 99 -0.62 -11.11 -11.94
CA GLU A 99 -0.86 -10.12 -12.99
C GLU A 99 -2.02 -9.20 -12.60
N ALA A 100 -2.71 -9.53 -11.51
CA ALA A 100 -3.84 -8.73 -11.06
C ALA A 100 -3.37 -7.48 -10.32
N GLN A 101 -2.08 -7.43 -10.02
CA GLN A 101 -1.51 -6.28 -9.33
C GLN A 101 -1.64 -5.04 -10.21
N ASN A 102 -1.45 -5.21 -11.51
CA ASN A 102 -1.54 -4.09 -12.44
C ASN A 102 -3.00 -3.67 -12.62
N PRO A 103 -3.25 -2.40 -12.85
CA PRO A 103 -4.65 -1.90 -13.03
C PRO A 103 -5.24 -2.35 -14.37
N ASN A 104 -4.38 -2.80 -15.27
CA ASN A 104 -4.83 -3.24 -16.58
C ASN A 104 -5.71 -4.49 -16.47
N TYR A 105 -5.40 -5.37 -15.53
CA TYR A 105 -6.16 -6.61 -15.36
C TYR A 105 -7.45 -6.38 -14.56
N TRP A 106 -7.39 -5.54 -13.53
CA TRP A 106 -8.58 -5.24 -12.71
C TRP A 106 -8.77 -3.73 -12.59
N ASN A 107 -9.95 -3.32 -12.16
CA ASN A 107 -10.27 -1.90 -12.02
C ASN A 107 -10.60 -1.60 -10.56
N LEU A 108 -10.37 -0.36 -10.16
CA LEU A 108 -10.65 0.08 -8.79
C LEU A 108 -11.85 1.00 -8.81
N ARG A 109 -12.89 0.63 -8.07
CA ARG A 109 -14.12 1.43 -8.01
C ARG A 109 -14.34 2.01 -6.63
N ILE A 110 -14.85 3.25 -6.61
CA ILE A 110 -15.10 3.96 -5.37
C ILE A 110 -16.32 3.41 -4.66
N VAL A 111 -16.34 3.54 -3.34
CA VAL A 111 -17.46 3.06 -2.53
C VAL A 111 -17.92 4.14 -1.54
N GLU A 112 -19.14 4.02 -1.06
CA GLU A 112 -19.68 4.98 -0.11
C GLU A 112 -19.07 4.78 1.27
N ASP A 113 -19.50 5.61 2.23
CA ASP A 113 -18.98 5.51 3.58
C ASP A 113 -19.47 4.22 4.22
N ASP A 114 -20.52 3.64 3.64
CA ASP A 114 -21.08 2.38 4.14
C ASP A 114 -20.43 1.20 3.45
N GLY A 115 -19.53 1.48 2.50
CA GLY A 115 -18.84 0.43 1.78
C GLY A 115 -19.68 -0.06 0.60
N GLU A 116 -20.79 0.63 0.34
CA GLU A 116 -21.65 0.25 -0.77
C GLU A 116 -20.96 0.56 -2.09
N LEU A 117 -21.25 -0.24 -3.11
CA LEU A 117 -20.64 -0.04 -4.43
C LEU A 117 -21.37 1.06 -5.20
N ASP A 118 -20.60 2.01 -5.71
CA ASP A 118 -21.16 3.13 -6.47
C ASP A 118 -20.92 2.92 -7.97
N GLU A 119 -21.98 2.56 -8.69
CA GLU A 119 -21.87 2.33 -10.13
C GLU A 119 -21.99 3.65 -10.89
N ASP A 120 -22.48 4.67 -10.21
CA ASP A 120 -22.67 5.99 -10.84
C ASP A 120 -21.33 6.70 -11.03
N PHE A 121 -20.33 6.32 -10.24
CA PHE A 121 -19.00 6.95 -10.33
C PHE A 121 -18.04 6.09 -11.16
N PRO A 122 -17.07 6.70 -11.80
CA PRO A 122 -16.06 5.96 -12.64
C PRO A 122 -15.05 5.19 -11.79
N ALA A 123 -14.29 4.32 -12.44
CA ALA A 123 -13.27 3.54 -11.73
C ALA A 123 -11.91 4.21 -11.90
N LEU A 124 -11.36 4.69 -10.80
CA LEU A 124 -10.05 5.35 -10.82
C LEU A 124 -8.94 4.35 -11.02
N ASP A 125 -7.84 4.82 -11.62
CA ASP A 125 -6.69 3.97 -11.88
C ASP A 125 -5.44 4.82 -12.08
N ARG A 126 -4.48 4.32 -12.83
CA ARG A 126 -3.25 5.06 -13.07
C ARG A 126 -3.57 6.40 -13.72
N VAL A 127 -4.62 6.41 -14.54
CA VAL A 127 -5.02 7.62 -15.23
C VAL A 127 -5.78 8.55 -14.29
N GLY A 128 -6.32 7.99 -13.22
CA GLY A 128 -7.08 8.78 -12.24
C GLY A 128 -6.30 8.93 -10.94
N PRO A 129 -5.66 10.06 -10.69
CA PRO A 129 -4.88 10.25 -9.44
C PRO A 129 -5.76 10.00 -8.21
N LEU A 130 -5.19 9.33 -7.22
CA LEU A 130 -5.93 9.00 -6.00
C LEU A 130 -6.36 10.26 -5.26
N SER A 131 -5.48 11.25 -5.18
CA SER A 131 -5.78 12.48 -4.47
C SER A 131 -6.73 13.37 -5.26
N LYS A 132 -7.06 12.97 -6.48
CA LYS A 132 -7.97 13.76 -7.30
C LYS A 132 -9.33 13.89 -6.61
N PHE A 133 -9.85 12.78 -6.10
CA PHE A 133 -11.14 12.79 -5.42
C PHE A 133 -10.96 12.98 -3.91
N GLY A 134 -9.77 12.66 -3.42
CA GLY A 134 -9.47 12.82 -2.00
C GLY A 134 -10.11 11.74 -1.14
N PHE A 135 -10.39 10.58 -1.72
CA PHE A 135 -11.01 9.47 -0.96
C PHE A 135 -9.93 8.53 -0.44
N ASP A 136 -10.13 8.03 0.78
CA ASP A 136 -9.18 7.11 1.41
C ASP A 136 -9.74 5.70 1.45
N ALA A 137 -10.68 5.40 0.55
CA ALA A 137 -11.30 4.08 0.50
C ALA A 137 -11.71 3.72 -0.92
N PHE A 138 -11.47 2.46 -1.30
CA PHE A 138 -11.83 1.99 -2.64
C PHE A 138 -12.10 0.50 -2.63
N ALA A 139 -12.59 -0.02 -3.75
CA ALA A 139 -12.90 -1.44 -3.87
C ALA A 139 -12.42 -1.96 -5.22
N LEU A 140 -12.21 -3.28 -5.30
CA LEU A 140 -11.75 -3.89 -6.54
C LEU A 140 -12.96 -4.33 -7.37
N VAL A 141 -13.05 -3.81 -8.59
CA VAL A 141 -14.17 -4.11 -9.47
C VAL A 141 -13.69 -4.92 -10.67
N LYS A 142 -14.45 -5.96 -11.02
CA LYS A 142 -14.09 -6.84 -12.13
C LYS A 142 -14.11 -6.10 -13.46
N ALA A 143 -13.08 -6.36 -14.27
CA ALA A 143 -12.94 -5.73 -15.58
C ALA A 143 -12.69 -6.80 -16.64
N THR A 144 -13.39 -6.67 -17.78
CA THR A 144 -13.25 -7.63 -18.88
C THR A 144 -12.40 -7.03 -20.00
N PRO A 145 -12.06 -7.78 -21.02
CA PRO A 145 -11.22 -7.27 -22.15
C PRO A 145 -11.77 -5.95 -22.73
N ALA A 146 -13.10 -5.88 -22.85
CA ALA A 146 -13.74 -4.68 -23.40
C ALA A 146 -13.37 -3.45 -22.58
N GLN A 147 -13.55 -3.56 -21.26
CA GLN A 147 -13.25 -2.44 -20.37
C GLN A 147 -11.75 -2.22 -20.25
N ILE A 148 -10.99 -3.31 -20.21
CA ILE A 148 -9.54 -3.23 -20.09
C ILE A 148 -8.95 -2.54 -21.32
N LYS A 149 -9.45 -2.91 -22.50
CA LYS A 149 -8.95 -2.32 -23.74
C LYS A 149 -9.15 -0.81 -23.73
N GLU A 150 -10.30 -0.38 -23.24
CA GLU A 150 -10.61 1.05 -23.18
C GLU A 150 -9.72 1.75 -22.17
N ASN A 151 -9.49 1.10 -21.03
CA ASN A 151 -8.67 1.67 -19.97
C ASN A 151 -7.22 1.91 -20.42
N GLN A 152 -6.66 0.94 -21.14
CA GLN A 152 -5.27 1.07 -21.60
C GLN A 152 -5.18 1.98 -22.82
N ALA A 153 -6.31 2.21 -23.48
CA ALA A 153 -6.32 3.06 -24.66
C ALA A 153 -5.90 4.48 -24.31
N ALA A 154 -6.45 5.00 -23.21
CA ALA A 154 -6.09 6.36 -22.79
C ALA A 154 -4.65 6.40 -22.32
N TYR A 155 -4.24 5.36 -21.60
CA TYR A 155 -2.87 5.26 -21.09
C TYR A 155 -2.14 4.08 -21.73
N PRO A 156 -1.44 4.30 -22.81
CA PRO A 156 -0.69 3.21 -23.50
C PRO A 156 0.24 2.46 -22.55
N PHE A 157 0.25 1.14 -22.64
CA PHE A 157 1.09 0.32 -21.78
C PHE A 157 2.53 0.28 -22.28
N LYS A 158 3.46 0.64 -21.40
CA LYS A 158 4.88 0.63 -21.75
C LYS A 158 5.43 -0.79 -21.69
N SER A 159 6.28 -1.14 -22.65
CA SER A 159 6.86 -2.47 -22.70
C SER A 159 7.78 -2.70 -21.50
N LYS A 160 7.74 -3.91 -20.96
CA LYS A 160 8.57 -4.25 -19.80
C LYS A 160 10.04 -4.00 -20.12
N GLY A 1 17.72 10.27 65.30
CA GLY A 1 17.52 9.70 66.66
C GLY A 1 16.02 9.60 66.97
N PRO A 2 15.32 10.70 66.84
CA PRO A 2 13.85 10.73 67.11
C PRO A 2 13.09 9.66 66.32
N GLY A 3 13.48 9.49 65.06
CA GLY A 3 12.85 8.50 64.21
C GLY A 3 11.48 8.98 63.72
N HIS A 4 11.21 10.26 63.91
CA HIS A 4 9.92 10.83 63.49
C HIS A 4 10.00 11.32 62.04
N MET A 5 11.21 11.38 61.50
CA MET A 5 11.40 11.82 60.12
C MET A 5 11.20 10.66 59.15
N GLY A 6 10.45 10.91 58.09
CA GLY A 6 10.18 9.88 57.08
C GLY A 6 8.94 9.08 57.46
N SER A 7 8.25 9.53 58.52
CA SER A 7 7.04 8.84 58.96
C SER A 7 6.00 8.83 57.85
N VAL A 8 5.96 9.93 57.09
CA VAL A 8 5.02 10.07 55.97
C VAL A 8 5.76 10.49 54.70
N SER A 9 5.33 9.94 53.56
CA SER A 9 5.97 10.26 52.29
C SER A 9 5.32 11.48 51.64
N ASN A 10 6.10 12.18 50.82
CA ASN A 10 5.59 13.38 50.14
C ASN A 10 4.82 13.01 48.89
N ALA A 11 3.51 12.90 49.03
CA ALA A 11 2.64 12.56 47.89
C ALA A 11 2.26 13.82 47.13
N LYS A 12 2.66 14.97 47.67
CA LYS A 12 2.36 16.25 47.05
C LYS A 12 3.33 16.57 45.92
N ALA A 13 2.82 17.21 44.88
CA ALA A 13 3.64 17.59 43.73
C ALA A 13 4.29 16.37 43.10
N PRO A 14 3.55 15.61 42.33
CA PRO A 14 4.07 14.39 41.65
C PRO A 14 5.21 14.73 40.69
N THR A 15 6.19 13.83 40.58
CA THR A 15 7.33 14.03 39.69
C THR A 15 7.18 13.19 38.43
N SER A 16 7.34 13.83 37.28
CA SER A 16 7.21 13.12 36.00
C SER A 16 8.36 12.13 35.82
N ALA A 17 8.10 11.04 35.11
CA ALA A 17 9.12 10.03 34.88
C ALA A 17 8.68 9.09 33.76
N LEU A 18 8.13 9.66 32.69
CA LEU A 18 7.67 8.85 31.56
C LEU A 18 8.83 8.09 30.93
N ARG A 19 9.97 8.76 30.79
CA ARG A 19 11.15 8.13 30.19
C ARG A 19 12.16 7.75 31.27
N ALA A 20 12.63 6.50 31.23
CA ALA A 20 13.59 6.02 32.22
C ALA A 20 14.32 4.80 31.68
N LEU A 21 13.70 4.11 30.73
CA LEU A 21 14.31 2.92 30.14
C LEU A 21 15.18 3.30 28.94
N LEU A 22 16.37 2.73 28.87
CA LEU A 22 17.28 3.03 27.77
C LEU A 22 17.02 2.10 26.59
N GLU A 23 16.12 1.13 26.79
CA GLU A 23 15.79 0.19 25.73
C GLU A 23 15.07 0.88 24.60
N HIS A 24 15.57 0.70 23.37
CA HIS A 24 14.98 1.32 22.19
C HIS A 24 14.55 0.26 21.19
N LYS A 25 13.45 0.51 20.49
CA LYS A 25 12.93 -0.42 19.50
C LYS A 25 13.61 -0.23 18.15
N GLU A 26 13.89 -1.34 17.47
CA GLU A 26 14.54 -1.29 16.17
C GLU A 26 13.62 -0.63 15.15
N ASN A 27 12.34 -0.96 15.21
CA ASN A 27 11.38 -0.39 14.28
C ASN A 27 11.79 -0.69 12.83
N SER A 28 12.22 -1.93 12.59
CA SER A 28 12.63 -2.33 11.25
C SER A 28 11.42 -2.46 10.34
N SER A 29 11.65 -2.47 9.03
CA SER A 29 10.55 -2.59 8.06
C SER A 29 10.90 -3.60 6.98
N GLN A 30 9.90 -4.40 6.59
CA GLN A 30 10.10 -5.42 5.56
C GLN A 30 9.98 -4.80 4.16
N ASN A 31 11.11 -4.37 3.62
CA ASN A 31 11.14 -3.76 2.28
C ASN A 31 11.63 -4.77 1.25
N GLY A 32 10.93 -4.85 0.12
CA GLY A 32 11.31 -5.78 -0.95
C GLY A 32 11.80 -5.02 -2.19
N PRO A 33 12.21 -5.70 -3.22
CA PRO A 33 12.70 -5.05 -4.47
C PRO A 33 11.69 -4.05 -5.03
N LEU A 34 10.43 -4.48 -5.09
CA LEU A 34 9.35 -3.61 -5.59
C LEU A 34 9.18 -2.41 -4.66
N ALA A 35 9.29 -2.67 -3.36
CA ALA A 35 9.15 -1.63 -2.37
C ALA A 35 10.12 -0.49 -2.64
N GLU A 36 11.25 -0.82 -3.26
CA GLU A 36 12.25 0.21 -3.57
C GLU A 36 11.60 1.30 -4.40
N ASN A 37 10.68 0.90 -5.27
CA ASN A 37 9.98 1.84 -6.14
C ASN A 37 8.78 2.48 -5.43
N PHE A 38 8.00 1.65 -4.72
CA PHE A 38 6.81 2.13 -4.04
C PHE A 38 7.11 2.76 -2.68
N ALA A 39 7.98 2.12 -1.92
CA ALA A 39 8.32 2.61 -0.58
C ALA A 39 8.88 4.04 -0.60
N THR A 40 9.51 4.42 -1.71
CA THR A 40 10.08 5.75 -1.80
C THR A 40 8.98 6.82 -1.76
N PHE A 41 7.82 6.50 -2.35
CA PHE A 41 6.70 7.45 -2.39
C PHE A 41 5.61 7.05 -1.38
N SER A 42 5.88 6.05 -0.56
CA SER A 42 4.91 5.59 0.42
C SER A 42 4.86 6.53 1.62
N GLY A 43 5.75 7.52 1.64
CA GLY A 43 5.80 8.48 2.74
C GLY A 43 5.82 7.77 4.09
N HIS A 44 6.75 6.84 4.26
CA HIS A 44 6.87 6.11 5.51
C HIS A 44 7.18 7.07 6.66
N ALA A 45 8.11 7.98 6.43
CA ALA A 45 8.51 8.95 7.45
C ALA A 45 7.51 10.11 7.51
N GLU A 46 6.72 10.27 6.45
CA GLU A 46 5.73 11.35 6.41
C GLU A 46 4.42 10.90 7.05
N SER A 47 4.10 11.49 8.20
CA SER A 47 2.88 11.14 8.92
C SER A 47 1.66 11.82 8.30
N ASN A 48 1.90 12.79 7.41
CA ASN A 48 0.80 13.51 6.75
C ASN A 48 0.44 12.85 5.43
N ALA A 49 0.91 11.64 5.24
CA ALA A 49 0.63 10.89 4.02
C ALA A 49 -0.84 10.50 3.93
N LEU A 50 -1.33 10.35 2.71
CA LEU A 50 -2.72 9.99 2.48
C LEU A 50 -2.96 8.53 2.89
N ARG A 51 -4.15 8.27 3.44
CA ARG A 51 -4.52 6.92 3.87
C ARG A 51 -5.62 6.36 2.98
N LEU A 52 -5.46 5.10 2.57
CA LEU A 52 -6.45 4.46 1.68
C LEU A 52 -6.88 3.11 2.23
N ASN A 53 -8.19 2.84 2.16
CA ASN A 53 -8.74 1.56 2.63
C ASN A 53 -9.33 0.77 1.47
N ILE A 54 -9.41 -0.55 1.62
CA ILE A 54 -9.93 -1.41 0.55
C ILE A 54 -11.02 -2.34 1.09
N TYR A 55 -11.91 -2.75 0.19
CA TYR A 55 -13.00 -3.66 0.54
C TYR A 55 -13.46 -4.40 -0.70
N PHE A 56 -12.89 -5.58 -0.94
CA PHE A 56 -13.26 -6.37 -2.12
C PHE A 56 -14.58 -7.12 -1.84
N PRO A 57 -15.57 -7.03 -2.70
CA PRO A 57 -16.87 -7.74 -2.48
C PRO A 57 -16.73 -9.25 -2.73
N SER A 58 -15.70 -9.63 -3.49
CA SER A 58 -15.47 -11.05 -3.81
C SER A 58 -14.59 -11.72 -2.76
N SER A 59 -13.93 -10.91 -1.93
CA SER A 59 -13.07 -11.46 -0.90
C SER A 59 -13.88 -12.14 0.20
N GLU A 60 -13.34 -13.23 0.74
CA GLU A 60 -14.01 -13.97 1.80
C GLU A 60 -13.72 -13.31 3.15
N SER A 61 -12.75 -12.40 3.15
CA SER A 61 -12.37 -11.68 4.37
C SER A 61 -12.35 -10.17 4.11
N PRO A 62 -13.49 -9.59 3.84
CA PRO A 62 -13.61 -8.13 3.56
C PRO A 62 -13.43 -7.29 4.83
N SER A 63 -13.40 -7.97 5.97
CA SER A 63 -13.23 -7.29 7.25
C SER A 63 -11.78 -6.83 7.43
N LYS A 64 -10.95 -7.17 6.44
CA LYS A 64 -9.52 -6.81 6.48
C LYS A 64 -9.22 -5.68 5.49
N PRO A 65 -9.26 -4.42 5.90
CA PRO A 65 -8.98 -3.27 4.98
C PRO A 65 -7.48 -3.06 4.76
N LEU A 66 -7.15 -2.39 3.64
CA LEU A 66 -5.76 -2.12 3.30
C LEU A 66 -5.29 -0.83 3.99
N PHE A 67 -4.24 -0.94 4.80
CA PHE A 67 -3.68 0.23 5.50
C PHE A 67 -2.32 0.56 4.89
N VAL A 68 -2.27 1.67 4.15
CA VAL A 68 -1.03 2.09 3.51
C VAL A 68 -0.93 3.61 3.47
N GLU A 69 0.30 4.09 3.33
CA GLU A 69 0.56 5.52 3.24
C GLU A 69 1.13 5.84 1.86
N LEU A 70 0.39 6.64 1.09
CA LEU A 70 0.81 6.99 -0.27
C LEU A 70 0.95 8.50 -0.44
N ARG A 71 1.90 8.91 -1.27
CA ARG A 71 2.14 10.32 -1.52
C ARG A 71 0.93 10.96 -2.22
N LYS A 72 0.85 12.26 -2.10
CA LYS A 72 -0.23 13.02 -2.73
C LYS A 72 0.07 13.24 -4.20
N ASN A 73 1.29 12.85 -4.61
CA ASN A 73 1.71 13.04 -6.01
C ASN A 73 1.64 11.75 -6.84
N VAL A 74 1.64 10.58 -6.18
CA VAL A 74 1.60 9.32 -6.93
C VAL A 74 0.18 9.00 -7.40
N LEU A 75 0.12 8.31 -8.53
CA LEU A 75 -1.15 7.91 -9.14
C LEU A 75 -1.74 6.69 -8.44
N VAL A 76 -2.92 6.28 -8.88
CA VAL A 76 -3.60 5.12 -8.29
C VAL A 76 -2.75 3.88 -8.48
N SER A 77 -1.90 3.89 -9.50
CA SER A 77 -1.03 2.75 -9.80
C SER A 77 -0.40 2.19 -8.52
N GLU A 78 -0.07 3.06 -7.58
CA GLU A 78 0.55 2.64 -6.33
C GLU A 78 -0.41 1.82 -5.46
N ALA A 79 -1.70 2.13 -5.56
CA ALA A 79 -2.70 1.42 -4.75
C ALA A 79 -2.46 -0.09 -4.75
N ILE A 80 -2.52 -0.70 -5.93
CA ILE A 80 -2.35 -2.15 -6.04
C ILE A 80 -0.89 -2.56 -5.78
N GLY A 81 0.04 -1.69 -6.11
CA GLY A 81 1.46 -1.99 -5.93
C GLY A 81 1.80 -2.38 -4.49
N TYR A 82 1.21 -1.69 -3.53
CA TYR A 82 1.50 -1.98 -2.13
C TYR A 82 0.89 -3.30 -1.68
N ILE A 83 -0.18 -3.72 -2.36
CA ILE A 83 -0.88 -4.96 -1.99
C ILE A 83 0.10 -6.09 -1.70
N LEU A 84 1.20 -6.14 -2.44
CA LEU A 84 2.19 -7.20 -2.22
C LEU A 84 2.79 -7.10 -0.82
N LEU A 85 3.10 -5.88 -0.40
CA LEU A 85 3.68 -5.67 0.93
C LEU A 85 2.70 -6.07 2.02
N GLN A 86 1.44 -5.69 1.82
CA GLN A 86 0.41 -5.99 2.81
C GLN A 86 0.21 -7.50 2.95
N TYR A 87 0.26 -8.21 1.83
CA TYR A 87 0.06 -9.66 1.86
C TYR A 87 1.10 -10.35 2.72
N VAL A 88 2.38 -10.04 2.48
CA VAL A 88 3.46 -10.65 3.24
C VAL A 88 3.46 -10.14 4.69
N ASN A 89 3.17 -8.86 4.86
CA ASN A 89 3.16 -8.27 6.20
C ASN A 89 2.13 -8.94 7.10
N GLN A 90 0.95 -9.22 6.56
CA GLN A 90 -0.13 -9.85 7.33
C GLN A 90 -0.28 -11.31 6.97
N GLN A 91 0.51 -11.77 6.00
CA GLN A 91 0.45 -13.16 5.57
C GLN A 91 -0.99 -13.64 5.43
N LEU A 92 -1.89 -12.70 5.14
CA LEU A 92 -3.32 -13.01 4.98
C LEU A 92 -3.81 -12.50 3.63
N VAL A 93 -5.12 -12.21 3.56
CA VAL A 93 -5.71 -11.69 2.32
C VAL A 93 -5.48 -12.67 1.15
N PRO A 94 -6.53 -13.15 0.50
CA PRO A 94 -6.35 -14.09 -0.65
C PRO A 94 -5.17 -13.69 -1.54
N PRO A 95 -4.58 -14.63 -2.26
CA PRO A 95 -3.42 -14.34 -3.14
C PRO A 95 -3.85 -13.60 -4.42
N ILE A 96 -2.97 -12.75 -4.94
CA ILE A 96 -3.26 -11.98 -6.14
C ILE A 96 -2.34 -12.42 -7.28
N GLU A 97 -2.92 -12.71 -8.44
CA GLU A 97 -2.15 -13.12 -9.60
C GLU A 97 -1.15 -12.06 -10.00
N ASP A 98 -0.04 -12.49 -10.59
CA ASP A 98 0.96 -11.55 -11.05
C ASP A 98 0.35 -10.71 -12.16
N GLU A 99 -0.52 -11.34 -12.94
CA GLU A 99 -1.20 -10.67 -14.03
C GLU A 99 -2.20 -9.67 -13.48
N ALA A 100 -2.81 -10.02 -12.36
CA ALA A 100 -3.81 -9.15 -11.74
C ALA A 100 -3.14 -8.02 -10.96
N GLN A 101 -1.82 -8.11 -10.81
CA GLN A 101 -1.09 -7.08 -10.09
C GLN A 101 -1.18 -5.76 -10.83
N ASN A 102 -1.12 -5.82 -12.15
CA ASN A 102 -1.21 -4.61 -12.96
C ASN A 102 -2.64 -4.05 -12.87
N PRO A 103 -2.80 -2.75 -12.84
CA PRO A 103 -4.16 -2.12 -12.73
C PRO A 103 -4.97 -2.28 -14.01
N ASN A 104 -4.30 -2.61 -15.10
CA ASN A 104 -4.98 -2.76 -16.38
C ASN A 104 -5.90 -4.00 -16.38
N TYR A 105 -5.48 -5.05 -15.68
CA TYR A 105 -6.27 -6.28 -15.62
C TYR A 105 -7.55 -6.11 -14.79
N TRP A 106 -7.45 -5.38 -13.68
CA TRP A 106 -8.61 -5.15 -12.81
C TRP A 106 -8.98 -3.68 -12.77
N ASN A 107 -10.19 -3.40 -12.30
CA ASN A 107 -10.69 -2.03 -12.20
C ASN A 107 -10.95 -1.67 -10.74
N LEU A 108 -10.76 -0.39 -10.42
CA LEU A 108 -11.01 0.08 -9.06
C LEU A 108 -12.24 0.97 -9.04
N ARG A 109 -13.22 0.60 -8.22
CA ARG A 109 -14.46 1.36 -8.11
C ARG A 109 -14.59 1.96 -6.71
N ILE A 110 -15.07 3.19 -6.66
CA ILE A 110 -15.24 3.90 -5.40
C ILE A 110 -16.57 3.54 -4.75
N VAL A 111 -16.56 3.37 -3.43
CA VAL A 111 -17.77 3.01 -2.69
C VAL A 111 -17.97 3.93 -1.50
N GLU A 112 -19.21 4.02 -1.04
CA GLU A 112 -19.54 4.86 0.10
C GLU A 112 -19.12 4.18 1.40
N ASP A 113 -19.04 4.96 2.48
CA ASP A 113 -18.65 4.39 3.76
C ASP A 113 -19.66 3.32 4.17
N ASP A 114 -20.82 3.36 3.52
CA ASP A 114 -21.89 2.40 3.81
C ASP A 114 -21.78 1.18 2.89
N GLY A 115 -20.81 1.19 1.99
CA GLY A 115 -20.60 0.08 1.07
C GLY A 115 -21.49 0.21 -0.17
N GLU A 116 -22.15 1.36 -0.30
CA GLU A 116 -23.04 1.58 -1.43
C GLU A 116 -22.24 2.00 -2.67
N LEU A 117 -22.45 1.30 -3.77
CA LEU A 117 -21.73 1.60 -5.01
C LEU A 117 -22.28 2.87 -5.65
N ASP A 118 -21.39 3.70 -6.18
CA ASP A 118 -21.81 4.93 -6.83
C ASP A 118 -22.48 4.60 -8.17
N GLU A 119 -23.54 5.35 -8.50
CA GLU A 119 -24.26 5.12 -9.74
C GLU A 119 -23.61 5.89 -10.89
N ASP A 120 -22.63 6.71 -10.57
CA ASP A 120 -21.93 7.50 -11.58
C ASP A 120 -21.03 6.61 -12.44
N PHE A 121 -20.74 5.41 -11.96
CA PHE A 121 -19.89 4.48 -12.70
C PHE A 121 -18.57 5.16 -13.07
N PRO A 122 -17.87 5.66 -12.09
CA PRO A 122 -16.56 6.36 -12.30
C PRO A 122 -15.46 5.40 -12.73
N ALA A 123 -14.45 5.94 -13.42
CA ALA A 123 -13.30 5.15 -13.87
C ALA A 123 -12.03 5.65 -13.21
N LEU A 124 -11.42 4.79 -12.40
CA LEU A 124 -10.18 5.13 -11.70
C LEU A 124 -9.02 4.31 -12.24
N ASP A 125 -7.84 4.94 -12.34
CA ASP A 125 -6.67 4.24 -12.85
C ASP A 125 -5.42 5.11 -12.72
N ARG A 126 -4.38 4.74 -13.46
CA ARG A 126 -3.13 5.47 -13.43
C ARG A 126 -3.36 6.92 -13.86
N VAL A 127 -4.25 7.10 -14.83
CA VAL A 127 -4.55 8.43 -15.35
C VAL A 127 -5.51 9.18 -14.43
N GLY A 128 -5.96 8.50 -13.38
CA GLY A 128 -6.90 9.11 -12.43
C GLY A 128 -6.25 9.29 -11.06
N PRO A 129 -5.64 10.42 -10.80
CA PRO A 129 -4.96 10.66 -9.50
C PRO A 129 -5.87 10.35 -8.30
N LEU A 130 -5.35 9.54 -7.39
CA LEU A 130 -6.10 9.12 -6.21
C LEU A 130 -6.39 10.30 -5.28
N SER A 131 -5.41 11.18 -5.11
CA SER A 131 -5.55 12.33 -4.21
C SER A 131 -6.69 13.26 -4.63
N LYS A 132 -6.93 13.37 -5.92
CA LYS A 132 -7.98 14.27 -6.42
C LYS A 132 -9.36 13.85 -5.90
N PHE A 133 -9.60 12.55 -5.79
CA PHE A 133 -10.91 12.07 -5.32
C PHE A 133 -11.10 12.40 -3.84
N GLY A 134 -9.99 12.55 -3.11
CA GLY A 134 -10.06 12.91 -1.69
C GLY A 134 -10.71 11.83 -0.83
N PHE A 135 -10.73 10.59 -1.31
CA PHE A 135 -11.32 9.48 -0.55
C PHE A 135 -10.24 8.52 -0.06
N ASP A 136 -10.47 7.94 1.12
CA ASP A 136 -9.52 7.01 1.73
C ASP A 136 -10.07 5.58 1.74
N ALA A 137 -11.05 5.31 0.89
CA ALA A 137 -11.64 3.97 0.82
C ALA A 137 -12.08 3.65 -0.60
N PHE A 138 -11.87 2.40 -1.00
CA PHE A 138 -12.24 1.97 -2.35
C PHE A 138 -12.52 0.48 -2.38
N ALA A 139 -13.05 0.01 -3.50
CA ALA A 139 -13.36 -1.41 -3.69
C ALA A 139 -12.88 -1.84 -5.07
N LEU A 140 -12.51 -3.11 -5.21
CA LEU A 140 -12.04 -3.61 -6.49
C LEU A 140 -13.22 -4.17 -7.27
N VAL A 141 -13.33 -3.75 -8.53
CA VAL A 141 -14.41 -4.20 -9.40
C VAL A 141 -13.84 -4.98 -10.59
N LYS A 142 -14.51 -6.07 -10.94
CA LYS A 142 -14.05 -6.92 -12.03
C LYS A 142 -14.05 -6.19 -13.36
N ALA A 143 -12.91 -6.27 -14.06
CA ALA A 143 -12.74 -5.66 -15.37
C ALA A 143 -12.59 -6.73 -16.43
N THR A 144 -13.70 -7.07 -17.08
CA THR A 144 -13.68 -8.10 -18.11
C THR A 144 -12.69 -7.72 -19.21
N PRO A 145 -12.43 -8.60 -20.14
CA PRO A 145 -11.49 -8.32 -21.27
C PRO A 145 -11.84 -7.02 -22.01
N ALA A 146 -13.14 -6.81 -22.22
CA ALA A 146 -13.59 -5.62 -22.92
C ALA A 146 -13.15 -4.35 -22.21
N GLN A 147 -13.37 -4.30 -20.90
CA GLN A 147 -12.98 -3.13 -20.11
C GLN A 147 -11.47 -3.01 -20.04
N ILE A 148 -10.79 -4.14 -19.93
CA ILE A 148 -9.33 -4.15 -19.85
C ILE A 148 -8.73 -3.57 -21.13
N LYS A 149 -9.28 -3.98 -22.26
CA LYS A 149 -8.79 -3.50 -23.55
C LYS A 149 -8.95 -1.98 -23.65
N GLU A 150 -10.08 -1.47 -23.18
CA GLU A 150 -10.34 -0.04 -23.22
C GLU A 150 -9.38 0.71 -22.30
N ASN A 151 -9.13 0.16 -21.11
CA ASN A 151 -8.23 0.80 -20.17
C ASN A 151 -6.81 0.83 -20.70
N GLN A 152 -6.39 -0.28 -21.30
CA GLN A 152 -5.04 -0.38 -21.87
C GLN A 152 -4.91 0.54 -23.08
N ALA A 153 -5.95 0.57 -23.91
CA ALA A 153 -5.93 1.40 -25.11
C ALA A 153 -5.79 2.88 -24.75
N ALA A 154 -6.57 3.33 -23.77
CA ALA A 154 -6.52 4.71 -23.36
C ALA A 154 -5.17 5.06 -22.74
N TYR A 155 -4.65 4.14 -21.93
CA TYR A 155 -3.36 4.35 -21.26
C TYR A 155 -2.49 3.09 -21.36
N PRO A 156 -1.85 2.87 -22.48
CA PRO A 156 -0.97 1.69 -22.67
C PRO A 156 0.17 1.63 -21.66
N PHE A 157 0.53 0.42 -21.23
CA PHE A 157 1.60 0.25 -20.25
C PHE A 157 2.95 0.07 -20.94
N LYS A 158 3.92 0.86 -20.53
CA LYS A 158 5.27 0.79 -21.10
C LYS A 158 6.29 0.40 -20.02
N SER A 159 7.26 -0.42 -20.40
CA SER A 159 8.28 -0.85 -19.46
C SER A 159 9.23 0.30 -19.15
N LYS A 160 9.67 0.38 -17.90
CA LYS A 160 10.59 1.45 -17.49
C LYS A 160 12.00 1.17 -17.98
N GLY A 1 58.24 -1.23 19.76
CA GLY A 1 57.40 -1.45 20.97
C GLY A 1 56.01 -0.86 20.74
N PRO A 2 55.20 -1.51 19.94
CA PRO A 2 53.81 -1.03 19.63
C PRO A 2 53.00 -0.82 20.90
N GLY A 3 53.18 -1.70 21.88
CA GLY A 3 52.44 -1.61 23.14
C GLY A 3 51.03 -2.17 22.97
N HIS A 4 50.80 -2.81 21.83
CA HIS A 4 49.50 -3.39 21.55
C HIS A 4 48.37 -2.39 21.79
N MET A 5 48.23 -1.43 20.88
CA MET A 5 47.17 -0.44 21.00
C MET A 5 45.80 -1.11 20.92
N GLY A 6 45.68 -2.07 20.01
CA GLY A 6 44.42 -2.79 19.84
C GLY A 6 44.65 -4.07 19.03
N SER A 7 44.13 -5.18 19.54
CA SER A 7 44.27 -6.47 18.87
C SER A 7 43.15 -7.42 19.30
N VAL A 8 42.94 -8.47 18.52
CA VAL A 8 41.89 -9.43 18.84
C VAL A 8 42.18 -10.13 20.16
N SER A 9 43.43 -10.55 20.34
CA SER A 9 43.83 -11.25 21.58
C SER A 9 44.33 -10.25 22.62
N ASN A 10 44.22 -10.63 23.88
CA ASN A 10 44.67 -9.78 24.98
C ASN A 10 44.02 -8.40 24.89
N ALA A 11 42.76 -8.37 24.49
CA ALA A 11 42.03 -7.11 24.37
C ALA A 11 41.53 -6.64 25.73
N LYS A 12 41.53 -5.32 25.93
CA LYS A 12 41.07 -4.76 27.19
C LYS A 12 39.59 -5.09 27.41
N ALA A 13 38.81 -4.97 26.33
CA ALA A 13 37.37 -5.25 26.38
C ALA A 13 37.01 -6.28 25.30
N PRO A 14 36.03 -7.13 25.55
CA PRO A 14 35.63 -8.16 24.54
C PRO A 14 35.01 -7.54 23.29
N THR A 15 35.18 -8.23 22.16
CA THR A 15 34.65 -7.75 20.88
C THR A 15 33.32 -8.43 20.55
N SER A 16 32.37 -8.36 21.49
CA SER A 16 31.06 -8.97 21.29
C SER A 16 30.02 -7.92 20.91
N ALA A 17 30.44 -6.66 20.84
CA ALA A 17 29.53 -5.58 20.49
C ALA A 17 29.18 -5.62 19.01
N LEU A 18 29.88 -6.47 18.26
CA LEU A 18 29.63 -6.61 16.82
C LEU A 18 28.44 -7.52 16.58
N ARG A 19 27.92 -8.12 17.64
CA ARG A 19 26.78 -9.02 17.52
C ARG A 19 25.56 -8.28 17.00
N ALA A 20 25.32 -7.09 17.54
CA ALA A 20 24.17 -6.29 17.12
C ALA A 20 24.24 -4.88 17.70
N LEU A 21 24.76 -3.94 16.91
CA LEU A 21 24.89 -2.54 17.35
C LEU A 21 24.23 -1.62 16.33
N LEU A 22 23.35 -0.74 16.83
CA LEU A 22 22.65 0.21 15.96
C LEU A 22 23.25 1.60 16.14
N GLU A 23 23.57 2.26 15.02
CA GLU A 23 24.15 3.60 15.08
C GLU A 23 23.12 4.60 15.59
N HIS A 24 21.89 4.47 15.10
CA HIS A 24 20.80 5.38 15.49
C HIS A 24 19.51 4.60 15.69
N LYS A 25 18.71 5.00 16.67
CA LYS A 25 17.44 4.34 16.94
C LYS A 25 16.34 4.92 16.05
N GLU A 26 15.99 4.19 15.00
CA GLU A 26 14.95 4.64 14.08
C GLU A 26 14.61 3.56 13.06
N ASN A 27 13.53 3.79 12.31
CA ASN A 27 13.11 2.83 11.29
C ASN A 27 12.93 1.44 11.89
N SER A 28 11.91 1.28 12.73
CA SER A 28 11.66 -0.01 13.36
C SER A 28 11.39 -1.06 12.28
N SER A 29 10.64 -0.68 11.25
CA SER A 29 10.33 -1.58 10.16
C SER A 29 11.52 -1.67 9.22
N GLN A 30 11.51 -2.66 8.32
CA GLN A 30 12.61 -2.84 7.36
C GLN A 30 12.11 -2.74 5.93
N ASN A 31 12.84 -1.99 5.10
CA ASN A 31 12.48 -1.82 3.71
C ASN A 31 12.73 -3.10 2.93
N GLY A 32 11.79 -3.45 2.04
CA GLY A 32 11.92 -4.66 1.23
C GLY A 32 12.32 -4.32 -0.21
N PRO A 33 12.61 -5.30 -1.00
CA PRO A 33 13.02 -5.08 -2.43
C PRO A 33 11.92 -4.35 -3.20
N LEU A 34 10.70 -4.87 -3.11
CA LEU A 34 9.56 -4.25 -3.77
C LEU A 34 9.30 -2.88 -3.16
N ALA A 35 9.44 -2.81 -1.85
CA ALA A 35 9.21 -1.56 -1.12
C ALA A 35 10.14 -0.46 -1.65
N GLU A 36 11.29 -0.84 -2.16
CA GLU A 36 12.24 0.13 -2.68
C GLU A 36 11.58 1.01 -3.73
N ASN A 37 10.63 0.44 -4.46
CA ASN A 37 9.92 1.18 -5.50
C ASN A 37 8.65 1.85 -4.95
N PHE A 38 7.88 1.08 -4.19
CA PHE A 38 6.62 1.57 -3.64
C PHE A 38 6.80 2.37 -2.35
N ALA A 39 7.65 1.87 -1.45
CA ALA A 39 7.86 2.53 -0.17
C ALA A 39 8.49 3.92 -0.32
N THR A 40 9.24 4.13 -1.39
CA THR A 40 9.88 5.42 -1.61
C THR A 40 8.85 6.53 -1.78
N PHE A 41 7.72 6.20 -2.41
CA PHE A 41 6.65 7.18 -2.64
C PHE A 41 5.52 6.99 -1.63
N SER A 42 5.73 6.12 -0.66
CA SER A 42 4.71 5.85 0.34
C SER A 42 4.70 6.94 1.40
N GLY A 43 5.64 7.87 1.28
CA GLY A 43 5.73 8.98 2.23
C GLY A 43 5.66 8.46 3.66
N HIS A 44 6.53 7.50 3.98
CA HIS A 44 6.56 6.93 5.33
C HIS A 44 6.92 8.00 6.35
N ALA A 45 7.93 8.80 6.05
CA ALA A 45 8.37 9.86 6.96
C ALA A 45 7.43 11.06 6.87
N GLU A 46 6.61 11.10 5.84
CA GLU A 46 5.67 12.21 5.65
C GLU A 46 4.36 11.92 6.35
N SER A 47 4.04 12.74 7.35
CA SER A 47 2.80 12.56 8.10
C SER A 47 1.60 13.10 7.32
N ASN A 48 1.87 13.82 6.24
CA ASN A 48 0.81 14.39 5.42
C ASN A 48 0.42 13.42 4.32
N ALA A 49 0.88 12.18 4.43
CA ALA A 49 0.59 11.16 3.43
C ALA A 49 -0.90 10.85 3.41
N LEU A 50 -1.41 10.52 2.24
CA LEU A 50 -2.83 10.19 2.09
C LEU A 50 -3.11 8.78 2.57
N ARG A 51 -4.08 8.64 3.46
CA ARG A 51 -4.46 7.33 3.99
C ARG A 51 -5.38 6.63 3.00
N LEU A 52 -5.26 5.30 2.90
CA LEU A 52 -6.10 4.55 1.96
C LEU A 52 -6.56 3.22 2.55
N ASN A 53 -7.83 2.89 2.29
CA ASN A 53 -8.43 1.64 2.77
C ASN A 53 -8.96 0.82 1.59
N ILE A 54 -9.07 -0.50 1.78
CA ILE A 54 -9.55 -1.39 0.71
C ILE A 54 -10.65 -2.30 1.22
N TYR A 55 -11.49 -2.76 0.29
CA TYR A 55 -12.59 -3.66 0.64
C TYR A 55 -13.01 -4.46 -0.60
N PHE A 56 -12.39 -5.63 -0.78
CA PHE A 56 -12.70 -6.46 -1.93
C PHE A 56 -14.13 -7.04 -1.80
N PRO A 57 -14.99 -6.86 -2.79
CA PRO A 57 -16.37 -7.40 -2.73
C PRO A 57 -16.42 -8.91 -2.99
N SER A 58 -15.54 -9.37 -3.88
CA SER A 58 -15.47 -10.78 -4.24
C SER A 58 -14.92 -11.62 -3.09
N SER A 59 -14.13 -11.00 -2.21
CA SER A 59 -13.54 -11.72 -1.10
C SER A 59 -14.60 -12.04 -0.03
N GLU A 60 -14.56 -13.27 0.47
CA GLU A 60 -15.52 -13.68 1.50
C GLU A 60 -15.23 -12.95 2.79
N SER A 61 -13.98 -12.53 2.97
CA SER A 61 -13.55 -11.82 4.19
C SER A 61 -13.26 -10.35 3.89
N PRO A 62 -14.27 -9.51 3.72
CA PRO A 62 -14.06 -8.07 3.42
C PRO A 62 -13.56 -7.32 4.65
N SER A 63 -13.59 -7.98 5.80
CA SER A 63 -13.15 -7.37 7.05
C SER A 63 -11.63 -7.24 7.09
N LYS A 64 -10.98 -7.41 5.94
CA LYS A 64 -9.52 -7.31 5.86
C LYS A 64 -9.12 -6.06 5.06
N PRO A 65 -9.12 -4.89 5.67
CA PRO A 65 -8.75 -3.63 4.97
C PRO A 65 -7.23 -3.47 4.83
N LEU A 66 -6.82 -2.65 3.85
CA LEU A 66 -5.40 -2.39 3.60
C LEU A 66 -5.09 -0.94 3.95
N PHE A 67 -4.24 -0.74 4.96
CA PHE A 67 -3.86 0.61 5.40
C PHE A 67 -2.44 0.94 4.98
N VAL A 68 -2.29 1.93 4.10
CA VAL A 68 -0.98 2.35 3.62
C VAL A 68 -0.88 3.87 3.50
N GLU A 69 0.35 4.37 3.50
CA GLU A 69 0.61 5.80 3.36
C GLU A 69 1.08 6.09 1.93
N LEU A 70 0.32 6.89 1.19
CA LEU A 70 0.67 7.21 -0.19
C LEU A 70 0.73 8.71 -0.43
N ARG A 71 1.61 9.11 -1.34
CA ARG A 71 1.76 10.52 -1.69
C ARG A 71 0.55 11.01 -2.48
N LYS A 72 0.38 12.33 -2.49
CA LYS A 72 -0.72 12.93 -3.20
C LYS A 72 -0.40 13.01 -4.70
N ASN A 73 0.84 12.65 -5.05
CA ASN A 73 1.28 12.71 -6.45
C ASN A 73 1.28 11.34 -7.12
N VAL A 74 1.34 10.25 -6.35
CA VAL A 74 1.35 8.93 -6.96
C VAL A 74 -0.03 8.56 -7.50
N LEU A 75 -0.01 7.79 -8.60
CA LEU A 75 -1.24 7.38 -9.27
C LEU A 75 -1.92 6.19 -8.59
N VAL A 76 -3.08 5.81 -9.12
CA VAL A 76 -3.87 4.71 -8.57
C VAL A 76 -3.16 3.35 -8.69
N SER A 77 -2.55 3.08 -9.84
CA SER A 77 -1.90 1.78 -10.04
C SER A 77 -1.10 1.33 -8.82
N GLU A 78 -0.35 2.24 -8.21
CA GLU A 78 0.46 1.87 -7.05
C GLU A 78 -0.41 1.40 -5.89
N ALA A 79 -1.64 1.89 -5.81
CA ALA A 79 -2.54 1.51 -4.72
C ALA A 79 -2.54 0.00 -4.50
N ILE A 80 -2.93 -0.75 -5.53
CA ILE A 80 -2.98 -2.20 -5.43
C ILE A 80 -1.59 -2.82 -5.39
N GLY A 81 -0.67 -2.25 -6.15
CA GLY A 81 0.70 -2.78 -6.20
C GLY A 81 1.26 -3.05 -4.81
N TYR A 82 0.83 -2.25 -3.83
CA TYR A 82 1.31 -2.42 -2.47
C TYR A 82 0.75 -3.69 -1.84
N ILE A 83 -0.39 -4.14 -2.33
CA ILE A 83 -1.04 -5.33 -1.81
C ILE A 83 -0.04 -6.45 -1.55
N LEU A 84 0.95 -6.59 -2.41
CA LEU A 84 1.95 -7.64 -2.25
C LEU A 84 2.72 -7.46 -0.95
N LEU A 85 3.10 -6.21 -0.66
CA LEU A 85 3.85 -5.92 0.57
C LEU A 85 2.99 -6.22 1.79
N GLN A 86 1.73 -5.82 1.72
CA GLN A 86 0.79 -6.04 2.83
C GLN A 86 0.53 -7.52 3.05
N TYR A 87 0.47 -8.28 1.95
CA TYR A 87 0.20 -9.71 2.02
C TYR A 87 1.28 -10.41 2.83
N VAL A 88 2.53 -10.11 2.52
CA VAL A 88 3.65 -10.72 3.23
C VAL A 88 3.66 -10.30 4.70
N ASN A 89 3.44 -9.01 4.93
CA ASN A 89 3.44 -8.48 6.29
C ASN A 89 2.34 -9.08 7.15
N GLN A 90 1.13 -9.23 6.59
CA GLN A 90 0.01 -9.78 7.35
C GLN A 90 -0.20 -11.26 7.05
N GLN A 91 0.46 -11.78 6.03
CA GLN A 91 0.32 -13.18 5.67
C GLN A 91 -1.17 -13.56 5.57
N LEU A 92 -2.04 -12.55 5.56
CA LEU A 92 -3.49 -12.79 5.45
C LEU A 92 -3.96 -12.45 4.04
N VAL A 93 -5.27 -12.24 3.86
CA VAL A 93 -5.83 -11.93 2.56
C VAL A 93 -5.55 -13.08 1.59
N PRO A 94 -6.53 -13.54 0.82
CA PRO A 94 -6.31 -14.68 -0.12
C PRO A 94 -5.36 -14.30 -1.27
N PRO A 95 -4.52 -15.21 -1.76
CA PRO A 95 -3.58 -14.89 -2.88
C PRO A 95 -4.31 -14.33 -4.10
N ILE A 96 -3.69 -13.33 -4.73
CA ILE A 96 -4.24 -12.70 -5.94
C ILE A 96 -3.27 -12.90 -7.09
N GLU A 97 -3.77 -13.33 -8.25
CA GLU A 97 -2.91 -13.56 -9.39
C GLU A 97 -2.06 -12.31 -9.64
N ASP A 98 -0.81 -12.51 -10.03
CA ASP A 98 0.11 -11.40 -10.25
C ASP A 98 -0.37 -10.49 -11.39
N GLU A 99 -0.87 -11.08 -12.47
CA GLU A 99 -1.34 -10.28 -13.60
C GLU A 99 -2.72 -9.68 -13.33
N ALA A 100 -3.34 -10.08 -12.24
CA ALA A 100 -4.67 -9.55 -11.90
C ALA A 100 -4.54 -8.25 -11.12
N GLN A 101 -3.39 -8.03 -10.52
CA GLN A 101 -3.15 -6.81 -9.75
C GLN A 101 -3.04 -5.61 -10.67
N ASN A 102 -2.35 -5.80 -11.79
CA ASN A 102 -2.16 -4.72 -12.76
C ASN A 102 -3.53 -4.16 -13.20
N PRO A 103 -3.82 -2.89 -12.95
CA PRO A 103 -5.13 -2.30 -13.37
C PRO A 103 -5.50 -2.71 -14.79
N ASN A 104 -4.52 -3.22 -15.53
CA ASN A 104 -4.75 -3.64 -16.90
C ASN A 104 -5.73 -4.80 -16.94
N TYR A 105 -5.68 -5.66 -15.93
CA TYR A 105 -6.56 -6.83 -15.89
C TYR A 105 -7.83 -6.53 -15.07
N TRP A 106 -7.68 -5.77 -13.98
CA TRP A 106 -8.83 -5.42 -13.14
C TRP A 106 -9.00 -3.91 -13.05
N ASN A 107 -10.15 -3.50 -12.53
CA ASN A 107 -10.48 -2.08 -12.38
C ASN A 107 -10.69 -1.74 -10.90
N LEU A 108 -10.42 -0.48 -10.55
CA LEU A 108 -10.60 -0.02 -9.16
C LEU A 108 -11.79 0.93 -9.10
N ARG A 109 -12.78 0.58 -8.28
CA ARG A 109 -13.99 1.39 -8.14
C ARG A 109 -14.09 1.98 -6.74
N ILE A 110 -14.57 3.22 -6.68
CA ILE A 110 -14.71 3.93 -5.41
C ILE A 110 -16.01 3.53 -4.72
N VAL A 111 -15.94 3.39 -3.40
CA VAL A 111 -17.11 3.02 -2.60
C VAL A 111 -17.24 3.96 -1.41
N GLU A 112 -18.43 4.03 -0.84
CA GLU A 112 -18.68 4.91 0.31
C GLU A 112 -18.10 4.28 1.57
N ASP A 113 -17.96 5.08 2.61
CA ASP A 113 -17.44 4.58 3.87
C ASP A 113 -18.38 3.53 4.43
N ASP A 114 -19.63 3.57 3.97
CA ASP A 114 -20.64 2.63 4.43
C ASP A 114 -20.50 1.30 3.67
N GLY A 115 -19.58 1.27 2.71
CA GLY A 115 -19.35 0.06 1.92
C GLY A 115 -20.34 -0.03 0.76
N GLU A 116 -21.09 1.04 0.52
CA GLU A 116 -22.06 1.05 -0.57
C GLU A 116 -21.36 1.30 -1.90
N LEU A 117 -21.90 0.73 -2.97
CA LEU A 117 -21.31 0.90 -4.29
C LEU A 117 -21.64 2.28 -4.86
N ASP A 118 -20.71 2.83 -5.63
CA ASP A 118 -20.91 4.15 -6.21
C ASP A 118 -21.94 4.08 -7.35
N GLU A 119 -22.90 5.00 -7.32
CA GLU A 119 -23.96 5.03 -8.32
C GLU A 119 -23.41 5.34 -9.72
N ASP A 120 -22.44 6.25 -9.80
CA ASP A 120 -21.86 6.61 -11.09
C ASP A 120 -21.01 5.48 -11.65
N PHE A 121 -20.56 4.58 -10.77
CA PHE A 121 -19.74 3.45 -11.19
C PHE A 121 -18.57 3.90 -12.06
N PRO A 122 -17.71 4.74 -11.53
CA PRO A 122 -16.52 5.25 -12.27
C PRO A 122 -15.38 4.23 -12.26
N ALA A 123 -14.39 4.45 -13.13
CA ALA A 123 -13.23 3.56 -13.20
C ALA A 123 -11.96 4.36 -12.95
N LEU A 124 -11.28 4.04 -11.85
CA LEU A 124 -10.03 4.71 -11.50
C LEU A 124 -8.84 3.96 -12.08
N ASP A 125 -7.84 4.72 -12.52
CA ASP A 125 -6.65 4.12 -13.12
C ASP A 125 -5.47 5.09 -13.04
N ARG A 126 -4.40 4.75 -13.75
CA ARG A 126 -3.21 5.59 -13.76
C ARG A 126 -3.51 6.97 -14.28
N VAL A 127 -4.48 7.06 -15.19
CA VAL A 127 -4.86 8.32 -15.77
C VAL A 127 -5.75 9.10 -14.81
N GLY A 128 -6.10 8.44 -13.70
CA GLY A 128 -6.97 9.07 -12.70
C GLY A 128 -6.28 9.11 -11.34
N PRO A 129 -5.58 10.17 -11.02
CA PRO A 129 -4.88 10.27 -9.71
C PRO A 129 -5.83 9.99 -8.56
N LEU A 130 -5.38 9.15 -7.63
CA LEU A 130 -6.20 8.74 -6.49
C LEU A 130 -6.55 9.92 -5.59
N SER A 131 -5.57 10.79 -5.34
CA SER A 131 -5.79 11.95 -4.48
C SER A 131 -6.85 12.89 -5.04
N LYS A 132 -7.14 12.74 -6.33
CA LYS A 132 -8.12 13.60 -6.99
C LYS A 132 -9.50 13.39 -6.34
N PHE A 133 -9.87 12.13 -6.14
CA PHE A 133 -11.17 11.81 -5.56
C PHE A 133 -11.24 12.23 -4.08
N GLY A 134 -10.08 12.31 -3.43
CA GLY A 134 -10.03 12.73 -2.04
C GLY A 134 -10.57 11.70 -1.05
N PHE A 135 -10.77 10.46 -1.52
CA PHE A 135 -11.28 9.40 -0.64
C PHE A 135 -10.14 8.49 -0.18
N ASP A 136 -10.25 7.99 1.05
CA ASP A 136 -9.23 7.12 1.64
C ASP A 136 -9.71 5.67 1.65
N ALA A 137 -10.67 5.36 0.79
CA ALA A 137 -11.20 4.00 0.70
C ALA A 137 -11.55 3.65 -0.74
N PHE A 138 -11.30 2.39 -1.12
CA PHE A 138 -11.57 1.95 -2.48
C PHE A 138 -11.90 0.46 -2.50
N ALA A 139 -12.38 0.00 -3.65
CA ALA A 139 -12.73 -1.42 -3.81
C ALA A 139 -12.38 -1.86 -5.22
N LEU A 140 -12.12 -3.16 -5.39
CA LEU A 140 -11.77 -3.70 -6.71
C LEU A 140 -13.02 -4.14 -7.44
N VAL A 141 -13.16 -3.70 -8.69
CA VAL A 141 -14.30 -4.03 -9.52
C VAL A 141 -13.83 -4.87 -10.72
N LYS A 142 -14.55 -5.94 -11.01
CA LYS A 142 -14.18 -6.84 -12.10
C LYS A 142 -14.26 -6.12 -13.45
N ALA A 143 -13.30 -6.44 -14.32
CA ALA A 143 -13.25 -5.85 -15.65
C ALA A 143 -12.96 -6.90 -16.70
N THR A 144 -13.62 -6.79 -17.85
CA THR A 144 -13.42 -7.73 -18.94
C THR A 144 -12.45 -7.14 -19.97
N PRO A 145 -11.72 -7.94 -20.70
CA PRO A 145 -10.75 -7.43 -21.71
C PRO A 145 -11.32 -6.27 -22.54
N ALA A 146 -12.63 -6.30 -22.78
CA ALA A 146 -13.26 -5.25 -23.56
C ALA A 146 -13.01 -3.88 -22.94
N GLN A 147 -13.25 -3.78 -21.63
CA GLN A 147 -13.02 -2.51 -20.93
C GLN A 147 -11.54 -2.17 -20.89
N ILE A 148 -10.71 -3.21 -20.89
CA ILE A 148 -9.27 -3.02 -20.85
C ILE A 148 -8.78 -2.36 -22.13
N LYS A 149 -9.35 -2.80 -23.26
CA LYS A 149 -8.95 -2.27 -24.56
C LYS A 149 -9.08 -0.74 -24.61
N GLU A 150 -10.16 -0.21 -24.06
CA GLU A 150 -10.34 1.24 -24.07
C GLU A 150 -9.43 1.90 -23.04
N ASN A 151 -9.30 1.27 -21.88
CA ASN A 151 -8.46 1.81 -20.80
C ASN A 151 -6.98 1.85 -21.19
N GLN A 152 -6.48 0.78 -21.80
CA GLN A 152 -5.08 0.71 -22.19
C GLN A 152 -4.77 1.73 -23.29
N ALA A 153 -5.69 1.87 -24.23
CA ALA A 153 -5.49 2.81 -25.34
C ALA A 153 -5.32 4.23 -24.82
N ALA A 154 -6.16 4.62 -23.88
CA ALA A 154 -6.09 5.97 -23.32
C ALA A 154 -4.79 6.18 -22.56
N TYR A 155 -4.36 5.16 -21.81
CA TYR A 155 -3.12 5.25 -21.03
C TYR A 155 -2.27 4.00 -21.24
N PRO A 156 -1.54 3.92 -22.32
CA PRO A 156 -0.68 2.74 -22.62
C PRO A 156 0.39 2.52 -21.55
N PHE A 157 0.70 1.26 -21.28
CA PHE A 157 1.71 0.91 -20.28
C PHE A 157 3.05 0.67 -20.97
N LYS A 158 4.06 1.44 -20.57
CA LYS A 158 5.40 1.31 -21.16
C LYS A 158 6.29 0.45 -20.27
N SER A 159 6.59 -0.76 -20.72
CA SER A 159 7.43 -1.67 -19.96
C SER A 159 8.87 -1.16 -19.91
N LYS A 160 9.53 -1.35 -18.78
CA LYS A 160 10.91 -0.91 -18.63
C LYS A 160 11.56 -1.55 -17.41
N GLY A 1 36.81 -11.79 50.87
CA GLY A 1 38.27 -11.65 50.60
C GLY A 1 38.65 -12.55 49.42
N PRO A 2 39.82 -12.36 48.88
CA PRO A 2 40.32 -13.16 47.71
C PRO A 2 40.68 -14.58 48.12
N GLY A 3 40.65 -15.49 47.15
CA GLY A 3 40.96 -16.90 47.40
C GLY A 3 40.19 -17.81 46.47
N HIS A 4 39.09 -17.31 45.93
CA HIS A 4 38.25 -18.09 45.02
C HIS A 4 37.54 -17.17 44.04
N MET A 5 37.08 -17.75 42.92
CA MET A 5 36.37 -16.96 41.92
C MET A 5 35.05 -16.42 42.46
N GLY A 6 34.35 -17.25 43.23
CA GLY A 6 33.07 -16.83 43.79
C GLY A 6 32.09 -16.44 42.69
N SER A 7 31.14 -17.32 42.41
CA SER A 7 30.16 -17.04 41.37
C SER A 7 29.20 -15.93 41.80
N VAL A 8 28.83 -15.07 40.86
CA VAL A 8 27.93 -13.96 41.14
C VAL A 8 26.70 -14.03 40.23
N SER A 9 25.52 -13.87 40.83
CA SER A 9 24.27 -13.93 40.07
C SER A 9 23.89 -12.55 39.53
N ASN A 10 22.98 -12.53 38.57
CA ASN A 10 22.52 -11.29 37.96
C ASN A 10 21.77 -10.44 38.99
N ALA A 11 20.98 -11.10 39.83
CA ALA A 11 20.19 -10.41 40.84
C ALA A 11 21.06 -9.49 41.69
N LYS A 12 22.31 -9.91 41.92
CA LYS A 12 23.22 -9.11 42.72
C LYS A 12 23.66 -7.87 41.93
N ALA A 13 23.34 -7.85 40.65
CA ALA A 13 23.70 -6.71 39.78
C ALA A 13 22.50 -6.31 38.92
N PRO A 14 21.55 -5.61 39.50
CA PRO A 14 20.34 -5.14 38.78
C PRO A 14 20.69 -4.20 37.62
N THR A 15 19.90 -4.27 36.55
CA THR A 15 20.12 -3.42 35.37
C THR A 15 18.83 -2.71 34.97
N SER A 16 18.97 -1.61 34.24
CA SER A 16 17.81 -0.85 33.80
C SER A 16 17.00 -1.64 32.79
N ALA A 17 15.67 -1.50 32.85
CA ALA A 17 14.79 -2.21 31.93
C ALA A 17 13.45 -1.50 31.82
N LEU A 18 13.26 -0.46 32.63
CA LEU A 18 12.01 0.30 32.60
C LEU A 18 11.80 0.93 31.23
N ARG A 19 12.89 1.50 30.68
CA ARG A 19 12.83 2.14 29.36
C ARG A 19 14.07 1.80 28.54
N ALA A 20 13.87 1.51 27.27
CA ALA A 20 14.96 1.18 26.37
C ALA A 20 14.51 1.28 24.91
N LEU A 21 13.92 2.42 24.56
CA LEU A 21 13.44 2.62 23.21
C LEU A 21 14.60 2.60 22.22
N LEU A 22 15.71 3.23 22.60
CA LEU A 22 16.89 3.29 21.74
C LEU A 22 17.90 2.22 22.16
N GLU A 23 18.30 1.38 21.21
CA GLU A 23 19.26 0.32 21.49
C GLU A 23 19.91 -0.17 20.20
N HIS A 24 21.15 -0.65 20.32
CA HIS A 24 21.89 -1.14 19.16
C HIS A 24 22.03 -0.06 18.10
N LYS A 25 23.26 0.14 17.62
CA LYS A 25 23.52 1.15 16.59
C LYS A 25 23.23 0.58 15.20
N GLU A 26 22.94 -0.71 15.16
CA GLU A 26 22.63 -1.39 13.90
C GLU A 26 21.64 -0.56 13.07
N ASN A 27 21.70 -0.73 11.76
CA ASN A 27 20.80 0.00 10.87
C ASN A 27 19.36 -0.37 11.15
N SER A 28 19.11 -1.66 11.40
CA SER A 28 17.77 -2.15 11.67
C SER A 28 16.96 -2.23 10.39
N SER A 29 17.03 -3.38 9.72
CA SER A 29 16.31 -3.59 8.47
C SER A 29 14.81 -3.73 8.73
N GLN A 30 14.01 -3.24 7.78
CA GLN A 30 12.55 -3.34 7.90
C GLN A 30 11.92 -3.28 6.51
N ASN A 31 12.56 -2.55 5.61
CA ASN A 31 12.07 -2.41 4.24
C ASN A 31 12.64 -3.52 3.36
N GLY A 32 12.05 -3.72 2.17
CA GLY A 32 12.50 -4.76 1.25
C GLY A 32 12.85 -4.16 -0.11
N PRO A 33 13.35 -4.95 -1.04
CA PRO A 33 13.72 -4.46 -2.40
C PRO A 33 12.55 -3.75 -3.08
N LEU A 34 11.37 -4.37 -3.03
CA LEU A 34 10.18 -3.79 -3.64
C LEU A 34 9.82 -2.48 -2.96
N ALA A 35 9.93 -2.46 -1.64
CA ALA A 35 9.60 -1.28 -0.85
C ALA A 35 10.49 -0.10 -1.25
N GLU A 36 11.67 -0.40 -1.79
CA GLU A 36 12.61 0.65 -2.18
C GLU A 36 11.94 1.63 -3.15
N ASN A 37 10.99 1.13 -3.95
CA ASN A 37 10.28 1.97 -4.91
C ASN A 37 8.95 2.45 -4.35
N PHE A 38 8.26 1.57 -3.63
CA PHE A 38 6.95 1.90 -3.07
C PHE A 38 7.08 2.67 -1.75
N ALA A 39 7.98 2.20 -0.89
CA ALA A 39 8.18 2.84 0.41
C ALA A 39 8.61 4.30 0.26
N THR A 40 9.22 4.62 -0.88
CA THR A 40 9.68 5.98 -1.12
C THR A 40 8.49 6.94 -1.16
N PHE A 41 7.33 6.43 -1.55
CA PHE A 41 6.13 7.25 -1.63
C PHE A 41 5.26 7.09 -0.39
N SER A 42 5.77 6.38 0.61
CA SER A 42 5.00 6.16 1.83
C SER A 42 5.03 7.39 2.72
N GLY A 43 5.83 8.38 2.34
CA GLY A 43 5.93 9.63 3.12
C GLY A 43 5.88 9.36 4.61
N HIS A 44 6.89 8.68 5.12
CA HIS A 44 6.97 8.37 6.55
C HIS A 44 7.05 9.65 7.37
N ALA A 45 7.88 10.59 6.91
CA ALA A 45 8.05 11.85 7.60
C ALA A 45 6.90 12.81 7.28
N GLU A 46 6.11 12.47 6.26
CA GLU A 46 4.98 13.29 5.85
C GLU A 46 3.69 12.79 6.47
N SER A 47 3.17 13.53 7.44
CA SER A 47 1.94 13.15 8.12
C SER A 47 0.72 13.50 7.27
N ASN A 48 0.95 14.30 6.22
CA ASN A 48 -0.13 14.73 5.34
C ASN A 48 -0.30 13.76 4.18
N ALA A 49 0.40 12.63 4.24
CA ALA A 49 0.30 11.63 3.19
C ALA A 49 -1.13 11.11 3.11
N LEU A 50 -1.59 10.79 1.91
CA LEU A 50 -2.94 10.28 1.72
C LEU A 50 -3.06 8.85 2.24
N ARG A 51 -4.10 8.61 3.04
CA ARG A 51 -4.35 7.26 3.58
C ARG A 51 -5.34 6.54 2.68
N LEU A 52 -5.09 5.26 2.41
CA LEU A 52 -5.96 4.48 1.52
C LEU A 52 -6.37 3.14 2.12
N ASN A 53 -7.66 2.82 1.98
CA ASN A 53 -8.21 1.56 2.47
C ASN A 53 -8.66 0.69 1.29
N ILE A 54 -8.68 -0.63 1.48
CA ILE A 54 -9.09 -1.56 0.43
C ILE A 54 -10.17 -2.51 0.92
N TYR A 55 -11.21 -2.69 0.10
CA TYR A 55 -12.32 -3.59 0.45
C TYR A 55 -12.72 -4.42 -0.76
N PHE A 56 -12.94 -5.71 -0.55
CA PHE A 56 -13.32 -6.60 -1.64
C PHE A 56 -14.84 -6.58 -1.86
N PRO A 57 -15.31 -6.71 -3.08
CA PRO A 57 -16.77 -6.70 -3.39
C PRO A 57 -17.48 -7.90 -2.77
N SER A 58 -16.75 -9.00 -2.62
CA SER A 58 -17.30 -10.21 -2.02
C SER A 58 -17.08 -10.16 -0.51
N SER A 59 -16.22 -9.24 -0.11
CA SER A 59 -15.91 -9.04 1.30
C SER A 59 -15.67 -10.36 2.02
N GLU A 60 -14.78 -11.17 1.47
CA GLU A 60 -14.45 -12.46 2.08
C GLU A 60 -13.71 -12.25 3.39
N SER A 61 -12.85 -11.24 3.40
CA SER A 61 -12.06 -10.91 4.59
C SER A 61 -11.83 -9.40 4.68
N PRO A 62 -12.86 -8.66 5.00
CA PRO A 62 -12.78 -7.17 5.12
C PRO A 62 -12.22 -6.75 6.47
N SER A 63 -11.97 -7.72 7.34
CA SER A 63 -11.45 -7.45 8.67
C SER A 63 -10.01 -6.95 8.60
N LYS A 64 -9.35 -7.17 7.46
CA LYS A 64 -7.96 -6.73 7.28
C LYS A 64 -7.82 -5.86 6.03
N PRO A 65 -8.17 -4.61 6.11
CA PRO A 65 -8.05 -3.66 4.97
C PRO A 65 -6.62 -3.15 4.81
N LEU A 66 -6.31 -2.62 3.62
CA LEU A 66 -4.98 -2.10 3.37
C LEU A 66 -4.82 -0.75 4.07
N PHE A 67 -4.06 -0.73 5.16
CA PHE A 67 -3.82 0.51 5.91
C PHE A 67 -2.40 1.00 5.65
N VAL A 68 -2.29 2.06 4.86
CA VAL A 68 -0.99 2.63 4.53
C VAL A 68 -1.14 4.12 4.20
N GLU A 69 -0.02 4.85 4.31
CA GLU A 69 -0.01 6.28 4.00
C GLU A 69 0.87 6.49 2.78
N LEU A 70 0.27 6.94 1.68
CA LEU A 70 1.01 7.17 0.43
C LEU A 70 1.03 8.66 0.06
N ARG A 71 1.92 9.01 -0.87
CA ARG A 71 2.04 10.39 -1.32
C ARG A 71 0.84 10.79 -2.17
N LYS A 72 0.65 12.08 -2.31
CA LYS A 72 -0.42 12.61 -3.13
C LYS A 72 0.03 12.58 -4.58
N ASN A 73 1.34 12.62 -4.78
CA ASN A 73 1.92 12.64 -6.13
C ASN A 73 1.85 11.29 -6.85
N VAL A 74 1.74 10.19 -6.11
CA VAL A 74 1.68 8.89 -6.76
C VAL A 74 0.32 8.66 -7.42
N LEU A 75 0.34 7.99 -8.56
CA LEU A 75 -0.86 7.73 -9.33
C LEU A 75 -1.61 6.51 -8.79
N VAL A 76 -2.72 6.17 -9.45
CA VAL A 76 -3.55 5.04 -9.02
C VAL A 76 -2.76 3.73 -9.11
N SER A 77 -2.05 3.54 -10.21
CA SER A 77 -1.28 2.31 -10.39
C SER A 77 -0.50 1.94 -9.13
N GLU A 78 -0.14 2.95 -8.34
CA GLU A 78 0.60 2.71 -7.10
C GLU A 78 -0.27 2.03 -6.05
N ALA A 79 -1.55 2.36 -6.05
CA ALA A 79 -2.48 1.80 -5.08
C ALA A 79 -2.38 0.27 -5.00
N ILE A 80 -2.57 -0.39 -6.14
CA ILE A 80 -2.53 -1.85 -6.19
C ILE A 80 -1.10 -2.39 -6.04
N GLY A 81 -0.13 -1.58 -6.43
CA GLY A 81 1.27 -2.01 -6.37
C GLY A 81 1.73 -2.34 -4.95
N TYR A 82 1.24 -1.59 -3.96
CA TYR A 82 1.64 -1.81 -2.57
C TYR A 82 1.11 -3.13 -2.03
N ILE A 83 -0.11 -3.48 -2.44
CA ILE A 83 -0.74 -4.72 -1.99
C ILE A 83 0.25 -5.89 -1.97
N LEU A 84 1.25 -5.83 -2.83
CA LEU A 84 2.23 -6.91 -2.94
C LEU A 84 2.99 -7.13 -1.62
N LEU A 85 3.38 -6.03 -1.00
CA LEU A 85 4.15 -6.13 0.25
C LEU A 85 3.32 -6.78 1.35
N GLN A 86 2.06 -6.39 1.47
CA GLN A 86 1.19 -6.92 2.52
C GLN A 86 0.46 -8.20 2.08
N TYR A 87 0.40 -8.46 0.78
CA TYR A 87 -0.30 -9.66 0.31
C TYR A 87 0.35 -10.92 0.87
N VAL A 88 1.67 -11.01 0.77
CA VAL A 88 2.37 -12.18 1.27
C VAL A 88 2.30 -12.25 2.79
N ASN A 89 2.51 -11.11 3.44
CA ASN A 89 2.46 -11.06 4.90
C ASN A 89 1.06 -11.35 5.44
N GLN A 90 0.05 -10.77 4.80
CA GLN A 90 -1.34 -10.95 5.25
C GLN A 90 -1.96 -12.20 4.63
N GLN A 91 -1.30 -12.79 3.64
CA GLN A 91 -1.81 -14.00 3.00
C GLN A 91 -3.33 -13.93 2.83
N LEU A 92 -3.80 -12.86 2.20
CA LEU A 92 -5.24 -12.69 1.99
C LEU A 92 -5.85 -13.93 1.35
N VAL A 93 -7.05 -14.28 1.79
CA VAL A 93 -7.75 -15.44 1.27
C VAL A 93 -7.96 -15.34 -0.24
N PRO A 94 -8.67 -14.34 -0.73
CA PRO A 94 -8.89 -14.19 -2.21
C PRO A 94 -7.56 -14.25 -2.98
N PRO A 95 -7.44 -15.11 -3.97
CA PRO A 95 -6.17 -15.24 -4.75
C PRO A 95 -5.95 -14.09 -5.72
N ILE A 96 -4.69 -13.65 -5.83
CA ILE A 96 -4.33 -12.55 -6.73
C ILE A 96 -3.34 -13.07 -7.77
N GLU A 97 -3.64 -12.84 -9.04
CA GLU A 97 -2.77 -13.31 -10.11
C GLU A 97 -1.54 -12.42 -10.19
N ASP A 98 -0.44 -12.98 -10.67
CA ASP A 98 0.77 -12.19 -10.83
C ASP A 98 0.51 -11.15 -11.91
N GLU A 99 -0.47 -11.47 -12.76
CA GLU A 99 -0.86 -10.57 -13.85
C GLU A 99 -1.96 -9.62 -13.40
N ALA A 100 -2.54 -9.90 -12.23
CA ALA A 100 -3.63 -9.06 -11.72
C ALA A 100 -3.08 -7.76 -11.13
N GLN A 101 -1.75 -7.68 -11.04
CA GLN A 101 -1.10 -6.48 -10.50
C GLN A 101 -1.37 -5.28 -11.42
N ASN A 102 -1.31 -5.52 -12.73
CA ASN A 102 -1.54 -4.45 -13.70
C ASN A 102 -3.04 -4.16 -13.85
N PRO A 103 -3.51 -2.95 -13.57
CA PRO A 103 -4.96 -2.61 -13.72
C PRO A 103 -5.51 -3.08 -15.07
N ASN A 104 -4.62 -3.51 -15.95
CA ASN A 104 -5.03 -3.98 -17.27
C ASN A 104 -5.86 -5.25 -17.17
N TYR A 105 -5.77 -5.93 -16.04
CA TYR A 105 -6.52 -7.19 -15.84
C TYR A 105 -7.77 -6.96 -14.97
N TRP A 106 -7.72 -5.97 -14.07
CA TRP A 106 -8.86 -5.68 -13.19
C TRP A 106 -9.18 -4.19 -13.20
N ASN A 107 -10.32 -3.86 -12.60
CA ASN A 107 -10.78 -2.46 -12.52
C ASN A 107 -10.87 -2.03 -11.06
N LEU A 108 -10.71 -0.73 -10.84
CA LEU A 108 -10.79 -0.18 -9.48
C LEU A 108 -12.08 0.63 -9.35
N ARG A 109 -12.92 0.21 -8.40
CA ARG A 109 -14.20 0.88 -8.16
C ARG A 109 -14.20 1.54 -6.78
N ILE A 110 -14.79 2.72 -6.69
CA ILE A 110 -14.82 3.48 -5.45
C ILE A 110 -15.84 2.89 -4.48
N VAL A 111 -15.58 3.09 -3.18
CA VAL A 111 -16.47 2.57 -2.14
C VAL A 111 -17.06 3.73 -1.34
N GLU A 112 -18.32 3.58 -0.95
CA GLU A 112 -19.00 4.62 -0.19
C GLU A 112 -18.61 4.53 1.29
N ASP A 113 -18.84 5.61 2.02
CA ASP A 113 -18.49 5.64 3.44
C ASP A 113 -19.26 4.58 4.21
N ASP A 114 -20.50 4.32 3.79
CA ASP A 114 -21.33 3.32 4.44
C ASP A 114 -20.89 1.92 4.04
N GLY A 115 -19.94 1.85 3.10
CA GLY A 115 -19.42 0.57 2.63
C GLY A 115 -20.16 0.09 1.39
N GLU A 116 -21.20 0.82 1.00
CA GLU A 116 -21.98 0.47 -0.17
C GLU A 116 -21.19 0.80 -1.44
N LEU A 117 -21.46 0.06 -2.51
CA LEU A 117 -20.77 0.27 -3.77
C LEU A 117 -21.24 1.56 -4.43
N ASP A 118 -20.35 2.21 -5.16
CA ASP A 118 -20.69 3.45 -5.84
C ASP A 118 -21.46 3.16 -7.12
N GLU A 119 -22.70 3.64 -7.18
CA GLU A 119 -23.53 3.40 -8.35
C GLU A 119 -23.06 4.24 -9.53
N ASP A 120 -22.13 5.16 -9.29
CA ASP A 120 -21.61 6.01 -10.36
C ASP A 120 -20.71 5.19 -11.29
N PHE A 121 -20.23 4.05 -10.80
CA PHE A 121 -19.37 3.19 -11.59
C PHE A 121 -18.22 3.99 -12.20
N PRO A 122 -17.42 4.61 -11.38
CA PRO A 122 -16.26 5.42 -11.85
C PRO A 122 -15.10 4.56 -12.32
N ALA A 123 -14.24 5.15 -13.14
CA ALA A 123 -13.06 4.44 -13.66
C ALA A 123 -11.79 5.22 -13.34
N LEU A 124 -10.92 4.62 -12.52
CA LEU A 124 -9.65 5.24 -12.14
C LEU A 124 -8.51 4.54 -12.86
N ASP A 125 -7.43 5.27 -13.10
CA ASP A 125 -6.27 4.69 -13.78
C ASP A 125 -5.00 5.46 -13.46
N ARG A 126 -3.90 5.00 -14.05
CA ARG A 126 -2.59 5.62 -13.82
C ARG A 126 -2.63 7.08 -14.25
N VAL A 127 -3.31 7.35 -15.36
CA VAL A 127 -3.39 8.72 -15.86
C VAL A 127 -4.41 9.52 -15.07
N GLY A 128 -5.12 8.83 -14.17
CA GLY A 128 -6.14 9.47 -13.35
C GLY A 128 -5.68 9.54 -11.89
N PRO A 129 -5.17 10.67 -11.44
CA PRO A 129 -4.70 10.80 -10.03
C PRO A 129 -5.75 10.35 -9.02
N LEU A 130 -5.35 9.46 -8.12
CA LEU A 130 -6.25 8.92 -7.10
C LEU A 130 -6.70 10.01 -6.12
N SER A 131 -5.76 10.86 -5.73
CA SER A 131 -6.05 11.92 -4.77
C SER A 131 -7.11 12.89 -5.31
N LYS A 132 -7.36 12.82 -6.62
CA LYS A 132 -8.34 13.72 -7.23
C LYS A 132 -9.71 13.55 -6.60
N PHE A 133 -10.14 12.29 -6.41
CA PHE A 133 -11.45 12.05 -5.80
C PHE A 133 -11.41 12.35 -4.31
N GLY A 134 -10.23 12.25 -3.71
CA GLY A 134 -10.08 12.52 -2.28
C GLY A 134 -10.66 11.40 -1.42
N PHE A 135 -10.77 10.20 -2.00
CA PHE A 135 -11.31 9.05 -1.26
C PHE A 135 -10.20 8.28 -0.57
N ASP A 136 -10.50 7.77 0.62
CA ASP A 136 -9.53 7.01 1.42
C ASP A 136 -9.85 5.51 1.37
N ALA A 137 -10.76 5.12 0.49
CA ALA A 137 -11.14 3.72 0.37
C ALA A 137 -11.46 3.36 -1.07
N PHE A 138 -11.12 2.14 -1.46
CA PHE A 138 -11.37 1.66 -2.82
C PHE A 138 -11.59 0.16 -2.80
N ALA A 139 -12.12 -0.37 -3.90
CA ALA A 139 -12.37 -1.81 -4.00
C ALA A 139 -12.00 -2.30 -5.38
N LEU A 140 -11.67 -3.59 -5.45
CA LEU A 140 -11.30 -4.20 -6.73
C LEU A 140 -12.55 -4.77 -7.38
N VAL A 141 -12.81 -4.37 -8.62
CA VAL A 141 -13.99 -4.81 -9.35
C VAL A 141 -13.59 -5.56 -10.62
N LYS A 142 -14.42 -6.51 -11.02
CA LYS A 142 -14.13 -7.33 -12.21
C LYS A 142 -14.11 -6.50 -13.49
N ALA A 143 -13.04 -6.67 -14.26
CA ALA A 143 -12.88 -5.98 -15.54
C ALA A 143 -12.75 -6.99 -16.67
N THR A 144 -13.84 -7.22 -17.39
CA THR A 144 -13.83 -8.18 -18.49
C THR A 144 -12.99 -7.64 -19.65
N PRO A 145 -12.80 -8.41 -20.69
CA PRO A 145 -11.98 -7.97 -21.87
C PRO A 145 -12.47 -6.63 -22.46
N ALA A 146 -13.78 -6.43 -22.48
CA ALA A 146 -14.34 -5.21 -23.02
C ALA A 146 -13.85 -3.99 -22.25
N GLN A 147 -13.93 -4.05 -20.93
CA GLN A 147 -13.48 -2.95 -20.08
C GLN A 147 -11.97 -2.79 -20.15
N ILE A 148 -11.27 -3.91 -20.23
CA ILE A 148 -9.81 -3.90 -20.31
C ILE A 148 -9.34 -3.18 -21.57
N LYS A 149 -10.01 -3.47 -22.68
CA LYS A 149 -9.65 -2.85 -23.96
C LYS A 149 -9.68 -1.33 -23.83
N GLU A 150 -10.72 -0.81 -23.19
CA GLU A 150 -10.84 0.64 -23.01
C GLU A 150 -9.79 1.15 -22.03
N ASN A 151 -9.55 0.38 -20.97
CA ASN A 151 -8.57 0.76 -19.95
C ASN A 151 -7.15 0.79 -20.53
N GLN A 152 -6.85 -0.19 -21.39
CA GLN A 152 -5.52 -0.28 -21.98
C GLN A 152 -5.14 1.04 -22.66
N ALA A 153 -6.08 1.64 -23.36
CA ALA A 153 -5.81 2.91 -24.04
C ALA A 153 -5.52 4.01 -23.01
N ALA A 154 -6.25 3.99 -21.90
CA ALA A 154 -6.07 4.98 -20.85
C ALA A 154 -4.92 4.60 -19.93
N TYR A 155 -4.41 3.38 -20.10
CA TYR A 155 -3.30 2.88 -19.28
C TYR A 155 -2.08 2.56 -20.14
N PRO A 156 -1.22 3.52 -20.40
CA PRO A 156 0.00 3.30 -21.23
C PRO A 156 0.92 2.25 -20.61
N PHE A 157 1.60 1.48 -21.45
CA PHE A 157 2.53 0.44 -20.98
C PHE A 157 3.95 0.97 -20.94
N LYS A 158 4.57 0.93 -19.76
CA LYS A 158 5.94 1.42 -19.60
C LYS A 158 6.94 0.30 -19.93
N SER A 159 8.05 0.68 -20.56
CA SER A 159 9.07 -0.30 -20.91
C SER A 159 9.82 -0.77 -19.67
N LYS A 160 10.19 -2.04 -19.65
CA LYS A 160 10.90 -2.60 -18.50
C LYS A 160 12.42 -2.48 -18.70
N GLY A 1 33.64 10.63 30.16
CA GLY A 1 34.93 9.87 30.15
C GLY A 1 36.10 10.86 30.06
N PRO A 2 37.29 10.40 30.35
CA PRO A 2 38.51 11.25 30.30
C PRO A 2 38.90 11.62 28.87
N GLY A 3 39.58 12.76 28.72
CA GLY A 3 40.00 13.22 27.40
C GLY A 3 39.04 14.26 26.83
N HIS A 4 39.51 15.01 25.84
CA HIS A 4 38.69 16.04 25.22
C HIS A 4 37.42 15.42 24.65
N MET A 5 37.58 14.31 23.93
CA MET A 5 36.45 13.61 23.33
C MET A 5 35.81 12.68 24.34
N GLY A 6 34.48 12.58 24.30
CA GLY A 6 33.75 11.73 25.23
C GLY A 6 34.21 10.28 25.11
N SER A 7 34.33 9.80 23.88
CA SER A 7 34.76 8.43 23.64
C SER A 7 35.24 8.24 22.20
N VAL A 8 36.11 7.25 22.01
CA VAL A 8 36.62 6.95 20.68
C VAL A 8 35.50 6.39 19.80
N SER A 9 34.75 5.44 20.36
CA SER A 9 33.63 4.83 19.65
C SER A 9 32.31 5.47 20.07
N ASN A 10 31.35 5.49 19.15
CA ASN A 10 30.05 6.08 19.44
C ASN A 10 29.15 5.07 20.16
N ALA A 11 28.23 5.58 20.98
CA ALA A 11 27.33 4.70 21.72
C ALA A 11 26.35 4.04 20.74
N LYS A 12 26.03 2.77 21.02
CA LYS A 12 25.10 2.02 20.15
C LYS A 12 23.84 1.62 20.92
N ALA A 13 22.70 2.13 20.46
CA ALA A 13 21.42 1.80 21.10
C ALA A 13 21.51 1.97 22.62
N PRO A 14 21.51 3.19 23.09
CA PRO A 14 21.57 3.48 24.55
C PRO A 14 20.38 2.84 25.29
N THR A 15 20.63 2.35 26.50
CA THR A 15 19.57 1.72 27.27
C THR A 15 18.53 2.77 27.69
N SER A 16 17.28 2.57 27.25
CA SER A 16 16.21 3.50 27.58
C SER A 16 15.42 3.00 28.79
N ALA A 17 15.82 1.84 29.30
CA ALA A 17 15.15 1.26 30.46
C ALA A 17 15.54 2.00 31.73
N LEU A 18 16.10 3.19 31.56
CA LEU A 18 16.52 4.01 32.70
C LEU A 18 15.32 4.33 33.58
N ARG A 19 14.20 4.70 32.96
CA ARG A 19 13.00 5.03 33.70
C ARG A 19 12.37 3.77 34.30
N ALA A 20 11.85 3.91 35.52
CA ALA A 20 11.22 2.78 36.20
C ALA A 20 9.95 2.34 35.46
N LEU A 21 9.18 3.32 34.99
CA LEU A 21 7.94 3.02 34.29
C LEU A 21 8.23 2.44 32.91
N LEU A 22 7.61 1.30 32.60
CA LEU A 22 7.81 0.66 31.31
C LEU A 22 6.92 1.30 30.25
N GLU A 23 7.46 1.51 29.05
CA GLU A 23 6.68 2.11 27.99
C GLU A 23 5.67 1.12 27.44
N HIS A 24 4.39 1.42 27.60
CA HIS A 24 3.33 0.55 27.11
C HIS A 24 3.32 0.52 25.58
N LYS A 25 3.53 1.68 24.97
CA LYS A 25 3.53 1.78 23.50
C LYS A 25 4.90 1.40 22.94
N GLU A 26 4.88 0.71 21.81
CA GLU A 26 6.10 0.28 21.13
C GLU A 26 6.17 0.88 19.73
N ASN A 27 7.38 1.24 19.30
CA ASN A 27 7.57 1.83 17.98
C ASN A 27 7.70 0.74 16.92
N SER A 28 6.60 0.46 16.23
CA SER A 28 6.60 -0.56 15.18
C SER A 28 7.15 0.02 13.88
N SER A 29 7.43 -0.87 12.92
CA SER A 29 7.96 -0.44 11.62
C SER A 29 7.56 -1.45 10.55
N GLN A 30 7.50 -1.01 9.31
CA GLN A 30 7.14 -1.88 8.18
C GLN A 30 7.95 -1.51 6.94
N ASN A 31 8.96 -2.33 6.63
CA ASN A 31 9.81 -2.07 5.48
C ASN A 31 10.53 -3.34 5.04
N GLY A 32 11.22 -3.26 3.91
CA GLY A 32 11.96 -4.39 3.40
C GLY A 32 12.69 -4.04 2.10
N PRO A 33 13.38 -4.99 1.50
CA PRO A 33 14.12 -4.75 0.23
C PRO A 33 13.22 -4.16 -0.85
N LEU A 34 12.06 -4.78 -1.06
CA LEU A 34 11.10 -4.31 -2.05
C LEU A 34 10.54 -2.95 -1.63
N ALA A 35 10.39 -2.77 -0.32
CA ALA A 35 9.85 -1.53 0.22
C ALA A 35 10.59 -0.32 -0.35
N GLU A 36 11.82 -0.50 -0.77
CA GLU A 36 12.57 0.61 -1.32
C GLU A 36 11.78 1.24 -2.47
N ASN A 37 11.30 0.41 -3.38
CA ASN A 37 10.53 0.89 -4.52
C ASN A 37 9.13 1.37 -4.12
N PHE A 38 8.49 0.62 -3.21
CA PHE A 38 7.13 0.96 -2.78
C PHE A 38 7.11 2.03 -1.69
N ALA A 39 7.93 1.86 -0.67
CA ALA A 39 7.97 2.80 0.44
C ALA A 39 8.16 4.22 -0.08
N THR A 40 8.61 4.36 -1.32
CA THR A 40 8.81 5.67 -1.91
C THR A 40 7.49 6.44 -1.93
N PHE A 41 6.39 5.69 -1.85
CA PHE A 41 5.05 6.26 -1.86
C PHE A 41 4.50 6.35 -0.42
N SER A 42 5.34 6.03 0.56
CA SER A 42 4.92 6.06 1.96
C SER A 42 4.95 7.47 2.52
N GLY A 43 5.53 8.40 1.76
CA GLY A 43 5.60 9.78 2.20
C GLY A 43 6.07 9.85 3.66
N HIS A 44 7.23 9.27 3.93
CA HIS A 44 7.78 9.26 5.28
C HIS A 44 8.03 10.68 5.76
N ALA A 45 8.61 11.50 4.90
CA ALA A 45 8.89 12.88 5.24
C ALA A 45 7.62 13.73 5.21
N GLU A 46 6.57 13.16 4.62
CA GLU A 46 5.27 13.85 4.52
C GLU A 46 4.23 13.12 5.36
N SER A 47 3.88 13.71 6.50
CA SER A 47 2.88 13.11 7.38
C SER A 47 1.47 13.34 6.84
N ASN A 48 1.38 14.12 5.76
CA ASN A 48 0.08 14.42 5.15
C ASN A 48 -0.25 13.39 4.08
N ALA A 49 0.47 12.26 4.11
CA ALA A 49 0.23 11.21 3.13
C ALA A 49 -1.22 10.77 3.14
N LEU A 50 -1.73 10.41 1.97
CA LEU A 50 -3.12 9.98 1.83
C LEU A 50 -3.29 8.54 2.30
N ARG A 51 -4.29 8.31 3.15
CA ARG A 51 -4.56 6.95 3.64
C ARG A 51 -5.51 6.26 2.67
N LEU A 52 -5.37 4.94 2.50
CA LEU A 52 -6.24 4.21 1.57
C LEU A 52 -6.63 2.83 2.11
N ASN A 53 -7.92 2.50 1.98
CA ASN A 53 -8.44 1.20 2.41
C ASN A 53 -9.00 0.44 1.21
N ILE A 54 -8.99 -0.89 1.29
CA ILE A 54 -9.49 -1.73 0.19
C ILE A 54 -10.56 -2.72 0.67
N TYR A 55 -11.66 -2.78 -0.08
CA TYR A 55 -12.77 -3.68 0.24
C TYR A 55 -13.26 -4.37 -1.03
N PHE A 56 -13.44 -5.69 -0.98
CA PHE A 56 -13.90 -6.44 -2.14
C PHE A 56 -15.43 -6.53 -2.15
N PRO A 57 -16.04 -6.68 -3.31
CA PRO A 57 -17.52 -6.80 -3.42
C PRO A 57 -18.01 -8.06 -2.72
N SER A 58 -17.15 -9.07 -2.69
CA SER A 58 -17.48 -10.34 -2.03
C SER A 58 -17.12 -10.24 -0.55
N SER A 59 -16.26 -9.29 -0.24
CA SER A 59 -15.81 -9.05 1.13
C SER A 59 -15.58 -10.36 1.87
N GLU A 60 -14.59 -11.12 1.42
CA GLU A 60 -14.23 -12.38 2.06
C GLU A 60 -13.54 -12.13 3.39
N SER A 61 -12.74 -11.06 3.44
CA SER A 61 -12.00 -10.70 4.65
C SER A 61 -12.02 -9.18 4.86
N PRO A 62 -13.17 -8.61 5.15
CA PRO A 62 -13.30 -7.13 5.37
C PRO A 62 -12.62 -6.69 6.65
N SER A 63 -12.37 -7.65 7.53
CA SER A 63 -11.74 -7.37 8.81
C SER A 63 -10.27 -6.98 8.63
N LYS A 64 -9.72 -7.23 7.44
CA LYS A 64 -8.31 -6.90 7.16
C LYS A 64 -8.17 -6.11 5.86
N PRO A 65 -8.43 -4.83 5.89
CA PRO A 65 -8.29 -3.96 4.69
C PRO A 65 -6.84 -3.54 4.47
N LEU A 66 -6.53 -3.14 3.23
CA LEU A 66 -5.17 -2.71 2.89
C LEU A 66 -4.93 -1.31 3.45
N PHE A 67 -4.11 -1.23 4.51
CA PHE A 67 -3.81 0.06 5.13
C PHE A 67 -2.40 0.50 4.72
N VAL A 68 -2.33 1.49 3.84
CA VAL A 68 -1.05 1.99 3.36
C VAL A 68 -1.06 3.50 3.28
N GLU A 69 0.12 4.10 3.22
CA GLU A 69 0.23 5.55 3.13
C GLU A 69 0.66 5.92 1.71
N LEU A 70 -0.16 6.72 1.03
CA LEU A 70 0.14 7.12 -0.35
C LEU A 70 0.38 8.62 -0.43
N ARG A 71 1.38 9.01 -1.22
CA ARG A 71 1.69 10.42 -1.38
C ARG A 71 0.62 11.10 -2.22
N LYS A 72 0.48 12.40 -2.05
CA LYS A 72 -0.51 13.15 -2.79
C LYS A 72 -0.10 13.22 -4.26
N ASN A 73 1.14 12.75 -4.55
CA ASN A 73 1.65 12.80 -5.93
C ASN A 73 1.63 11.44 -6.62
N VAL A 74 1.59 10.34 -5.86
CA VAL A 74 1.59 9.01 -6.47
C VAL A 74 0.21 8.66 -7.03
N LEU A 75 0.22 7.99 -8.18
CA LEU A 75 -1.01 7.61 -8.87
C LEU A 75 -1.70 6.43 -8.18
N VAL A 76 -2.80 5.98 -8.79
CA VAL A 76 -3.58 4.86 -8.26
C VAL A 76 -2.79 3.56 -8.31
N SER A 77 -2.10 3.32 -9.42
CA SER A 77 -1.33 2.08 -9.58
C SER A 77 -0.46 1.78 -8.36
N GLU A 78 0.03 2.82 -7.70
CA GLU A 78 0.87 2.61 -6.52
C GLU A 78 0.05 2.07 -5.35
N ALA A 79 -1.25 2.35 -5.35
CA ALA A 79 -2.13 1.89 -4.27
C ALA A 79 -2.19 0.36 -4.19
N ILE A 80 -2.51 -0.28 -5.32
CA ILE A 80 -2.61 -1.74 -5.37
C ILE A 80 -1.25 -2.41 -5.29
N GLY A 81 -0.22 -1.75 -5.81
CA GLY A 81 1.13 -2.32 -5.83
C GLY A 81 1.65 -2.66 -4.44
N TYR A 82 1.34 -1.82 -3.46
CA TYR A 82 1.81 -2.02 -2.10
C TYR A 82 1.24 -3.31 -1.50
N ILE A 83 0.06 -3.71 -1.97
CA ILE A 83 -0.61 -4.89 -1.45
C ILE A 83 0.31 -6.11 -1.48
N LEU A 84 1.32 -6.09 -2.36
CA LEU A 84 2.24 -7.21 -2.49
C LEU A 84 3.01 -7.47 -1.20
N LEU A 85 3.48 -6.41 -0.54
CA LEU A 85 4.25 -6.55 0.69
C LEU A 85 3.42 -7.20 1.79
N GLN A 86 2.17 -6.80 1.94
CA GLN A 86 1.33 -7.36 2.98
C GLN A 86 0.97 -8.81 2.69
N TYR A 87 0.69 -9.11 1.43
CA TYR A 87 0.32 -10.46 1.03
C TYR A 87 1.45 -11.45 1.33
N VAL A 88 2.66 -11.11 0.88
CA VAL A 88 3.80 -12.00 1.11
C VAL A 88 4.22 -12.02 2.58
N ASN A 89 4.19 -10.85 3.22
CA ASN A 89 4.59 -10.75 4.62
C ASN A 89 3.67 -11.55 5.55
N GLN A 90 2.37 -11.50 5.30
CA GLN A 90 1.41 -12.22 6.16
C GLN A 90 0.88 -13.48 5.49
N GLN A 91 1.15 -13.66 4.20
CA GLN A 91 0.68 -14.85 3.50
C GLN A 91 -0.82 -15.03 3.68
N LEU A 92 -1.50 -14.00 4.21
CA LEU A 92 -2.95 -14.06 4.42
C LEU A 92 -3.69 -13.47 3.22
N VAL A 93 -4.99 -13.21 3.41
CA VAL A 93 -5.83 -12.66 2.35
C VAL A 93 -5.99 -13.66 1.21
N PRO A 94 -7.21 -13.96 0.78
CA PRO A 94 -7.44 -14.94 -0.32
C PRO A 94 -6.38 -14.81 -1.43
N PRO A 95 -6.13 -15.86 -2.17
CA PRO A 95 -5.11 -15.82 -3.27
C PRO A 95 -5.62 -15.00 -4.47
N ILE A 96 -4.81 -14.02 -4.88
CA ILE A 96 -5.15 -13.17 -6.02
C ILE A 96 -4.11 -13.32 -7.12
N GLU A 97 -4.56 -13.57 -8.35
CA GLU A 97 -3.62 -13.74 -9.45
C GLU A 97 -2.73 -12.51 -9.60
N ASP A 98 -1.46 -12.77 -9.89
CA ASP A 98 -0.49 -11.68 -10.03
C ASP A 98 -0.82 -10.81 -11.23
N GLU A 99 -1.61 -11.34 -12.16
CA GLU A 99 -1.99 -10.59 -13.34
C GLU A 99 -3.01 -9.53 -12.98
N ALA A 100 -3.71 -9.74 -11.86
CA ALA A 100 -4.74 -8.82 -11.42
C ALA A 100 -4.14 -7.61 -10.68
N GLN A 101 -2.86 -7.69 -10.35
CA GLN A 101 -2.21 -6.58 -9.65
C GLN A 101 -2.22 -5.32 -10.52
N ASN A 102 -1.99 -5.50 -11.81
CA ASN A 102 -1.99 -4.37 -12.73
C ASN A 102 -3.42 -3.94 -13.04
N PRO A 103 -3.66 -2.67 -13.29
CA PRO A 103 -5.04 -2.16 -13.61
C PRO A 103 -5.51 -2.64 -14.98
N ASN A 104 -4.59 -3.16 -15.77
CA ASN A 104 -4.93 -3.63 -17.11
C ASN A 104 -5.87 -4.84 -17.05
N TYR A 105 -5.67 -5.68 -16.05
CA TYR A 105 -6.51 -6.88 -15.91
C TYR A 105 -7.81 -6.60 -15.15
N TRP A 106 -7.73 -5.79 -14.08
CA TRP A 106 -8.92 -5.45 -13.29
C TRP A 106 -9.15 -3.94 -13.33
N ASN A 107 -10.31 -3.51 -12.82
CA ASN A 107 -10.66 -2.10 -12.79
C ASN A 107 -10.81 -1.62 -11.36
N LEU A 108 -10.76 -0.30 -11.18
CA LEU A 108 -10.89 0.30 -9.85
C LEU A 108 -12.24 0.99 -9.74
N ARG A 109 -13.02 0.57 -8.74
CA ARG A 109 -14.35 1.13 -8.51
C ARG A 109 -14.41 1.76 -7.12
N ILE A 110 -15.05 2.92 -7.03
CA ILE A 110 -15.15 3.63 -5.76
C ILE A 110 -16.39 3.18 -4.99
N VAL A 111 -16.23 3.04 -3.67
CA VAL A 111 -17.33 2.63 -2.80
C VAL A 111 -17.44 3.59 -1.63
N GLU A 112 -18.61 3.62 -0.99
CA GLU A 112 -18.82 4.51 0.14
C GLU A 112 -18.17 3.96 1.39
N ASP A 113 -18.38 4.65 2.50
CA ASP A 113 -17.83 4.23 3.77
C ASP A 113 -18.46 2.91 4.19
N ASP A 114 -19.75 2.74 3.85
CA ASP A 114 -20.47 1.53 4.18
C ASP A 114 -20.15 0.44 3.17
N GLY A 115 -19.37 0.78 2.15
CA GLY A 115 -18.98 -0.16 1.12
C GLY A 115 -20.02 -0.24 0.00
N GLU A 116 -20.98 0.68 0.02
CA GLU A 116 -22.01 0.69 -1.01
C GLU A 116 -21.42 1.09 -2.36
N LEU A 117 -21.97 0.51 -3.42
CA LEU A 117 -21.49 0.78 -4.77
C LEU A 117 -21.93 2.17 -5.24
N ASP A 118 -21.06 2.84 -6.00
CA ASP A 118 -21.35 4.17 -6.51
C ASP A 118 -21.90 4.10 -7.94
N GLU A 119 -23.15 4.52 -8.11
CA GLU A 119 -23.77 4.49 -9.43
C GLU A 119 -23.05 5.40 -10.41
N ASP A 120 -22.06 6.15 -9.94
CA ASP A 120 -21.31 7.04 -10.81
C ASP A 120 -20.42 6.24 -11.76
N PHE A 121 -20.16 4.99 -11.40
CA PHE A 121 -19.32 4.12 -12.23
C PHE A 121 -18.15 4.88 -12.85
N PRO A 122 -17.31 5.48 -12.04
CA PRO A 122 -16.13 6.23 -12.52
C PRO A 122 -15.01 5.30 -12.95
N ALA A 123 -14.04 5.84 -13.69
CA ALA A 123 -12.90 5.03 -14.14
C ALA A 123 -11.60 5.60 -13.56
N LEU A 124 -10.96 4.80 -12.70
CA LEU A 124 -9.70 5.20 -12.07
C LEU A 124 -8.56 4.34 -12.59
N ASP A 125 -7.37 4.92 -12.66
CA ASP A 125 -6.20 4.19 -13.15
C ASP A 125 -4.93 5.00 -12.92
N ARG A 126 -3.83 4.52 -13.49
CA ARG A 126 -2.55 5.19 -13.34
C ARG A 126 -2.64 6.63 -13.84
N VAL A 127 -3.39 6.83 -14.90
CA VAL A 127 -3.57 8.16 -15.47
C VAL A 127 -4.60 8.95 -14.68
N GLY A 128 -5.24 8.29 -13.73
CA GLY A 128 -6.28 8.92 -12.91
C GLY A 128 -5.77 9.14 -11.48
N PRO A 129 -5.35 10.33 -11.12
CA PRO A 129 -4.85 10.61 -9.74
C PRO A 129 -5.81 10.15 -8.64
N LEU A 130 -5.28 9.41 -7.69
CA LEU A 130 -6.07 8.90 -6.57
C LEU A 130 -6.60 10.05 -5.71
N SER A 131 -5.74 11.04 -5.46
CA SER A 131 -6.11 12.19 -4.64
C SER A 131 -7.22 12.99 -5.31
N LYS A 132 -7.59 12.61 -6.53
CA LYS A 132 -8.64 13.31 -7.26
C LYS A 132 -9.97 13.28 -6.50
N PHE A 133 -10.37 12.10 -6.04
CA PHE A 133 -11.64 11.98 -5.32
C PHE A 133 -11.44 12.24 -3.82
N GLY A 134 -10.22 12.06 -3.35
CA GLY A 134 -9.91 12.30 -1.95
C GLY A 134 -10.44 11.20 -1.03
N PHE A 135 -10.88 10.09 -1.63
CA PHE A 135 -11.40 8.97 -0.85
C PHE A 135 -10.25 8.12 -0.30
N ASP A 136 -10.43 7.63 0.92
CA ASP A 136 -9.41 6.78 1.56
C ASP A 136 -9.85 5.33 1.53
N ALA A 137 -10.83 5.03 0.69
CA ALA A 137 -11.35 3.67 0.57
C ALA A 137 -11.75 3.37 -0.88
N PHE A 138 -11.44 2.16 -1.33
CA PHE A 138 -11.75 1.75 -2.69
C PHE A 138 -12.01 0.25 -2.75
N ALA A 139 -12.49 -0.22 -3.89
CA ALA A 139 -12.78 -1.64 -4.06
C ALA A 139 -12.38 -2.08 -5.46
N LEU A 140 -12.09 -3.37 -5.62
CA LEU A 140 -11.72 -3.91 -6.92
C LEU A 140 -12.96 -4.39 -7.65
N VAL A 141 -13.02 -4.09 -8.94
CA VAL A 141 -14.16 -4.47 -9.77
C VAL A 141 -13.68 -5.28 -10.97
N LYS A 142 -14.45 -6.30 -11.34
CA LYS A 142 -14.07 -7.17 -12.46
C LYS A 142 -14.07 -6.40 -13.76
N ALA A 143 -12.92 -6.38 -14.44
CA ALA A 143 -12.79 -5.69 -15.72
C ALA A 143 -12.84 -6.69 -16.87
N THR A 144 -13.76 -6.46 -17.80
CA THR A 144 -13.92 -7.33 -18.95
C THR A 144 -13.02 -6.87 -20.08
N PRO A 145 -12.70 -7.73 -21.02
CA PRO A 145 -11.82 -7.36 -22.17
C PRO A 145 -12.36 -6.17 -22.96
N ALA A 146 -13.69 -6.06 -23.02
CA ALA A 146 -14.32 -4.95 -23.73
C ALA A 146 -14.00 -3.62 -23.06
N GLN A 147 -13.94 -3.63 -21.73
CA GLN A 147 -13.65 -2.41 -20.97
C GLN A 147 -12.14 -2.17 -20.86
N ILE A 148 -11.38 -3.25 -20.72
CA ILE A 148 -9.93 -3.17 -20.60
C ILE A 148 -9.33 -2.59 -21.87
N LYS A 149 -9.82 -3.04 -23.01
CA LYS A 149 -9.31 -2.57 -24.29
C LYS A 149 -9.51 -1.06 -24.41
N GLU A 150 -10.68 -0.58 -23.97
CA GLU A 150 -10.97 0.85 -24.03
C GLU A 150 -10.08 1.62 -23.05
N ASN A 151 -10.01 1.14 -21.81
CA ASN A 151 -9.20 1.80 -20.79
C ASN A 151 -7.73 1.76 -21.17
N GLN A 152 -7.30 0.61 -21.68
CA GLN A 152 -5.91 0.42 -22.07
C GLN A 152 -5.49 1.41 -23.15
N ALA A 153 -6.38 1.69 -24.10
CA ALA A 153 -6.07 2.63 -25.16
C ALA A 153 -5.85 4.03 -24.59
N ALA A 154 -6.68 4.39 -23.62
CA ALA A 154 -6.56 5.70 -22.99
C ALA A 154 -5.24 5.82 -22.22
N TYR A 155 -4.83 4.72 -21.60
CA TYR A 155 -3.60 4.67 -20.82
C TYR A 155 -2.60 3.68 -21.44
N PRO A 156 -1.82 4.10 -22.40
CA PRO A 156 -0.81 3.21 -23.05
C PRO A 156 0.18 2.65 -22.02
N PHE A 157 0.61 1.42 -22.24
CA PHE A 157 1.56 0.78 -21.33
C PHE A 157 2.99 1.16 -21.68
N LYS A 158 3.66 1.81 -20.75
CA LYS A 158 5.05 2.23 -20.94
C LYS A 158 6.00 1.08 -20.63
N SER A 159 7.07 0.98 -21.43
CA SER A 159 8.05 -0.08 -21.22
C SER A 159 8.74 0.07 -19.87
N LYS A 160 9.02 -1.06 -19.23
CA LYS A 160 9.67 -1.04 -17.93
C LYS A 160 10.35 -2.37 -17.64
N GLY A 1 54.51 -2.04 -29.12
CA GLY A 1 55.80 -2.78 -29.17
C GLY A 1 56.38 -2.90 -27.76
N PRO A 2 56.44 -1.82 -27.03
CA PRO A 2 57.00 -1.81 -25.65
C PRO A 2 56.31 -2.83 -24.74
N GLY A 3 54.99 -2.95 -24.87
CA GLY A 3 54.24 -3.90 -24.06
C GLY A 3 52.81 -4.04 -24.56
N HIS A 4 52.03 -4.86 -23.87
CA HIS A 4 50.64 -5.10 -24.24
C HIS A 4 49.74 -3.97 -23.73
N MET A 5 48.80 -3.55 -24.56
CA MET A 5 47.88 -2.48 -24.18
C MET A 5 46.75 -3.03 -23.32
N GLY A 6 46.46 -2.34 -22.22
CA GLY A 6 45.40 -2.79 -21.32
C GLY A 6 45.13 -1.76 -20.22
N SER A 7 43.94 -1.84 -19.64
CA SER A 7 43.55 -0.91 -18.57
C SER A 7 44.30 -1.26 -17.29
N VAL A 8 44.72 -0.23 -16.56
CA VAL A 8 45.44 -0.44 -15.31
C VAL A 8 44.54 -1.15 -14.29
N SER A 9 43.31 -0.67 -14.17
CA SER A 9 42.36 -1.26 -13.24
C SER A 9 41.56 -2.36 -13.94
N ASN A 10 40.91 -3.23 -13.15
CA ASN A 10 40.13 -4.32 -13.72
C ASN A 10 39.05 -4.80 -12.74
N ALA A 11 38.17 -5.66 -13.24
CA ALA A 11 37.09 -6.20 -12.41
C ALA A 11 36.24 -5.09 -11.81
N LYS A 12 35.13 -5.47 -11.20
CA LYS A 12 34.22 -4.52 -10.59
C LYS A 12 34.93 -3.79 -9.44
N ALA A 13 35.64 -4.54 -8.62
CA ALA A 13 36.36 -3.96 -7.49
C ALA A 13 35.45 -3.05 -6.68
N PRO A 14 34.38 -3.60 -6.14
CA PRO A 14 33.40 -2.82 -5.32
C PRO A 14 33.95 -2.49 -3.94
N THR A 15 33.49 -1.36 -3.38
CA THR A 15 33.93 -0.93 -2.07
C THR A 15 33.42 -1.89 -1.00
N SER A 16 32.24 -2.46 -1.23
CA SER A 16 31.63 -3.39 -0.28
C SER A 16 30.92 -2.62 0.82
N ALA A 17 30.53 -1.38 0.51
CA ALA A 17 29.83 -0.53 1.48
C ALA A 17 28.38 -0.97 1.62
N LEU A 18 27.94 -1.85 0.72
CA LEU A 18 26.57 -2.33 0.74
C LEU A 18 26.28 -3.08 2.05
N ARG A 19 27.24 -3.89 2.49
CA ARG A 19 27.05 -4.64 3.73
C ARG A 19 27.02 -3.69 4.92
N ALA A 20 25.97 -3.81 5.73
CA ALA A 20 25.82 -2.95 6.90
C ALA A 20 26.79 -3.38 8.01
N LEU A 21 27.43 -2.40 8.63
CA LEU A 21 28.38 -2.66 9.73
C LEU A 21 27.91 -1.97 11.00
N LEU A 22 27.80 -0.65 10.94
CA LEU A 22 27.36 0.12 12.11
C LEU A 22 25.94 -0.26 12.49
N GLU A 23 25.09 -0.39 11.49
CA GLU A 23 23.70 -0.75 11.71
C GLU A 23 23.56 -2.25 11.97
N HIS A 24 22.54 -2.63 12.75
CA HIS A 24 22.32 -4.04 13.08
C HIS A 24 21.25 -4.64 12.18
N LYS A 25 21.58 -5.76 11.53
CA LYS A 25 20.63 -6.43 10.65
C LYS A 25 19.64 -7.25 11.47
N GLU A 26 18.37 -6.89 11.42
CA GLU A 26 17.34 -7.59 12.18
C GLU A 26 16.85 -8.83 11.44
N ASN A 27 16.22 -9.74 12.18
CA ASN A 27 15.71 -10.96 11.60
C ASN A 27 14.61 -10.67 10.58
N SER A 28 13.76 -9.69 10.90
CA SER A 28 12.67 -9.32 10.00
C SER A 28 12.34 -7.83 10.14
N SER A 29 11.80 -7.24 9.08
CA SER A 29 11.43 -5.83 9.09
C SER A 29 10.27 -5.57 8.13
N GLN A 30 9.59 -4.45 8.31
CA GLN A 30 8.47 -4.09 7.46
C GLN A 30 8.95 -3.83 6.03
N ASN A 31 10.09 -3.15 5.91
CA ASN A 31 10.65 -2.83 4.61
C ASN A 31 11.28 -4.08 3.97
N GLY A 32 11.09 -4.22 2.66
CA GLY A 32 11.65 -5.37 1.95
C GLY A 32 11.95 -5.00 0.49
N PRO A 33 12.43 -5.93 -0.28
CA PRO A 33 12.76 -5.68 -1.72
C PRO A 33 11.58 -5.07 -2.47
N LEU A 34 10.40 -5.66 -2.29
CA LEU A 34 9.20 -5.16 -2.93
C LEU A 34 8.88 -3.76 -2.42
N ALA A 35 9.05 -3.58 -1.12
CA ALA A 35 8.78 -2.30 -0.48
C ALA A 35 9.59 -1.20 -1.15
N GLU A 36 10.82 -1.51 -1.55
CA GLU A 36 11.66 -0.52 -2.20
C GLU A 36 10.98 0.01 -3.47
N ASN A 37 10.39 -0.89 -4.23
CA ASN A 37 9.72 -0.52 -5.47
C ASN A 37 8.48 0.35 -5.23
N PHE A 38 7.68 0.01 -4.21
CA PHE A 38 6.44 0.74 -3.93
C PHE A 38 6.53 1.68 -2.73
N ALA A 39 7.14 1.20 -1.65
CA ALA A 39 7.24 2.00 -0.43
C ALA A 39 7.93 3.34 -0.69
N THR A 40 8.73 3.43 -1.73
CA THR A 40 9.41 4.68 -2.03
C THR A 40 8.40 5.76 -2.40
N PHE A 41 7.20 5.33 -2.81
CA PHE A 41 6.13 6.25 -3.18
C PHE A 41 5.09 6.37 -2.07
N SER A 42 5.37 5.72 -0.94
CA SER A 42 4.43 5.74 0.18
C SER A 42 4.59 6.99 1.03
N GLY A 43 5.71 7.69 0.88
CA GLY A 43 5.95 8.89 1.65
C GLY A 43 5.63 8.66 3.12
N HIS A 44 6.21 7.61 3.69
CA HIS A 44 5.96 7.28 5.08
C HIS A 44 6.40 8.41 5.99
N ALA A 45 7.59 8.96 5.71
CA ALA A 45 8.12 10.06 6.51
C ALA A 45 7.40 11.36 6.16
N GLU A 46 6.67 11.36 5.06
CA GLU A 46 5.93 12.55 4.63
C GLU A 46 4.58 12.61 5.32
N SER A 47 4.39 13.62 6.16
CA SER A 47 3.14 13.79 6.89
C SER A 47 2.01 14.18 5.94
N ASN A 48 2.36 14.62 4.74
CA ASN A 48 1.36 15.04 3.76
C ASN A 48 0.83 13.84 2.97
N ALA A 49 1.27 12.65 3.32
CA ALA A 49 0.82 11.45 2.63
C ALA A 49 -0.66 11.20 2.88
N LEU A 50 -1.37 10.79 1.84
CA LEU A 50 -2.81 10.52 1.95
C LEU A 50 -3.03 9.09 2.45
N ARG A 51 -3.86 8.95 3.49
CA ARG A 51 -4.15 7.63 4.03
C ARG A 51 -5.14 6.94 3.11
N LEU A 52 -5.08 5.60 3.04
CA LEU A 52 -5.98 4.86 2.17
C LEU A 52 -6.41 3.53 2.78
N ASN A 53 -7.69 3.19 2.59
CA ASN A 53 -8.25 1.93 3.09
C ASN A 53 -8.77 1.10 1.92
N ILE A 54 -8.83 -0.22 2.10
CA ILE A 54 -9.32 -1.12 1.04
C ILE A 54 -10.45 -2.00 1.56
N TYR A 55 -11.33 -2.41 0.64
CA TYR A 55 -12.45 -3.27 0.98
C TYR A 55 -12.82 -4.15 -0.20
N PHE A 56 -12.14 -5.28 -0.32
CA PHE A 56 -12.38 -6.20 -1.43
C PHE A 56 -13.64 -7.04 -1.14
N PRO A 57 -14.62 -7.09 -2.03
CA PRO A 57 -15.85 -7.89 -1.80
C PRO A 57 -15.59 -9.38 -1.99
N SER A 58 -14.61 -9.70 -2.84
CA SER A 58 -14.26 -11.08 -3.13
C SER A 58 -13.32 -11.64 -2.07
N SER A 59 -12.75 -10.77 -1.26
CA SER A 59 -11.83 -11.19 -0.21
C SER A 59 -12.57 -11.92 0.90
N GLU A 60 -11.90 -12.89 1.53
CA GLU A 60 -12.49 -13.66 2.61
C GLU A 60 -12.30 -12.92 3.94
N SER A 61 -11.40 -11.94 3.94
CA SER A 61 -11.11 -11.16 5.16
C SER A 61 -11.32 -9.67 4.91
N PRO A 62 -12.54 -9.26 4.65
CA PRO A 62 -12.86 -7.82 4.41
C PRO A 62 -12.80 -7.01 5.71
N SER A 63 -12.76 -7.71 6.84
CA SER A 63 -12.71 -7.07 8.14
C SER A 63 -11.31 -6.57 8.45
N LYS A 64 -10.40 -6.70 7.49
CA LYS A 64 -9.01 -6.27 7.66
C LYS A 64 -8.62 -5.23 6.60
N PRO A 65 -8.95 -3.98 6.82
CA PRO A 65 -8.62 -2.88 5.86
C PRO A 65 -7.11 -2.67 5.72
N LEU A 66 -6.70 -2.18 4.55
CA LEU A 66 -5.29 -1.92 4.29
C LEU A 66 -4.93 -0.53 4.78
N PHE A 67 -4.02 -0.44 5.76
CA PHE A 67 -3.60 0.86 6.30
C PHE A 67 -2.21 1.20 5.82
N VAL A 68 -2.13 2.15 4.88
CA VAL A 68 -0.85 2.58 4.32
C VAL A 68 -0.85 4.07 4.07
N GLU A 69 0.34 4.64 3.89
CA GLU A 69 0.48 6.07 3.62
C GLU A 69 0.93 6.26 2.17
N LEU A 70 0.11 6.95 1.38
CA LEU A 70 0.43 7.19 -0.04
C LEU A 70 0.69 8.66 -0.30
N ARG A 71 1.66 8.94 -1.17
CA ARG A 71 2.00 10.31 -1.50
C ARG A 71 0.87 10.98 -2.27
N LYS A 72 0.82 12.30 -2.16
CA LYS A 72 -0.19 13.08 -2.84
C LYS A 72 0.20 13.27 -4.30
N ASN A 73 1.45 12.97 -4.62
CA ASN A 73 1.96 13.14 -5.99
C ASN A 73 1.88 11.85 -6.83
N VAL A 74 1.80 10.68 -6.18
CA VAL A 74 1.74 9.43 -6.93
C VAL A 74 0.29 9.05 -7.24
N LEU A 75 0.12 8.45 -8.41
CA LEU A 75 -1.20 8.06 -8.90
C LEU A 75 -1.78 6.88 -8.10
N VAL A 76 -2.97 6.43 -8.52
CA VAL A 76 -3.66 5.32 -7.86
C VAL A 76 -2.90 4.01 -8.06
N SER A 77 -2.39 3.80 -9.26
CA SER A 77 -1.68 2.56 -9.58
C SER A 77 -0.80 2.11 -8.41
N GLU A 78 -0.31 3.06 -7.62
CA GLU A 78 0.53 2.72 -6.48
C GLU A 78 -0.28 2.10 -5.34
N ALA A 79 -1.55 2.54 -5.21
CA ALA A 79 -2.42 2.04 -4.15
C ALA A 79 -2.44 0.50 -4.10
N ILE A 80 -2.77 -0.13 -5.22
CA ILE A 80 -2.83 -1.60 -5.28
C ILE A 80 -1.45 -2.22 -5.12
N GLY A 81 -0.44 -1.61 -5.72
CA GLY A 81 0.92 -2.14 -5.67
C GLY A 81 1.30 -2.59 -4.26
N TYR A 82 0.77 -1.92 -3.24
CA TYR A 82 1.08 -2.26 -1.86
C TYR A 82 0.48 -3.62 -1.49
N ILE A 83 -0.58 -3.99 -2.17
CA ILE A 83 -1.27 -5.25 -1.88
C ILE A 83 -0.28 -6.43 -1.86
N LEU A 84 0.82 -6.33 -2.60
CA LEU A 84 1.81 -7.41 -2.60
C LEU A 84 2.36 -7.58 -1.19
N LEU A 85 2.65 -6.47 -0.52
CA LEU A 85 3.19 -6.50 0.82
C LEU A 85 2.18 -7.10 1.80
N GLN A 86 0.92 -6.73 1.63
CA GLN A 86 -0.14 -7.21 2.51
C GLN A 86 -0.30 -8.73 2.37
N TYR A 87 -0.15 -9.23 1.15
CA TYR A 87 -0.29 -10.65 0.91
C TYR A 87 0.73 -11.44 1.71
N VAL A 88 2.00 -11.06 1.60
CA VAL A 88 3.06 -11.75 2.33
C VAL A 88 2.95 -11.50 3.83
N ASN A 89 2.70 -10.26 4.20
CA ASN A 89 2.59 -9.88 5.61
C ASN A 89 1.44 -10.57 6.32
N GLN A 90 0.28 -10.67 5.65
CA GLN A 90 -0.89 -11.30 6.29
C GLN A 90 -1.15 -12.71 5.76
N GLN A 91 -0.46 -13.10 4.69
CA GLN A 91 -0.64 -14.44 4.13
C GLN A 91 -2.12 -14.74 3.86
N LEU A 92 -2.96 -13.70 3.93
CA LEU A 92 -4.40 -13.86 3.69
C LEU A 92 -4.69 -13.64 2.21
N VAL A 93 -5.98 -13.77 1.85
CA VAL A 93 -6.41 -13.58 0.47
C VAL A 93 -5.68 -14.57 -0.45
N PRO A 94 -6.37 -15.55 -1.03
CA PRO A 94 -5.72 -16.55 -1.93
C PRO A 94 -4.68 -15.90 -2.86
N PRO A 95 -3.84 -16.68 -3.50
CA PRO A 95 -2.80 -16.12 -4.41
C PRO A 95 -3.42 -15.22 -5.49
N ILE A 96 -2.77 -14.09 -5.75
CA ILE A 96 -3.27 -13.14 -6.76
C ILE A 96 -2.34 -13.13 -7.97
N GLU A 97 -2.92 -13.26 -9.16
CA GLU A 97 -2.14 -13.25 -10.38
C GLU A 97 -1.34 -11.95 -10.48
N ASP A 98 -0.13 -12.06 -10.99
CA ASP A 98 0.73 -10.89 -11.15
C ASP A 98 0.14 -9.93 -12.18
N GLU A 99 -0.54 -10.50 -13.17
CA GLU A 99 -1.14 -9.72 -14.24
C GLU A 99 -2.25 -8.82 -13.70
N ALA A 100 -2.71 -9.09 -12.48
CA ALA A 100 -3.79 -8.29 -11.89
C ALA A 100 -3.25 -6.96 -11.35
N GLN A 101 -1.95 -6.90 -11.12
CA GLN A 101 -1.34 -5.68 -10.63
C GLN A 101 -1.51 -4.57 -11.67
N ASN A 102 -1.38 -4.97 -12.93
CA ASN A 102 -1.56 -4.03 -14.03
C ASN A 102 -2.88 -3.27 -13.85
N PRO A 103 -2.84 -1.97 -13.58
CA PRO A 103 -4.10 -1.18 -13.40
C PRO A 103 -5.12 -1.45 -14.51
N ASN A 104 -4.64 -1.77 -15.70
CA ASN A 104 -5.55 -2.04 -16.82
C ASN A 104 -6.41 -3.28 -16.55
N TYR A 105 -5.83 -4.27 -15.87
CA TYR A 105 -6.55 -5.50 -15.58
C TYR A 105 -7.68 -5.29 -14.55
N TRP A 106 -7.41 -4.47 -13.51
CA TRP A 106 -8.42 -4.22 -12.47
C TRP A 106 -8.61 -2.72 -12.27
N ASN A 107 -9.80 -2.32 -11.86
CA ASN A 107 -10.09 -0.90 -11.62
C ASN A 107 -10.47 -0.65 -10.16
N LEU A 108 -10.19 0.56 -9.70
CA LEU A 108 -10.53 0.98 -8.35
C LEU A 108 -11.67 1.97 -8.45
N ARG A 109 -12.76 1.69 -7.77
CA ARG A 109 -13.95 2.53 -7.83
C ARG A 109 -14.35 3.06 -6.45
N ILE A 110 -15.12 4.14 -6.45
CA ILE A 110 -15.57 4.75 -5.20
C ILE A 110 -16.67 3.91 -4.57
N VAL A 111 -16.71 3.92 -3.24
CA VAL A 111 -17.71 3.14 -2.49
C VAL A 111 -18.59 4.05 -1.66
N GLU A 112 -19.86 3.70 -1.55
CA GLU A 112 -20.82 4.48 -0.77
C GLU A 112 -20.71 4.13 0.70
N ASP A 113 -21.54 4.76 1.51
CA ASP A 113 -21.54 4.51 2.95
C ASP A 113 -21.99 3.09 3.25
N ASP A 114 -22.69 2.46 2.29
CA ASP A 114 -23.18 1.11 2.47
C ASP A 114 -22.23 0.10 1.83
N GLY A 115 -21.13 0.59 1.27
CA GLY A 115 -20.14 -0.28 0.63
C GLY A 115 -20.57 -0.68 -0.77
N GLU A 116 -21.54 0.03 -1.34
CA GLU A 116 -22.02 -0.28 -2.69
C GLU A 116 -21.18 0.44 -3.73
N LEU A 117 -21.23 -0.08 -4.96
CA LEU A 117 -20.46 0.50 -6.07
C LEU A 117 -21.37 1.31 -6.98
N ASP A 118 -20.97 2.55 -7.26
CA ASP A 118 -21.74 3.43 -8.12
C ASP A 118 -21.24 3.35 -9.57
N GLU A 119 -22.03 2.69 -10.42
CA GLU A 119 -21.67 2.54 -11.82
C GLU A 119 -21.71 3.86 -12.57
N ASP A 120 -22.56 4.78 -12.11
CA ASP A 120 -22.70 6.07 -12.76
C ASP A 120 -21.46 6.94 -12.58
N PHE A 121 -20.74 6.74 -11.48
CA PHE A 121 -19.52 7.52 -11.23
C PHE A 121 -18.31 6.81 -11.85
N PRO A 122 -17.29 7.54 -12.22
CA PRO A 122 -16.06 6.94 -12.84
C PRO A 122 -15.22 6.17 -11.83
N ALA A 123 -14.37 5.28 -12.36
CA ALA A 123 -13.47 4.49 -11.51
C ALA A 123 -12.06 5.04 -11.63
N LEU A 124 -11.53 5.53 -10.53
CA LEU A 124 -10.18 6.09 -10.52
C LEU A 124 -9.15 5.00 -10.83
N ASP A 125 -8.04 5.41 -11.41
CA ASP A 125 -6.98 4.46 -11.76
C ASP A 125 -5.68 5.20 -12.01
N ARG A 126 -4.81 4.61 -12.83
CA ARG A 126 -3.54 5.24 -13.13
C ARG A 126 -3.79 6.61 -13.76
N VAL A 127 -4.84 6.69 -14.56
CA VAL A 127 -5.20 7.95 -15.22
C VAL A 127 -5.98 8.85 -14.27
N GLY A 128 -6.42 8.28 -13.16
CA GLY A 128 -7.21 9.03 -12.18
C GLY A 128 -6.41 9.23 -10.88
N PRO A 129 -5.82 10.38 -10.67
CA PRO A 129 -5.04 10.63 -9.42
C PRO A 129 -5.86 10.38 -8.15
N LEU A 130 -5.24 9.71 -7.18
CA LEU A 130 -5.90 9.39 -5.92
C LEU A 130 -6.24 10.66 -5.14
N SER A 131 -5.32 11.62 -5.16
CA SER A 131 -5.52 12.88 -4.44
C SER A 131 -6.62 13.73 -5.07
N LYS A 132 -7.14 13.29 -6.20
CA LYS A 132 -8.20 14.05 -6.88
C LYS A 132 -9.42 14.21 -5.99
N PHE A 133 -9.87 13.12 -5.35
CA PHE A 133 -11.03 13.18 -4.48
C PHE A 133 -10.59 13.19 -3.01
N GLY A 134 -9.37 12.71 -2.77
CA GLY A 134 -8.83 12.69 -1.41
C GLY A 134 -9.55 11.67 -0.52
N PHE A 135 -10.07 10.60 -1.12
CA PHE A 135 -10.78 9.58 -0.35
C PHE A 135 -9.77 8.65 0.33
N ASP A 136 -10.10 8.23 1.55
CA ASP A 136 -9.22 7.35 2.32
C ASP A 136 -9.68 5.90 2.24
N ALA A 137 -10.61 5.60 1.32
CA ALA A 137 -11.10 4.23 1.17
C ALA A 137 -11.48 3.95 -0.28
N PHE A 138 -11.19 2.73 -0.73
CA PHE A 138 -11.51 2.32 -2.10
C PHE A 138 -11.75 0.81 -2.18
N ALA A 139 -12.31 0.39 -3.30
CA ALA A 139 -12.59 -1.02 -3.53
C ALA A 139 -12.18 -1.39 -4.95
N LEU A 140 -11.77 -2.64 -5.14
CA LEU A 140 -11.35 -3.10 -6.47
C LEU A 140 -12.53 -3.73 -7.20
N VAL A 141 -12.76 -3.28 -8.44
CA VAL A 141 -13.88 -3.79 -9.25
C VAL A 141 -13.34 -4.74 -10.33
N LYS A 142 -13.94 -5.92 -10.43
CA LYS A 142 -13.50 -6.89 -11.43
C LYS A 142 -13.79 -6.33 -12.82
N ALA A 143 -12.73 -6.22 -13.62
CA ALA A 143 -12.86 -5.69 -14.99
C ALA A 143 -12.85 -6.84 -16.00
N THR A 144 -13.79 -6.79 -16.93
CA THR A 144 -13.89 -7.82 -17.96
C THR A 144 -12.86 -7.55 -19.08
N PRO A 145 -12.47 -8.55 -19.83
CA PRO A 145 -11.49 -8.35 -20.95
C PRO A 145 -11.90 -7.17 -21.84
N ALA A 146 -13.19 -7.06 -22.10
CA ALA A 146 -13.70 -5.98 -22.94
C ALA A 146 -13.38 -4.63 -22.32
N GLN A 147 -13.66 -4.50 -21.03
CA GLN A 147 -13.39 -3.24 -20.33
C GLN A 147 -11.88 -3.01 -20.21
N ILE A 148 -11.14 -4.10 -19.98
CA ILE A 148 -9.69 -4.01 -19.84
C ILE A 148 -9.07 -3.50 -21.13
N LYS A 149 -9.54 -4.02 -22.26
CA LYS A 149 -9.02 -3.61 -23.56
C LYS A 149 -9.18 -2.11 -23.76
N GLU A 150 -10.31 -1.57 -23.30
CA GLU A 150 -10.58 -0.15 -23.45
C GLU A 150 -9.66 0.68 -22.54
N ASN A 151 -9.41 0.17 -21.33
CA ASN A 151 -8.56 0.90 -20.38
C ASN A 151 -7.14 1.04 -20.92
N GLN A 152 -6.58 -0.05 -21.42
CA GLN A 152 -5.22 -0.03 -21.97
C GLN A 152 -5.20 0.74 -23.29
N ALA A 153 -6.25 0.59 -24.08
CA ALA A 153 -6.33 1.26 -25.37
C ALA A 153 -6.27 2.78 -25.19
N ALA A 154 -7.03 3.29 -24.22
CA ALA A 154 -7.04 4.73 -23.97
C ALA A 154 -5.68 5.19 -23.45
N TYR A 155 -5.13 4.43 -22.50
CA TYR A 155 -3.83 4.76 -21.91
C TYR A 155 -2.96 3.51 -21.82
N PRO A 156 -2.31 3.13 -22.89
CA PRO A 156 -1.43 1.93 -22.91
C PRO A 156 -0.33 2.02 -21.85
N PHE A 157 -0.01 0.88 -21.23
CA PHE A 157 1.02 0.83 -20.19
C PHE A 157 1.98 -0.33 -20.45
N LYS A 158 3.26 -0.11 -20.15
CA LYS A 158 4.27 -1.14 -20.36
C LYS A 158 4.09 -2.27 -19.34
N SER A 159 4.25 -3.51 -19.81
CA SER A 159 4.10 -4.68 -18.94
C SER A 159 5.31 -5.60 -19.06
N LYS A 160 5.71 -6.18 -17.93
CA LYS A 160 6.86 -7.08 -17.92
C LYS A 160 6.73 -8.15 -18.99
N GLY A 1 15.91 -13.44 46.72
CA GLY A 1 14.72 -14.34 46.76
C GLY A 1 14.39 -14.69 48.20
N PRO A 2 15.17 -15.55 48.80
CA PRO A 2 14.96 -15.99 50.21
C PRO A 2 15.29 -14.88 51.20
N GLY A 3 14.54 -14.84 52.32
CA GLY A 3 14.77 -13.82 53.33
C GLY A 3 13.56 -13.68 54.24
N HIS A 4 13.79 -13.22 55.46
CA HIS A 4 12.70 -13.06 56.43
C HIS A 4 11.77 -11.92 55.98
N MET A 5 12.37 -10.85 55.46
CA MET A 5 11.61 -9.70 55.00
C MET A 5 11.14 -9.92 53.56
N GLY A 6 9.93 -9.43 53.26
CA GLY A 6 9.36 -9.56 51.92
C GLY A 6 8.64 -8.29 51.51
N SER A 7 8.20 -7.52 52.50
CA SER A 7 7.48 -6.28 52.24
C SER A 7 6.42 -6.50 51.17
N VAL A 8 5.84 -5.40 50.69
CA VAL A 8 4.79 -5.46 49.65
C VAL A 8 5.16 -4.53 48.49
N SER A 9 5.01 -5.04 47.27
CA SER A 9 5.32 -4.24 46.09
C SER A 9 4.09 -3.47 45.62
N ASN A 10 4.31 -2.25 45.15
CA ASN A 10 3.19 -1.42 44.67
C ASN A 10 3.66 -0.51 43.54
N ALA A 11 4.29 0.61 43.91
CA ALA A 11 4.77 1.56 42.92
C ALA A 11 5.82 0.91 42.01
N LYS A 12 6.48 -0.13 42.53
CA LYS A 12 7.49 -0.82 41.77
C LYS A 12 6.90 -1.44 40.50
N ALA A 13 5.57 -1.43 40.42
CA ALA A 13 4.87 -2.00 39.26
C ALA A 13 3.69 -1.10 38.88
N PRO A 14 3.96 0.01 38.25
CA PRO A 14 2.90 0.99 37.83
C PRO A 14 1.92 0.37 36.82
N THR A 15 0.67 0.81 36.88
CA THR A 15 -0.35 0.30 35.97
C THR A 15 -0.33 1.09 34.67
N SER A 16 -0.38 0.37 33.55
CA SER A 16 -0.35 1.01 32.24
C SER A 16 -0.98 0.09 31.19
N ALA A 17 -1.23 0.62 30.01
CA ALA A 17 -1.82 -0.17 28.93
C ALA A 17 -0.80 -1.13 28.34
N LEU A 18 0.07 -1.65 29.20
CA LEU A 18 1.10 -2.60 28.78
C LEU A 18 2.00 -1.98 27.70
N ARG A 19 2.30 -0.70 27.85
CA ARG A 19 3.17 0.00 26.90
C ARG A 19 4.64 -0.22 27.23
N ALA A 20 5.46 -0.36 26.21
CA ALA A 20 6.90 -0.58 26.39
C ALA A 20 7.68 0.70 26.07
N LEU A 21 7.32 1.80 26.71
CA LEU A 21 8.00 3.06 26.49
C LEU A 21 9.46 2.96 26.93
N LEU A 22 9.68 2.30 28.07
CA LEU A 22 11.03 2.12 28.60
C LEU A 22 11.53 0.71 28.29
N GLU A 23 12.58 0.30 28.98
CA GLU A 23 13.15 -1.02 28.77
C GLU A 23 13.43 -1.26 27.29
N HIS A 24 14.64 -0.89 26.86
CA HIS A 24 15.03 -1.06 25.46
C HIS A 24 13.94 -0.53 24.52
N LYS A 25 14.22 -0.61 23.22
CA LYS A 25 13.27 -0.15 22.21
C LYS A 25 13.15 -1.16 21.07
N GLU A 26 11.92 -1.46 20.67
CA GLU A 26 11.68 -2.42 19.59
C GLU A 26 11.52 -1.69 18.27
N ASN A 27 12.29 -2.12 17.26
CA ASN A 27 12.22 -1.51 15.94
C ASN A 27 11.14 -2.18 15.10
N SER A 28 10.00 -1.50 14.95
CA SER A 28 8.90 -2.04 14.17
C SER A 28 9.16 -1.87 12.68
N SER A 29 10.22 -1.16 12.33
CA SER A 29 10.55 -0.93 10.92
C SER A 29 11.08 -2.21 10.28
N GLN A 30 10.77 -2.38 9.00
CA GLN A 30 11.23 -3.55 8.27
C GLN A 30 10.88 -3.41 6.79
N ASN A 31 11.80 -2.79 6.03
CA ASN A 31 11.60 -2.59 4.61
C ASN A 31 11.78 -3.90 3.84
N GLY A 32 10.95 -4.09 2.81
CA GLY A 32 11.03 -5.31 1.99
C GLY A 32 11.83 -5.04 0.72
N PRO A 33 12.21 -6.07 0.02
CA PRO A 33 12.99 -5.93 -1.24
C PRO A 33 12.26 -5.05 -2.25
N LEU A 34 10.95 -5.25 -2.34
CA LEU A 34 10.12 -4.47 -3.25
C LEU A 34 9.72 -3.16 -2.60
N ALA A 35 9.84 -3.11 -1.28
CA ALA A 35 9.48 -1.92 -0.52
C ALA A 35 10.38 -0.74 -0.89
N GLU A 36 11.58 -1.03 -1.34
CA GLU A 36 12.49 0.05 -1.70
C GLU A 36 11.84 0.94 -2.76
N ASN A 37 11.31 0.31 -3.80
CA ASN A 37 10.66 1.04 -4.89
C ASN A 37 9.37 1.72 -4.44
N PHE A 38 8.56 1.00 -3.65
CA PHE A 38 7.27 1.53 -3.19
C PHE A 38 7.40 2.42 -1.95
N ALA A 39 8.15 1.96 -0.96
CA ALA A 39 8.30 2.70 0.28
C ALA A 39 8.83 4.12 0.05
N THR A 40 9.59 4.31 -1.02
CA THR A 40 10.14 5.64 -1.31
C THR A 40 9.04 6.65 -1.60
N PHE A 41 7.96 6.22 -2.24
CA PHE A 41 6.85 7.12 -2.56
C PHE A 41 5.66 6.88 -1.63
N SER A 42 5.87 6.04 -0.61
CA SER A 42 4.79 5.74 0.32
C SER A 42 4.65 6.87 1.34
N GLY A 43 5.52 7.87 1.22
CA GLY A 43 5.47 9.02 2.12
C GLY A 43 5.60 8.59 3.57
N HIS A 44 6.44 7.60 3.83
CA HIS A 44 6.64 7.11 5.19
C HIS A 44 7.15 8.22 6.09
N ALA A 45 8.11 8.99 5.60
CA ALA A 45 8.67 10.08 6.36
C ALA A 45 7.78 11.32 6.26
N GLU A 46 6.80 11.28 5.35
CA GLU A 46 5.89 12.41 5.17
C GLU A 46 4.52 12.09 5.78
N SER A 47 4.16 12.86 6.80
CA SER A 47 2.89 12.67 7.48
C SER A 47 1.75 13.29 6.67
N ASN A 48 2.10 13.96 5.58
CA ASN A 48 1.10 14.60 4.72
C ASN A 48 0.57 13.62 3.68
N ALA A 49 0.98 12.36 3.79
CA ALA A 49 0.54 11.34 2.85
C ALA A 49 -0.94 11.05 3.04
N LEU A 50 -1.65 10.82 1.94
CA LEU A 50 -3.08 10.55 1.99
C LEU A 50 -3.32 9.08 2.34
N ARG A 51 -4.33 8.82 3.16
CA ARG A 51 -4.67 7.46 3.56
C ARG A 51 -5.59 6.82 2.52
N LEU A 52 -5.40 5.52 2.28
CA LEU A 52 -6.21 4.79 1.31
C LEU A 52 -6.58 3.41 1.84
N ASN A 53 -7.86 3.05 1.67
CA ASN A 53 -8.37 1.75 2.12
C ASN A 53 -8.87 0.94 0.93
N ILE A 54 -8.87 -0.38 1.06
CA ILE A 54 -9.32 -1.27 -0.01
C ILE A 54 -10.33 -2.29 0.50
N TYR A 55 -11.40 -2.49 -0.27
CA TYR A 55 -12.44 -3.44 0.09
C TYR A 55 -12.82 -4.29 -1.12
N PHE A 56 -12.60 -5.60 -1.03
CA PHE A 56 -12.91 -6.52 -2.12
C PHE A 56 -14.32 -7.10 -1.92
N PRO A 57 -15.20 -7.01 -2.90
CA PRO A 57 -16.58 -7.57 -2.76
C PRO A 57 -16.62 -9.10 -2.84
N SER A 58 -15.61 -9.67 -3.50
CA SER A 58 -15.53 -11.13 -3.65
C SER A 58 -14.84 -11.77 -2.45
N SER A 59 -14.23 -10.96 -1.61
CA SER A 59 -13.53 -11.46 -0.43
C SER A 59 -14.53 -11.86 0.65
N GLU A 60 -14.19 -12.91 1.39
CA GLU A 60 -15.04 -13.38 2.49
C GLU A 60 -14.60 -12.72 3.79
N SER A 61 -13.48 -12.00 3.72
CA SER A 61 -12.93 -11.31 4.88
C SER A 61 -12.58 -9.87 4.52
N PRO A 62 -13.57 -9.06 4.24
CA PRO A 62 -13.36 -7.64 3.85
C PRO A 62 -12.94 -6.78 5.06
N SER A 63 -12.96 -7.40 6.23
CA SER A 63 -12.59 -6.71 7.46
C SER A 63 -11.10 -6.40 7.49
N LYS A 64 -10.38 -6.85 6.46
CA LYS A 64 -8.94 -6.62 6.37
C LYS A 64 -8.61 -5.69 5.19
N PRO A 65 -8.75 -4.40 5.37
CA PRO A 65 -8.47 -3.41 4.30
C PRO A 65 -6.97 -3.11 4.16
N LEU A 66 -6.57 -2.60 3.00
CA LEU A 66 -5.17 -2.25 2.78
C LEU A 66 -4.89 -0.87 3.33
N PHE A 67 -4.16 -0.80 4.44
CA PHE A 67 -3.83 0.49 5.06
C PHE A 67 -2.40 0.87 4.71
N VAL A 68 -2.27 1.84 3.81
CA VAL A 68 -0.94 2.30 3.37
C VAL A 68 -0.92 3.81 3.20
N GLU A 69 0.28 4.37 3.25
CA GLU A 69 0.46 5.82 3.06
C GLU A 69 0.93 6.07 1.64
N LEU A 70 0.13 6.79 0.86
CA LEU A 70 0.47 7.08 -0.53
C LEU A 70 0.67 8.58 -0.75
N ARG A 71 1.66 8.91 -1.58
CA ARG A 71 1.96 10.30 -1.88
C ARG A 71 0.92 10.88 -2.82
N LYS A 72 0.85 12.20 -2.84
CA LYS A 72 -0.09 12.89 -3.72
C LYS A 72 0.49 12.96 -5.12
N ASN A 73 1.75 12.50 -5.26
CA ASN A 73 2.44 12.53 -6.55
C ASN A 73 2.30 11.20 -7.29
N VAL A 74 1.99 10.12 -6.58
CA VAL A 74 1.83 8.81 -7.22
C VAL A 74 0.38 8.58 -7.60
N LEU A 75 0.18 7.78 -8.64
CA LEU A 75 -1.14 7.48 -9.14
C LEU A 75 -1.79 6.31 -8.37
N VAL A 76 -3.04 6.02 -8.70
CA VAL A 76 -3.78 4.95 -8.02
C VAL A 76 -3.11 3.58 -8.26
N SER A 77 -2.72 3.34 -9.48
CA SER A 77 -2.10 2.06 -9.84
C SER A 77 -1.14 1.56 -8.74
N GLU A 78 -0.61 2.47 -7.93
CA GLU A 78 0.33 2.06 -6.87
C GLU A 78 -0.39 1.32 -5.74
N ALA A 79 -1.66 1.66 -5.52
CA ALA A 79 -2.44 1.04 -4.44
C ALA A 79 -2.35 -0.48 -4.45
N ILE A 80 -2.61 -1.10 -5.61
CA ILE A 80 -2.58 -2.55 -5.71
C ILE A 80 -1.17 -3.12 -5.55
N GLY A 81 -0.18 -2.45 -6.11
CA GLY A 81 1.20 -2.92 -6.05
C GLY A 81 1.68 -3.16 -4.61
N TYR A 82 1.30 -2.25 -3.71
CA TYR A 82 1.72 -2.36 -2.32
C TYR A 82 1.12 -3.60 -1.64
N ILE A 83 -0.01 -4.06 -2.18
CA ILE A 83 -0.71 -5.21 -1.60
C ILE A 83 0.24 -6.40 -1.41
N LEU A 84 1.21 -6.53 -2.29
CA LEU A 84 2.17 -7.64 -2.19
C LEU A 84 2.94 -7.56 -0.88
N LEU A 85 3.35 -6.34 -0.52
CA LEU A 85 4.11 -6.14 0.72
C LEU A 85 3.28 -6.53 1.94
N GLN A 86 2.02 -6.12 1.94
CA GLN A 86 1.12 -6.43 3.05
C GLN A 86 0.82 -7.91 3.10
N TYR A 87 0.73 -8.52 1.92
CA TYR A 87 0.44 -9.95 1.83
C TYR A 87 1.53 -10.75 2.55
N VAL A 88 2.78 -10.44 2.23
CA VAL A 88 3.91 -11.13 2.85
C VAL A 88 4.01 -10.80 4.33
N ASN A 89 3.87 -9.51 4.65
CA ASN A 89 3.97 -9.06 6.03
C ASN A 89 2.85 -9.62 6.89
N GLN A 90 1.63 -9.62 6.37
CA GLN A 90 0.47 -10.12 7.12
C GLN A 90 0.21 -11.60 6.83
N GLN A 91 0.89 -12.14 5.82
CA GLN A 91 0.71 -13.55 5.45
C GLN A 91 -0.77 -13.91 5.50
N LEU A 92 -1.59 -13.11 4.82
CA LEU A 92 -3.03 -13.33 4.78
C LEU A 92 -3.61 -12.76 3.49
N VAL A 93 -4.82 -12.22 3.57
CA VAL A 93 -5.48 -11.65 2.40
C VAL A 93 -5.64 -12.72 1.30
N PRO A 94 -6.84 -12.95 0.79
CA PRO A 94 -7.05 -13.97 -0.27
C PRO A 94 -5.92 -13.95 -1.30
N PRO A 95 -5.66 -15.07 -1.94
CA PRO A 95 -4.58 -15.16 -2.97
C PRO A 95 -4.95 -14.46 -4.28
N ILE A 96 -4.06 -13.59 -4.75
CA ILE A 96 -4.28 -12.85 -5.99
C ILE A 96 -3.17 -13.20 -6.99
N GLU A 97 -3.57 -13.59 -8.20
CA GLU A 97 -2.59 -13.94 -9.22
C GLU A 97 -1.76 -12.71 -9.60
N ASP A 98 -0.51 -12.96 -10.00
CA ASP A 98 0.39 -11.88 -10.36
C ASP A 98 -0.12 -11.15 -11.60
N GLU A 99 -0.70 -11.90 -12.52
CA GLU A 99 -1.23 -11.31 -13.74
C GLU A 99 -2.32 -10.30 -13.42
N ALA A 100 -2.92 -10.44 -12.24
CA ALA A 100 -3.98 -9.53 -11.81
C ALA A 100 -3.41 -8.35 -11.03
N GLN A 101 -2.11 -8.38 -10.76
CA GLN A 101 -1.47 -7.30 -10.03
C GLN A 101 -1.50 -6.00 -10.84
N ASN A 102 -1.26 -6.12 -12.13
CA ASN A 102 -1.26 -4.95 -13.01
C ASN A 102 -2.70 -4.45 -13.21
N PRO A 103 -2.90 -3.16 -13.35
CA PRO A 103 -4.26 -2.58 -13.53
C PRO A 103 -4.89 -2.94 -14.88
N ASN A 104 -4.07 -3.37 -15.82
CA ASN A 104 -4.58 -3.74 -17.15
C ASN A 104 -5.50 -4.95 -17.09
N TYR A 105 -5.20 -5.89 -16.20
CA TYR A 105 -6.01 -7.10 -16.07
C TYR A 105 -7.32 -6.84 -15.31
N TRP A 106 -7.26 -6.02 -14.27
CA TRP A 106 -8.46 -5.72 -13.46
C TRP A 106 -8.83 -4.25 -13.52
N ASN A 107 -10.01 -3.93 -13.00
CA ASN A 107 -10.51 -2.55 -12.99
C ASN A 107 -10.71 -2.10 -11.56
N LEU A 108 -10.52 -0.80 -11.31
CA LEU A 108 -10.69 -0.23 -9.98
C LEU A 108 -11.89 0.71 -9.97
N ARG A 109 -12.81 0.49 -9.03
CA ARG A 109 -14.02 1.30 -8.93
C ARG A 109 -14.24 1.75 -7.50
N ILE A 110 -14.71 2.99 -7.34
CA ILE A 110 -14.94 3.56 -6.01
C ILE A 110 -16.23 3.03 -5.41
N VAL A 111 -16.25 2.92 -4.08
CA VAL A 111 -17.43 2.44 -3.38
C VAL A 111 -17.73 3.33 -2.17
N GLU A 112 -18.98 3.33 -1.74
CA GLU A 112 -19.38 4.14 -0.59
C GLU A 112 -18.97 3.45 0.71
N ASP A 113 -19.14 4.14 1.82
CA ASP A 113 -18.79 3.57 3.11
C ASP A 113 -19.70 2.39 3.42
N ASP A 114 -20.81 2.30 2.69
CA ASP A 114 -21.76 1.21 2.87
C ASP A 114 -21.42 0.05 1.93
N GLY A 115 -20.40 0.25 1.10
CA GLY A 115 -19.98 -0.78 0.16
C GLY A 115 -20.82 -0.75 -1.11
N GLU A 116 -21.69 0.25 -1.21
CA GLU A 116 -22.56 0.38 -2.37
C GLU A 116 -21.79 0.93 -3.57
N LEU A 117 -22.04 0.35 -4.74
CA LEU A 117 -21.36 0.77 -5.96
C LEU A 117 -22.00 2.05 -6.51
N ASP A 118 -21.15 3.00 -6.89
CA ASP A 118 -21.61 4.28 -7.45
C ASP A 118 -21.39 4.34 -8.96
N GLU A 119 -22.48 4.23 -9.71
CA GLU A 119 -22.40 4.27 -11.17
C GLU A 119 -22.11 5.69 -11.67
N ASP A 120 -22.70 6.68 -11.02
CA ASP A 120 -22.54 8.08 -11.44
C ASP A 120 -21.15 8.60 -11.16
N PHE A 121 -20.48 8.05 -10.14
CA PHE A 121 -19.14 8.51 -9.80
C PHE A 121 -18.09 7.82 -10.72
N PRO A 122 -17.28 8.56 -11.47
CA PRO A 122 -16.25 7.93 -12.35
C PRO A 122 -15.34 6.98 -11.59
N ALA A 123 -14.81 5.98 -12.30
CA ALA A 123 -13.92 5.02 -11.68
C ALA A 123 -12.47 5.52 -11.74
N LEU A 124 -11.91 5.77 -10.57
CA LEU A 124 -10.52 6.26 -10.50
C LEU A 124 -9.56 5.17 -10.93
N ASP A 125 -8.41 5.58 -11.43
CA ASP A 125 -7.39 4.64 -11.88
C ASP A 125 -6.06 5.37 -12.03
N ARG A 126 -5.21 4.85 -12.91
CA ARG A 126 -3.92 5.47 -13.15
C ARG A 126 -4.13 6.89 -13.65
N VAL A 127 -5.16 7.07 -14.45
CA VAL A 127 -5.47 8.39 -15.00
C VAL A 127 -6.19 9.26 -13.98
N GLY A 128 -6.56 8.67 -12.85
CA GLY A 128 -7.29 9.40 -11.81
C GLY A 128 -6.58 9.32 -10.46
N PRO A 129 -5.75 10.28 -10.13
CA PRO A 129 -5.02 10.30 -8.83
C PRO A 129 -5.95 10.14 -7.64
N LEU A 130 -5.57 9.25 -6.76
CA LEU A 130 -6.32 8.94 -5.57
C LEU A 130 -6.41 10.16 -4.64
N SER A 131 -5.30 10.87 -4.51
CA SER A 131 -5.21 12.02 -3.61
C SER A 131 -6.07 13.21 -4.09
N LYS A 132 -6.20 13.39 -5.39
CA LYS A 132 -6.97 14.52 -5.91
C LYS A 132 -8.44 14.48 -5.49
N PHE A 133 -9.07 13.31 -5.56
CA PHE A 133 -10.48 13.20 -5.18
C PHE A 133 -10.66 13.29 -3.66
N GLY A 134 -9.62 12.96 -2.92
CA GLY A 134 -9.67 13.04 -1.45
C GLY A 134 -10.25 11.80 -0.79
N PHE A 135 -10.68 10.82 -1.58
CA PHE A 135 -11.25 9.60 -0.99
C PHE A 135 -10.14 8.67 -0.53
N ASP A 136 -10.33 8.08 0.65
CA ASP A 136 -9.34 7.18 1.23
C ASP A 136 -9.83 5.73 1.22
N ALA A 137 -10.80 5.44 0.36
CA ALA A 137 -11.35 4.09 0.26
C ALA A 137 -11.66 3.74 -1.19
N PHE A 138 -11.42 2.49 -1.55
CA PHE A 138 -11.68 2.04 -2.92
C PHE A 138 -11.93 0.54 -2.93
N ALA A 139 -12.35 0.03 -4.08
CA ALA A 139 -12.61 -1.40 -4.23
C ALA A 139 -12.25 -1.83 -5.64
N LEU A 140 -11.82 -3.08 -5.80
CA LEU A 140 -11.44 -3.58 -7.12
C LEU A 140 -12.63 -4.25 -7.79
N VAL A 141 -12.94 -3.81 -9.00
CA VAL A 141 -14.06 -4.35 -9.77
C VAL A 141 -13.51 -5.25 -10.87
N LYS A 142 -14.12 -6.42 -11.05
CA LYS A 142 -13.64 -7.37 -12.04
C LYS A 142 -13.75 -6.81 -13.45
N ALA A 143 -12.63 -6.89 -14.18
CA ALA A 143 -12.57 -6.38 -15.55
C ALA A 143 -12.59 -7.54 -16.54
N THR A 144 -13.20 -7.31 -17.70
CA THR A 144 -13.30 -8.35 -18.73
C THR A 144 -12.53 -7.91 -19.99
N PRO A 145 -12.27 -8.78 -20.93
CA PRO A 145 -11.50 -8.40 -22.16
C PRO A 145 -12.08 -7.14 -22.83
N ALA A 146 -13.40 -7.05 -22.87
CA ALA A 146 -14.05 -5.90 -23.48
C ALA A 146 -13.74 -4.63 -22.67
N GLN A 147 -13.87 -4.73 -21.37
CA GLN A 147 -13.60 -3.60 -20.49
C GLN A 147 -12.11 -3.25 -20.51
N ILE A 148 -11.26 -4.28 -20.53
CA ILE A 148 -9.83 -4.09 -20.56
C ILE A 148 -9.43 -3.36 -21.85
N LYS A 149 -10.05 -3.79 -22.94
CA LYS A 149 -9.77 -3.20 -24.25
C LYS A 149 -10.06 -1.70 -24.22
N GLU A 150 -11.22 -1.33 -23.67
CA GLU A 150 -11.59 0.07 -23.59
C GLU A 150 -10.72 0.80 -22.58
N ASN A 151 -10.47 0.13 -21.45
CA ASN A 151 -9.65 0.70 -20.38
C ASN A 151 -8.23 0.93 -20.87
N GLN A 152 -7.74 0.00 -21.70
CA GLN A 152 -6.39 0.10 -22.23
C GLN A 152 -6.18 1.45 -22.89
N ALA A 153 -7.16 1.88 -23.68
CA ALA A 153 -7.07 3.17 -24.36
C ALA A 153 -7.11 4.30 -23.34
N ALA A 154 -7.92 4.14 -22.31
CA ALA A 154 -8.06 5.15 -21.26
C ALA A 154 -6.94 5.03 -20.23
N TYR A 155 -6.12 3.97 -20.37
CA TYR A 155 -5.02 3.73 -19.43
C TYR A 155 -3.68 4.25 -20.02
N PRO A 156 -3.13 5.34 -19.52
CA PRO A 156 -1.83 5.86 -20.03
C PRO A 156 -0.71 4.82 -19.91
N PHE A 157 0.20 4.82 -20.88
CA PHE A 157 1.31 3.88 -20.87
C PHE A 157 2.47 4.46 -20.07
N LYS A 158 2.89 3.73 -19.04
CA LYS A 158 3.98 4.19 -18.18
C LYS A 158 5.33 3.89 -18.81
N SER A 159 6.22 4.89 -18.80
CA SER A 159 7.55 4.72 -19.36
C SER A 159 8.40 3.84 -18.46
N LYS A 160 9.33 3.11 -19.06
CA LYS A 160 10.21 2.24 -18.29
C LYS A 160 11.16 3.07 -17.44
N GLY A 1 -1.15 -14.52 39.41
CA GLY A 1 0.28 -14.17 39.64
C GLY A 1 0.97 -13.88 38.29
N PRO A 2 2.19 -13.45 38.34
CA PRO A 2 2.99 -13.14 37.10
C PRO A 2 3.31 -14.40 36.30
N GLY A 3 3.46 -14.23 34.99
CA GLY A 3 3.77 -15.36 34.12
C GLY A 3 5.12 -15.97 34.46
N HIS A 4 6.08 -15.12 34.82
CA HIS A 4 7.41 -15.59 35.18
C HIS A 4 7.39 -16.27 36.54
N MET A 5 7.90 -17.50 36.58
CA MET A 5 7.94 -18.28 37.83
C MET A 5 9.35 -18.83 38.05
N GLY A 6 9.68 -19.12 39.31
CA GLY A 6 11.01 -19.65 39.62
C GLY A 6 12.04 -18.53 39.63
N SER A 7 11.63 -17.34 40.06
CA SER A 7 12.51 -16.20 40.12
C SER A 7 13.69 -16.49 41.05
N VAL A 8 13.43 -17.21 42.13
CA VAL A 8 14.48 -17.56 43.08
C VAL A 8 15.24 -18.80 42.60
N SER A 9 16.55 -18.63 42.40
CA SER A 9 17.40 -19.73 41.94
C SER A 9 18.64 -19.86 42.82
N ASN A 10 19.20 -21.06 42.87
CA ASN A 10 20.39 -21.31 43.67
C ASN A 10 21.56 -20.47 43.16
N ALA A 11 21.68 -20.37 41.83
CA ALA A 11 22.75 -19.59 41.21
C ALA A 11 22.21 -18.80 40.04
N LYS A 12 22.84 -17.66 39.74
CA LYS A 12 22.40 -16.83 38.64
C LYS A 12 22.51 -17.60 37.32
N ALA A 13 23.61 -18.32 37.16
CA ALA A 13 23.82 -19.12 35.96
C ALA A 13 23.43 -18.33 34.71
N PRO A 14 24.05 -17.20 34.48
CA PRO A 14 23.74 -16.34 33.31
C PRO A 14 24.15 -17.01 32.00
N THR A 15 23.36 -16.78 30.95
CA THR A 15 23.64 -17.37 29.65
C THR A 15 22.89 -16.63 28.55
N SER A 16 21.56 -16.64 28.65
CA SER A 16 20.70 -15.97 27.67
C SER A 16 21.00 -16.45 26.25
N ALA A 17 19.94 -16.80 25.52
CA ALA A 17 20.10 -17.27 24.15
C ALA A 17 20.61 -16.14 23.27
N LEU A 18 20.15 -14.91 23.55
CA LEU A 18 20.57 -13.76 22.78
C LEU A 18 22.00 -13.38 23.12
N ARG A 19 22.76 -12.96 22.10
CA ARG A 19 24.15 -12.58 22.31
C ARG A 19 24.25 -11.31 23.14
N ALA A 20 23.36 -10.36 22.86
CA ALA A 20 23.34 -9.08 23.58
C ALA A 20 21.94 -8.79 24.12
N LEU A 21 21.90 -8.06 25.24
CA LEU A 21 20.63 -7.72 25.87
C LEU A 21 19.78 -6.86 24.94
N LEU A 22 20.42 -5.93 24.25
CA LEU A 22 19.70 -5.05 23.33
C LEU A 22 19.35 -5.79 22.05
N GLU A 23 18.14 -5.58 21.55
CA GLU A 23 17.69 -6.23 20.32
C GLU A 23 16.68 -5.35 19.60
N HIS A 24 16.06 -4.43 20.35
CA HIS A 24 15.07 -3.53 19.77
C HIS A 24 15.76 -2.39 19.01
N LYS A 25 15.11 -1.92 17.96
CA LYS A 25 15.65 -0.83 17.14
C LYS A 25 14.68 0.34 17.07
N GLU A 26 15.21 1.55 16.91
CA GLU A 26 14.38 2.74 16.83
C GLU A 26 13.63 2.80 15.50
N ASN A 27 13.90 1.82 14.64
CA ASN A 27 13.25 1.78 13.33
C ASN A 27 11.75 1.62 13.49
N SER A 28 11.01 2.68 13.21
CA SER A 28 9.55 2.65 13.32
C SER A 28 8.95 1.66 12.34
N SER A 29 9.47 1.65 11.11
CA SER A 29 8.96 0.75 10.07
C SER A 29 10.11 -0.01 9.41
N GLN A 30 9.80 -1.19 8.89
CA GLN A 30 10.80 -2.03 8.22
C GLN A 30 10.66 -1.91 6.70
N ASN A 31 11.76 -1.63 6.02
CA ASN A 31 11.75 -1.50 4.55
C ASN A 31 12.14 -2.82 3.91
N GLY A 32 11.36 -3.23 2.90
CA GLY A 32 11.64 -4.48 2.17
C GLY A 32 12.29 -4.18 0.83
N PRO A 33 12.71 -5.21 0.12
CA PRO A 33 13.38 -5.03 -1.22
C PRO A 33 12.52 -4.21 -2.19
N LEU A 34 11.27 -4.61 -2.36
CA LEU A 34 10.35 -3.91 -3.25
C LEU A 34 10.01 -2.53 -2.70
N ALA A 35 9.86 -2.46 -1.38
CA ALA A 35 9.51 -1.20 -0.73
C ALA A 35 10.51 -0.09 -1.09
N GLU A 36 11.75 -0.46 -1.36
CA GLU A 36 12.76 0.53 -1.72
C GLU A 36 12.28 1.36 -2.90
N ASN A 37 11.35 0.81 -3.67
CA ASN A 37 10.80 1.49 -4.83
C ASN A 37 9.43 2.09 -4.53
N PHE A 38 8.57 1.30 -3.89
CA PHE A 38 7.22 1.75 -3.57
C PHE A 38 7.17 2.59 -2.29
N ALA A 39 7.88 2.15 -1.26
CA ALA A 39 7.88 2.86 0.02
C ALA A 39 8.47 4.26 -0.09
N THR A 40 9.34 4.47 -1.08
CA THR A 40 9.97 5.78 -1.25
C THR A 40 8.95 6.83 -1.65
N PHE A 41 7.92 6.44 -2.42
CA PHE A 41 6.89 7.38 -2.86
C PHE A 41 5.62 7.20 -2.01
N SER A 42 5.71 6.38 -0.98
CA SER A 42 4.56 6.13 -0.12
C SER A 42 4.37 7.28 0.87
N GLY A 43 5.31 8.21 0.88
CA GLY A 43 5.23 9.36 1.78
C GLY A 43 5.40 8.93 3.23
N HIS A 44 6.24 7.94 3.46
CA HIS A 44 6.47 7.45 4.82
C HIS A 44 6.97 8.57 5.71
N ALA A 45 7.91 9.37 5.22
CA ALA A 45 8.46 10.47 5.99
C ALA A 45 7.47 11.64 6.03
N GLU A 46 6.44 11.58 5.18
CA GLU A 46 5.43 12.63 5.12
C GLU A 46 4.15 12.18 5.82
N SER A 47 3.81 12.90 6.90
CA SER A 47 2.61 12.58 7.67
C SER A 47 1.35 13.09 6.98
N ASN A 48 1.54 13.87 5.92
CA ASN A 48 0.41 14.43 5.17
C ASN A 48 0.00 13.49 4.04
N ALA A 49 0.52 12.28 4.07
CA ALA A 49 0.19 11.29 3.04
C ALA A 49 -1.28 10.93 3.11
N LEU A 50 -1.87 10.66 1.95
CA LEU A 50 -3.29 10.31 1.90
C LEU A 50 -3.50 8.87 2.35
N ARG A 51 -4.54 8.64 3.14
CA ARG A 51 -4.87 7.30 3.63
C ARG A 51 -5.78 6.60 2.62
N LEU A 52 -5.60 5.28 2.46
CA LEU A 52 -6.42 4.52 1.53
C LEU A 52 -6.79 3.15 2.09
N ASN A 53 -8.06 2.78 1.94
CA ASN A 53 -8.56 1.49 2.41
C ASN A 53 -9.08 0.69 1.23
N ILE A 54 -9.06 -0.64 1.35
CA ILE A 54 -9.53 -1.52 0.27
C ILE A 54 -10.52 -2.56 0.79
N TYR A 55 -11.62 -2.74 0.08
CA TYR A 55 -12.63 -3.73 0.45
C TYR A 55 -13.13 -4.45 -0.79
N PHE A 56 -13.13 -5.79 -0.74
CA PHE A 56 -13.57 -6.59 -1.88
C PHE A 56 -15.11 -6.70 -1.88
N PRO A 57 -15.72 -6.80 -3.03
CA PRO A 57 -17.21 -6.93 -3.13
C PRO A 57 -17.69 -8.20 -2.43
N SER A 58 -16.83 -9.22 -2.46
CA SER A 58 -17.15 -10.49 -1.81
C SER A 58 -16.77 -10.41 -0.34
N SER A 59 -15.96 -9.41 -0.02
CA SER A 59 -15.52 -9.18 1.36
C SER A 59 -15.30 -10.50 2.10
N GLU A 60 -14.22 -11.19 1.76
CA GLU A 60 -13.89 -12.45 2.41
C GLU A 60 -13.08 -12.20 3.69
N SER A 61 -12.34 -11.09 3.69
CA SER A 61 -11.51 -10.72 4.85
C SER A 61 -11.57 -9.21 5.08
N PRO A 62 -12.71 -8.68 5.42
CA PRO A 62 -12.88 -7.23 5.67
C PRO A 62 -12.16 -6.76 6.94
N SER A 63 -11.80 -7.73 7.79
CA SER A 63 -11.11 -7.42 9.02
C SER A 63 -9.69 -6.93 8.76
N LYS A 64 -9.16 -7.21 7.57
CA LYS A 64 -7.79 -6.80 7.22
C LYS A 64 -7.76 -5.95 5.96
N PRO A 65 -8.06 -4.68 6.06
CA PRO A 65 -8.04 -3.74 4.89
C PRO A 65 -6.62 -3.31 4.55
N LEU A 66 -6.43 -2.81 3.33
CA LEU A 66 -5.11 -2.37 2.89
C LEU A 66 -4.84 -0.95 3.41
N PHE A 67 -3.92 -0.85 4.38
CA PHE A 67 -3.56 0.45 4.96
C PHE A 67 -2.21 0.88 4.42
N VAL A 68 -2.20 1.88 3.55
CA VAL A 68 -0.96 2.38 2.97
C VAL A 68 -0.96 3.90 2.89
N GLU A 69 0.24 4.47 2.79
CA GLU A 69 0.39 5.92 2.67
C GLU A 69 0.84 6.27 1.26
N LEU A 70 0.06 7.12 0.58
CA LEU A 70 0.36 7.52 -0.79
C LEU A 70 0.60 9.02 -0.90
N ARG A 71 1.57 9.38 -1.73
CA ARG A 71 1.88 10.79 -1.94
C ARG A 71 0.83 11.46 -2.81
N LYS A 72 0.87 12.78 -2.84
CA LYS A 72 -0.08 13.54 -3.64
C LYS A 72 0.37 13.52 -5.09
N ASN A 73 1.61 13.07 -5.33
CA ASN A 73 2.17 13.04 -6.68
C ASN A 73 2.04 11.67 -7.33
N VAL A 74 1.90 10.60 -6.54
CA VAL A 74 1.77 9.26 -7.11
C VAL A 74 0.33 8.98 -7.53
N LEU A 75 0.19 8.36 -8.70
CA LEU A 75 -1.12 8.05 -9.28
C LEU A 75 -1.77 6.87 -8.56
N VAL A 76 -2.97 6.50 -9.03
CA VAL A 76 -3.72 5.40 -8.44
C VAL A 76 -2.98 4.08 -8.60
N SER A 77 -2.45 3.82 -9.79
CA SER A 77 -1.73 2.56 -10.02
C SER A 77 -0.82 2.23 -8.84
N GLU A 78 -0.40 3.25 -8.11
CA GLU A 78 0.48 3.04 -6.95
C GLU A 78 -0.24 2.30 -5.83
N ALA A 79 -1.54 2.55 -5.69
CA ALA A 79 -2.34 1.93 -4.65
C ALA A 79 -2.17 0.41 -4.59
N ILE A 80 -2.44 -0.27 -5.70
CA ILE A 80 -2.33 -1.72 -5.75
C ILE A 80 -0.88 -2.20 -5.65
N GLY A 81 0.02 -1.48 -6.29
CA GLY A 81 1.43 -1.86 -6.30
C GLY A 81 1.92 -2.32 -4.92
N TYR A 82 1.37 -1.72 -3.86
CA TYR A 82 1.78 -2.07 -2.50
C TYR A 82 1.21 -3.42 -2.04
N ILE A 83 0.09 -3.81 -2.65
CA ILE A 83 -0.58 -5.06 -2.26
C ILE A 83 0.39 -6.23 -2.25
N LEU A 84 1.39 -6.20 -3.12
CA LEU A 84 2.36 -7.28 -3.19
C LEU A 84 3.10 -7.44 -1.87
N LEU A 85 3.52 -6.33 -1.27
CA LEU A 85 4.25 -6.38 -0.01
C LEU A 85 3.36 -6.95 1.09
N GLN A 86 2.10 -6.51 1.12
CA GLN A 86 1.16 -6.98 2.13
C GLN A 86 0.58 -8.34 1.77
N TYR A 87 0.67 -8.72 0.50
CA TYR A 87 0.13 -10.01 0.08
C TYR A 87 0.80 -11.14 0.85
N VAL A 88 2.12 -11.17 0.81
CA VAL A 88 2.88 -12.20 1.51
C VAL A 88 2.82 -11.99 3.03
N ASN A 89 3.06 -10.76 3.46
CA ASN A 89 3.07 -10.43 4.88
C ASN A 89 1.69 -10.58 5.53
N GLN A 90 0.66 -10.10 4.85
CA GLN A 90 -0.69 -10.18 5.42
C GLN A 90 -1.26 -11.58 5.26
N GLN A 91 -0.57 -12.41 4.49
CA GLN A 91 -1.01 -13.78 4.28
C GLN A 91 -2.46 -13.80 3.80
N LEU A 92 -2.80 -12.86 2.91
CA LEU A 92 -4.15 -12.79 2.38
C LEU A 92 -4.56 -14.15 1.80
N VAL A 93 -5.76 -14.60 2.15
CA VAL A 93 -6.24 -15.91 1.67
C VAL A 93 -6.84 -15.81 0.27
N PRO A 94 -7.57 -14.76 -0.05
CA PRO A 94 -8.19 -14.61 -1.40
C PRO A 94 -7.14 -14.78 -2.52
N PRO A 95 -7.47 -15.44 -3.61
CA PRO A 95 -6.52 -15.64 -4.75
C PRO A 95 -6.35 -14.37 -5.58
N ILE A 96 -5.10 -13.99 -5.81
CA ILE A 96 -4.78 -12.79 -6.61
C ILE A 96 -3.97 -13.20 -7.84
N GLU A 97 -4.45 -12.80 -9.02
CA GLU A 97 -3.73 -13.13 -10.25
C GLU A 97 -2.48 -12.28 -10.37
N ASP A 98 -1.43 -12.85 -10.94
CA ASP A 98 -0.20 -12.12 -11.13
C ASP A 98 -0.41 -11.04 -12.18
N GLU A 99 -1.46 -11.19 -12.99
CA GLU A 99 -1.77 -10.21 -14.02
C GLU A 99 -2.72 -9.16 -13.50
N ALA A 100 -3.38 -9.46 -12.38
CA ALA A 100 -4.32 -8.51 -11.79
C ALA A 100 -3.60 -7.43 -10.99
N GLN A 101 -2.29 -7.49 -10.95
CA GLN A 101 -1.51 -6.50 -10.21
C GLN A 101 -1.72 -5.11 -10.81
N ASN A 102 -1.67 -5.03 -12.13
CA ASN A 102 -1.87 -3.74 -12.80
C ASN A 102 -3.36 -3.38 -12.78
N PRO A 103 -3.68 -2.10 -12.74
CA PRO A 103 -5.11 -1.65 -12.72
C PRO A 103 -5.79 -1.86 -14.07
N ASN A 104 -5.00 -2.12 -15.10
CA ASN A 104 -5.55 -2.31 -16.44
C ASN A 104 -6.41 -3.58 -16.52
N TYR A 105 -6.00 -4.62 -15.80
CA TYR A 105 -6.73 -5.89 -15.82
C TYR A 105 -8.07 -5.79 -15.08
N TRP A 106 -8.08 -5.09 -13.95
CA TRP A 106 -9.31 -4.94 -13.14
C TRP A 106 -9.71 -3.48 -13.05
N ASN A 107 -10.89 -3.25 -12.49
CA ASN A 107 -11.43 -1.90 -12.34
C ASN A 107 -11.58 -1.58 -10.85
N LEU A 108 -11.38 -0.31 -10.52
CA LEU A 108 -11.51 0.14 -9.13
C LEU A 108 -12.78 0.98 -8.98
N ARG A 109 -13.66 0.56 -8.07
CA ARG A 109 -14.92 1.27 -7.84
C ARG A 109 -15.02 1.71 -6.39
N ILE A 110 -15.52 2.93 -6.19
CA ILE A 110 -15.67 3.48 -4.85
C ILE A 110 -16.88 2.89 -4.14
N VAL A 111 -16.73 2.70 -2.82
CA VAL A 111 -17.80 2.14 -2.00
C VAL A 111 -18.05 3.03 -0.79
N GLU A 112 -19.27 2.99 -0.27
CA GLU A 112 -19.61 3.79 0.89
C GLU A 112 -19.01 3.17 2.14
N ASP A 113 -18.94 3.93 3.22
CA ASP A 113 -18.37 3.42 4.46
C ASP A 113 -19.08 2.13 4.87
N ASP A 114 -20.36 2.05 4.55
CA ASP A 114 -21.16 0.87 4.88
C ASP A 114 -20.84 -0.27 3.90
N GLY A 115 -20.02 0.03 2.90
CA GLY A 115 -19.64 -0.97 1.91
C GLY A 115 -20.64 -1.06 0.76
N GLU A 116 -21.49 -0.04 0.64
CA GLU A 116 -22.48 -0.01 -0.42
C GLU A 116 -21.84 0.39 -1.75
N LEU A 117 -22.40 -0.10 -2.84
CA LEU A 117 -21.89 0.19 -4.17
C LEU A 117 -22.24 1.61 -4.58
N ASP A 118 -21.33 2.27 -5.29
CA ASP A 118 -21.56 3.65 -5.75
C ASP A 118 -22.25 3.64 -7.11
N GLU A 119 -23.52 4.05 -7.12
CA GLU A 119 -24.30 4.08 -8.35
C GLU A 119 -23.68 5.02 -9.39
N ASP A 120 -22.85 5.95 -8.93
CA ASP A 120 -22.21 6.90 -9.84
C ASP A 120 -21.16 6.20 -10.69
N PHE A 121 -20.59 5.13 -10.17
CA PHE A 121 -19.56 4.38 -10.90
C PHE A 121 -18.46 5.32 -11.39
N PRO A 122 -17.65 5.83 -10.49
CA PRO A 122 -16.53 6.76 -10.83
C PRO A 122 -15.43 6.05 -11.64
N ALA A 123 -14.74 6.81 -12.49
CA ALA A 123 -13.66 6.25 -13.29
C ALA A 123 -12.30 6.68 -12.71
N LEU A 124 -11.54 5.70 -12.24
CA LEU A 124 -10.23 5.97 -11.64
C LEU A 124 -9.12 5.48 -12.57
N ASP A 125 -8.02 5.00 -11.98
CA ASP A 125 -6.85 4.49 -12.71
C ASP A 125 -5.75 5.53 -12.76
N ARG A 126 -4.73 5.26 -13.57
CA ARG A 126 -3.60 6.17 -13.70
C ARG A 126 -4.05 7.53 -14.21
N VAL A 127 -5.07 7.53 -15.06
CA VAL A 127 -5.57 8.78 -15.61
C VAL A 127 -6.46 9.48 -14.60
N GLY A 128 -6.66 8.83 -13.45
CA GLY A 128 -7.51 9.39 -12.41
C GLY A 128 -6.72 9.63 -11.13
N PRO A 129 -6.19 10.81 -10.93
CA PRO A 129 -5.39 11.12 -9.70
C PRO A 129 -6.16 10.75 -8.43
N LEU A 130 -5.49 10.01 -7.56
CA LEU A 130 -6.11 9.56 -6.30
C LEU A 130 -6.44 10.74 -5.38
N SER A 131 -5.53 11.71 -5.32
CA SER A 131 -5.70 12.88 -4.46
C SER A 131 -6.98 13.65 -4.78
N LYS A 132 -7.32 13.77 -6.05
CA LYS A 132 -8.51 14.54 -6.45
C LYS A 132 -9.80 13.96 -5.87
N PHE A 133 -9.91 12.64 -5.84
CA PHE A 133 -11.13 12.03 -5.30
C PHE A 133 -11.23 12.23 -3.80
N GLY A 134 -10.08 12.43 -3.15
CA GLY A 134 -10.07 12.66 -1.71
C GLY A 134 -10.61 11.47 -0.91
N PHE A 135 -11.04 10.43 -1.61
CA PHE A 135 -11.57 9.25 -0.93
C PHE A 135 -10.43 8.36 -0.43
N ASP A 136 -10.58 7.86 0.79
CA ASP A 136 -9.56 7.01 1.41
C ASP A 136 -10.01 5.55 1.44
N ALA A 137 -10.97 5.21 0.58
CA ALA A 137 -11.50 3.84 0.52
C ALA A 137 -11.88 3.49 -0.91
N PHE A 138 -11.67 2.23 -1.29
CA PHE A 138 -11.99 1.78 -2.64
C PHE A 138 -12.27 0.29 -2.64
N ALA A 139 -12.81 -0.21 -3.76
CA ALA A 139 -13.12 -1.62 -3.90
C ALA A 139 -12.74 -2.11 -5.29
N LEU A 140 -12.46 -3.39 -5.40
CA LEU A 140 -12.08 -3.98 -6.69
C LEU A 140 -13.33 -4.51 -7.39
N VAL A 141 -13.55 -4.05 -8.62
CA VAL A 141 -14.72 -4.48 -9.40
C VAL A 141 -14.25 -5.11 -10.70
N LYS A 142 -14.94 -6.17 -11.12
CA LYS A 142 -14.56 -6.87 -12.34
C LYS A 142 -14.74 -5.95 -13.54
N ALA A 143 -13.65 -5.70 -14.26
CA ALA A 143 -13.68 -4.84 -15.43
C ALA A 143 -14.33 -5.57 -16.60
N THR A 144 -13.60 -5.62 -17.73
CA THR A 144 -14.11 -6.29 -18.92
C THR A 144 -12.96 -6.46 -19.94
N PRO A 145 -12.83 -7.61 -20.57
CA PRO A 145 -11.74 -7.81 -21.58
C PRO A 145 -11.61 -6.63 -22.53
N ALA A 146 -12.74 -6.12 -23.01
CA ALA A 146 -12.73 -4.98 -23.93
C ALA A 146 -12.19 -3.74 -23.24
N GLN A 147 -12.58 -3.54 -21.99
CA GLN A 147 -12.13 -2.37 -21.22
C GLN A 147 -10.67 -2.50 -20.84
N ILE A 148 -10.23 -3.73 -20.57
CA ILE A 148 -8.84 -3.98 -20.20
C ILE A 148 -7.92 -3.56 -21.33
N LYS A 149 -8.30 -3.93 -22.55
CA LYS A 149 -7.50 -3.59 -23.72
C LYS A 149 -7.42 -2.08 -23.91
N GLU A 150 -8.53 -1.39 -23.69
CA GLU A 150 -8.55 0.06 -23.85
C GLU A 150 -7.69 0.73 -22.78
N ASN A 151 -7.83 0.28 -21.54
CA ASN A 151 -7.05 0.85 -20.44
C ASN A 151 -5.57 0.59 -20.67
N GLN A 152 -5.25 -0.61 -21.14
CA GLN A 152 -3.87 -1.00 -21.41
C GLN A 152 -3.28 -0.15 -22.53
N ALA A 153 -4.09 0.15 -23.54
CA ALA A 153 -3.63 0.94 -24.67
C ALA A 153 -3.17 2.33 -24.23
N ALA A 154 -3.92 2.94 -23.31
CA ALA A 154 -3.57 4.26 -22.82
C ALA A 154 -2.28 4.23 -22.01
N TYR A 155 -2.10 3.16 -21.22
CA TYR A 155 -0.90 3.02 -20.40
C TYR A 155 -0.32 1.61 -20.53
N PRO A 156 0.36 1.33 -21.60
CA PRO A 156 0.98 -0.01 -21.83
C PRO A 156 2.01 -0.36 -20.75
N PHE A 157 2.07 -1.64 -20.39
CA PHE A 157 3.00 -2.10 -19.37
C PHE A 157 4.34 -2.48 -19.99
N LYS A 158 5.41 -1.86 -19.50
CA LYS A 158 6.75 -2.13 -20.02
C LYS A 158 7.26 -3.48 -19.52
N SER A 159 7.96 -4.20 -20.39
CA SER A 159 8.51 -5.49 -20.03
C SER A 159 9.67 -5.32 -19.04
N LYS A 160 9.74 -6.21 -18.05
CA LYS A 160 10.81 -6.13 -17.05
C LYS A 160 12.04 -6.89 -17.53
N GLY A 1 15.25 20.26 35.82
CA GLY A 1 16.36 20.64 36.74
C GLY A 1 16.59 22.15 36.66
N PRO A 2 17.73 22.61 37.10
CA PRO A 2 18.07 24.07 37.08
C PRO A 2 17.90 24.67 35.68
N GLY A 3 18.26 23.90 34.66
CA GLY A 3 18.16 24.38 33.29
C GLY A 3 18.49 23.29 32.29
N HIS A 4 18.35 23.59 31.01
CA HIS A 4 18.64 22.61 29.97
C HIS A 4 20.13 22.27 29.96
N MET A 5 20.97 23.30 30.13
CA MET A 5 22.42 23.09 30.15
C MET A 5 22.89 22.81 31.57
N GLY A 6 23.69 21.77 31.73
CA GLY A 6 24.20 21.41 33.05
C GLY A 6 25.42 22.24 33.42
N SER A 7 25.19 23.31 34.19
CA SER A 7 26.29 24.18 34.60
C SER A 7 27.21 23.47 35.59
N VAL A 8 26.72 22.39 36.17
CA VAL A 8 27.49 21.63 37.14
C VAL A 8 28.78 21.10 36.50
N SER A 9 28.66 20.55 35.29
CA SER A 9 29.81 19.99 34.58
C SER A 9 29.96 20.67 33.22
N ASN A 10 31.21 20.80 32.77
CA ASN A 10 31.49 21.44 31.48
C ASN A 10 31.65 20.41 30.38
N ALA A 11 31.13 20.73 29.20
CA ALA A 11 31.22 19.85 28.04
C ALA A 11 30.80 18.42 28.41
N LYS A 12 29.50 18.22 28.57
CA LYS A 12 28.98 16.90 28.91
C LYS A 12 28.87 16.05 27.65
N ALA A 13 29.19 14.76 27.77
CA ALA A 13 29.14 13.85 26.62
C ALA A 13 28.94 12.41 27.08
N PRO A 14 27.89 12.14 27.80
CA PRO A 14 27.60 10.76 28.29
C PRO A 14 27.31 9.80 27.13
N THR A 15 26.89 10.38 26.00
CA THR A 15 26.59 9.59 24.80
C THR A 15 27.16 10.30 23.57
N SER A 16 27.31 9.55 22.48
CA SER A 16 27.83 10.13 21.24
C SER A 16 26.77 10.99 20.57
N ALA A 17 27.21 11.96 19.76
CA ALA A 17 26.28 12.85 19.06
C ALA A 17 26.26 12.52 17.57
N LEU A 18 27.36 11.99 17.06
CA LEU A 18 27.44 11.63 15.66
C LEU A 18 26.41 10.55 15.32
N ARG A 19 26.29 9.57 16.19
CA ARG A 19 25.35 8.48 15.97
C ARG A 19 23.92 8.94 16.28
N ALA A 20 22.98 8.51 15.45
CA ALA A 20 21.59 8.88 15.65
C ALA A 20 20.66 8.05 14.76
N LEU A 21 21.25 7.29 13.84
CA LEU A 21 20.47 6.44 12.94
C LEU A 21 20.17 5.11 13.62
N LEU A 22 18.88 4.85 13.82
CA LEU A 22 18.44 3.61 14.45
C LEU A 22 19.17 3.38 15.78
N GLU A 23 18.42 3.45 16.88
CA GLU A 23 18.99 3.24 18.20
C GLU A 23 19.51 1.82 18.34
N HIS A 24 18.80 0.87 17.74
CA HIS A 24 19.18 -0.53 17.82
C HIS A 24 20.31 -0.83 16.82
N LYS A 25 21.35 -1.50 17.30
CA LYS A 25 22.47 -1.86 16.46
C LYS A 25 22.03 -2.80 15.34
N GLU A 26 21.18 -3.75 15.68
CA GLU A 26 20.67 -4.71 14.70
C GLU A 26 19.61 -4.06 13.82
N ASN A 27 19.40 -4.63 12.64
CA ASN A 27 18.42 -4.11 11.70
C ASN A 27 17.06 -4.74 11.97
N SER A 28 16.15 -3.95 12.54
CA SER A 28 14.80 -4.43 12.85
C SER A 28 13.75 -3.48 12.27
N SER A 29 14.12 -2.80 11.18
CA SER A 29 13.21 -1.86 10.54
C SER A 29 12.10 -2.58 9.80
N GLN A 30 11.01 -1.87 9.56
CA GLN A 30 9.86 -2.45 8.86
C GLN A 30 10.05 -2.36 7.35
N ASN A 31 10.98 -1.52 6.92
CA ASN A 31 11.24 -1.34 5.50
C ASN A 31 11.95 -2.57 4.92
N GLY A 32 11.30 -3.19 3.93
CA GLY A 32 11.86 -4.37 3.27
C GLY A 32 12.56 -3.98 1.98
N PRO A 33 13.25 -4.88 1.35
CA PRO A 33 13.98 -4.60 0.07
C PRO A 33 13.02 -4.05 -0.99
N LEU A 34 11.89 -4.72 -1.16
CA LEU A 34 10.89 -4.28 -2.12
C LEU A 34 10.30 -2.94 -1.69
N ALA A 35 10.11 -2.81 -0.37
CA ALA A 35 9.54 -1.61 0.19
C ALA A 35 10.33 -0.37 -0.21
N GLU A 36 11.61 -0.54 -0.49
CA GLU A 36 12.44 0.59 -0.88
C GLU A 36 11.88 1.24 -2.15
N ASN A 37 11.61 0.41 -3.16
CA ASN A 37 11.08 0.90 -4.42
C ASN A 37 9.69 1.52 -4.24
N PHE A 38 8.85 0.88 -3.43
CA PHE A 38 7.48 1.35 -3.22
C PHE A 38 7.43 2.49 -2.18
N ALA A 39 8.27 2.40 -1.16
CA ALA A 39 8.28 3.40 -0.11
C ALA A 39 8.65 4.79 -0.63
N THR A 40 9.35 4.84 -1.75
CA THR A 40 9.73 6.13 -2.33
C THR A 40 8.51 6.94 -2.73
N PHE A 41 7.46 6.24 -3.18
CA PHE A 41 6.24 6.93 -3.59
C PHE A 41 5.17 6.87 -2.49
N SER A 42 5.55 6.32 -1.34
CA SER A 42 4.61 6.19 -0.23
C SER A 42 4.46 7.50 0.54
N GLY A 43 5.39 8.42 0.35
CA GLY A 43 5.34 9.70 1.04
C GLY A 43 5.49 9.49 2.54
N HIS A 44 6.27 8.48 2.91
CA HIS A 44 6.50 8.15 4.31
C HIS A 44 7.21 9.30 5.01
N ALA A 45 8.09 9.98 4.28
CA ALA A 45 8.82 11.10 4.85
C ALA A 45 7.92 12.32 4.99
N GLU A 46 6.78 12.29 4.30
CA GLU A 46 5.81 13.38 4.36
C GLU A 46 4.53 12.92 5.04
N SER A 47 4.20 13.55 6.17
CA SER A 47 3.00 13.19 6.91
C SER A 47 1.75 13.58 6.13
N ASN A 48 1.94 14.35 5.06
CA ASN A 48 0.83 14.80 4.24
C ASN A 48 0.42 13.71 3.24
N ALA A 49 0.88 12.49 3.49
CA ALA A 49 0.56 11.37 2.62
C ALA A 49 -0.92 11.04 2.70
N LEU A 50 -1.47 10.54 1.59
CA LEU A 50 -2.88 10.19 1.54
C LEU A 50 -3.11 8.79 2.12
N ARG A 51 -4.03 8.69 3.08
CA ARG A 51 -4.36 7.40 3.68
C ARG A 51 -5.33 6.67 2.76
N LEU A 52 -5.30 5.33 2.75
CA LEU A 52 -6.19 4.57 1.87
C LEU A 52 -6.52 3.19 2.43
N ASN A 53 -7.77 2.78 2.20
CA ASN A 53 -8.27 1.48 2.64
C ASN A 53 -8.89 0.76 1.46
N ILE A 54 -8.91 -0.57 1.49
CA ILE A 54 -9.47 -1.36 0.38
C ILE A 54 -10.46 -2.41 0.89
N TYR A 55 -11.47 -2.70 0.08
CA TYR A 55 -12.48 -3.69 0.42
C TYR A 55 -12.96 -4.39 -0.86
N PHE A 56 -12.38 -5.53 -1.17
CA PHE A 56 -12.77 -6.26 -2.38
C PHE A 56 -14.12 -6.96 -2.16
N PRO A 57 -15.06 -6.86 -3.09
CA PRO A 57 -16.39 -7.52 -2.93
C PRO A 57 -16.28 -9.04 -3.06
N SER A 58 -15.33 -9.50 -3.87
CA SER A 58 -15.12 -10.93 -4.09
C SER A 58 -14.46 -11.57 -2.87
N SER A 59 -13.71 -10.77 -2.12
CA SER A 59 -13.03 -11.28 -0.93
C SER A 59 -14.03 -11.68 0.15
N GLU A 60 -13.74 -12.78 0.82
CA GLU A 60 -14.60 -13.27 1.89
C GLU A 60 -14.13 -12.71 3.23
N SER A 61 -12.96 -12.06 3.20
CA SER A 61 -12.37 -11.48 4.41
C SER A 61 -12.18 -9.98 4.25
N PRO A 62 -13.25 -9.21 4.28
CA PRO A 62 -13.18 -7.72 4.13
C PRO A 62 -12.64 -7.06 5.41
N SER A 63 -12.53 -7.83 6.47
CA SER A 63 -12.05 -7.30 7.74
C SER A 63 -10.57 -6.93 7.68
N LYS A 64 -9.90 -7.36 6.60
CA LYS A 64 -8.46 -7.07 6.43
C LYS A 64 -8.24 -6.14 5.24
N PRO A 65 -8.43 -4.84 5.40
CA PRO A 65 -8.25 -3.84 4.30
C PRO A 65 -6.77 -3.48 4.10
N LEU A 66 -6.46 -2.93 2.93
CA LEU A 66 -5.09 -2.52 2.63
C LEU A 66 -4.82 -1.14 3.18
N PHE A 67 -4.02 -1.06 4.25
CA PHE A 67 -3.69 0.23 4.86
C PHE A 67 -2.31 0.67 4.40
N VAL A 68 -2.28 1.66 3.52
CA VAL A 68 -1.01 2.17 2.97
C VAL A 68 -1.06 3.68 2.80
N GLU A 69 0.11 4.30 2.74
CA GLU A 69 0.21 5.75 2.57
C GLU A 69 0.82 6.03 1.20
N LEU A 70 0.06 6.71 0.33
CA LEU A 70 0.52 7.04 -1.03
C LEU A 70 0.70 8.54 -1.22
N ARG A 71 1.59 8.86 -2.16
CA ARG A 71 1.89 10.25 -2.51
C ARG A 71 0.70 10.92 -3.18
N LYS A 72 0.61 12.23 -3.01
CA LYS A 72 -0.48 13.01 -3.58
C LYS A 72 -0.30 13.21 -5.08
N ASN A 73 0.95 13.35 -5.51
CA ASN A 73 1.25 13.57 -6.93
C ASN A 73 1.48 12.24 -7.64
N VAL A 74 1.20 11.15 -6.94
CA VAL A 74 1.38 9.80 -7.49
C VAL A 74 0.03 9.16 -7.82
N LEU A 75 -0.03 8.53 -9.00
CA LEU A 75 -1.24 7.90 -9.51
C LEU A 75 -1.71 6.74 -8.62
N VAL A 76 -2.89 6.22 -8.95
CA VAL A 76 -3.49 5.10 -8.24
C VAL A 76 -2.71 3.82 -8.48
N SER A 77 -1.98 3.78 -9.60
CA SER A 77 -1.21 2.61 -9.96
C SER A 77 -0.51 1.97 -8.75
N GLU A 78 0.10 2.81 -7.92
CA GLU A 78 0.83 2.31 -6.75
C GLU A 78 -0.12 1.73 -5.69
N ALA A 79 -1.39 2.11 -5.74
CA ALA A 79 -2.36 1.62 -4.75
C ALA A 79 -2.30 0.11 -4.59
N ILE A 80 -2.47 -0.62 -5.70
CA ILE A 80 -2.46 -2.09 -5.65
C ILE A 80 -1.04 -2.64 -5.59
N GLY A 81 -0.07 -1.88 -6.08
CA GLY A 81 1.32 -2.33 -6.11
C GLY A 81 1.84 -2.70 -4.72
N TYR A 82 1.47 -1.91 -3.72
CA TYR A 82 1.93 -2.17 -2.35
C TYR A 82 1.33 -3.45 -1.80
N ILE A 83 0.17 -3.83 -2.33
CA ILE A 83 -0.54 -5.03 -1.86
C ILE A 83 0.37 -6.25 -1.78
N LEU A 84 1.40 -6.29 -2.62
CA LEU A 84 2.31 -7.44 -2.63
C LEU A 84 3.00 -7.60 -1.28
N LEU A 85 3.46 -6.49 -0.70
CA LEU A 85 4.13 -6.55 0.58
C LEU A 85 3.18 -7.01 1.69
N GLN A 86 1.96 -6.46 1.68
CA GLN A 86 0.98 -6.79 2.71
C GLN A 86 0.45 -8.21 2.55
N TYR A 87 0.26 -8.66 1.32
CA TYR A 87 -0.28 -10.00 1.09
C TYR A 87 0.60 -11.06 1.73
N VAL A 88 1.90 -10.99 1.47
CA VAL A 88 2.83 -11.96 2.03
C VAL A 88 2.92 -11.79 3.55
N ASN A 89 3.01 -10.53 3.99
CA ASN A 89 3.13 -10.25 5.42
C ASN A 89 1.87 -10.64 6.19
N GLN A 90 0.70 -10.32 5.64
CA GLN A 90 -0.57 -10.62 6.31
C GLN A 90 -1.15 -11.97 5.86
N GLN A 91 -0.57 -12.54 4.81
CA GLN A 91 -1.04 -13.84 4.30
C GLN A 91 -2.56 -13.88 4.20
N LEU A 92 -3.14 -12.91 3.49
CA LEU A 92 -4.61 -12.88 3.33
C LEU A 92 -5.10 -14.21 2.79
N VAL A 93 -6.22 -14.69 3.34
CA VAL A 93 -6.80 -15.95 2.92
C VAL A 93 -7.24 -15.92 1.45
N PRO A 94 -8.07 -14.98 1.02
CA PRO A 94 -8.51 -14.91 -0.40
C PRO A 94 -7.30 -14.89 -1.36
N PRO A 95 -7.25 -15.76 -2.36
CA PRO A 95 -6.11 -15.78 -3.32
C PRO A 95 -6.21 -14.67 -4.35
N ILE A 96 -5.09 -14.00 -4.61
CA ILE A 96 -5.04 -12.91 -5.60
C ILE A 96 -4.08 -13.26 -6.73
N GLU A 97 -4.54 -13.09 -7.97
CA GLU A 97 -3.70 -13.40 -9.12
C GLU A 97 -2.58 -12.37 -9.24
N ASP A 98 -1.39 -12.86 -9.62
CA ASP A 98 -0.25 -11.97 -9.80
C ASP A 98 -0.48 -11.09 -11.01
N GLU A 99 -1.35 -11.53 -11.92
CA GLU A 99 -1.63 -10.76 -13.14
C GLU A 99 -2.81 -9.82 -12.91
N ALA A 100 -3.56 -10.03 -11.84
CA ALA A 100 -4.71 -9.18 -11.54
C ALA A 100 -4.26 -7.89 -10.89
N GLN A 101 -3.02 -7.88 -10.42
CA GLN A 101 -2.47 -6.70 -9.77
C GLN A 101 -2.35 -5.56 -10.77
N ASN A 102 -1.94 -5.91 -11.99
CA ASN A 102 -1.80 -4.92 -13.04
C ASN A 102 -3.09 -4.08 -13.11
N PRO A 103 -3.05 -2.82 -12.74
CA PRO A 103 -4.27 -1.95 -12.77
C PRO A 103 -5.04 -2.09 -14.09
N ASN A 104 -4.34 -2.42 -15.16
CA ASN A 104 -4.99 -2.55 -16.45
C ASN A 104 -5.98 -3.72 -16.46
N TYR A 105 -5.65 -4.78 -15.73
CA TYR A 105 -6.51 -5.97 -15.68
C TYR A 105 -7.79 -5.71 -14.88
N TRP A 106 -7.69 -4.99 -13.76
CA TRP A 106 -8.86 -4.71 -12.92
C TRP A 106 -9.09 -3.21 -12.77
N ASN A 107 -10.27 -2.85 -12.28
CA ASN A 107 -10.65 -1.45 -12.09
C ASN A 107 -10.92 -1.19 -10.61
N LEU A 108 -10.72 0.07 -10.19
CA LEU A 108 -10.97 0.45 -8.80
C LEU A 108 -12.20 1.33 -8.72
N ARG A 109 -13.13 0.95 -7.85
CA ARG A 109 -14.38 1.69 -7.66
C ARG A 109 -14.56 2.10 -6.21
N ILE A 110 -15.16 3.26 -6.01
CA ILE A 110 -15.38 3.79 -4.66
C ILE A 110 -16.54 3.08 -3.97
N VAL A 111 -16.37 2.82 -2.67
CA VAL A 111 -17.39 2.14 -1.88
C VAL A 111 -17.66 2.90 -0.58
N GLU A 112 -18.92 2.93 -0.15
CA GLU A 112 -19.30 3.63 1.07
C GLU A 112 -19.14 2.74 2.30
N ASP A 113 -19.37 3.31 3.47
CA ASP A 113 -19.25 2.55 4.71
C ASP A 113 -20.33 1.47 4.78
N ASP A 114 -21.40 1.67 4.01
CA ASP A 114 -22.49 0.71 3.98
C ASP A 114 -22.15 -0.48 3.10
N GLY A 115 -21.01 -0.41 2.42
CA GLY A 115 -20.59 -1.49 1.54
C GLY A 115 -21.36 -1.45 0.23
N GLU A 116 -21.95 -0.30 -0.07
CA GLU A 116 -22.71 -0.12 -1.31
C GLU A 116 -21.88 0.59 -2.37
N LEU A 117 -21.61 -0.12 -3.46
CA LEU A 117 -20.80 0.44 -4.54
C LEU A 117 -21.63 1.37 -5.42
N ASP A 118 -21.06 2.53 -5.73
CA ASP A 118 -21.75 3.52 -6.58
C ASP A 118 -21.28 3.39 -8.01
N GLU A 119 -22.17 2.93 -8.89
CA GLU A 119 -21.83 2.76 -10.30
C GLU A 119 -21.97 4.10 -11.03
N ASP A 120 -22.61 5.07 -10.38
CA ASP A 120 -22.80 6.39 -10.99
C ASP A 120 -21.48 7.14 -11.04
N PHE A 121 -20.52 6.72 -10.22
CA PHE A 121 -19.20 7.36 -10.16
C PHE A 121 -18.21 6.64 -11.07
N PRO A 122 -17.22 7.34 -11.59
CA PRO A 122 -16.19 6.73 -12.47
C PRO A 122 -15.22 5.83 -11.70
N ALA A 123 -14.52 4.96 -12.42
CA ALA A 123 -13.55 4.07 -11.80
C ALA A 123 -12.15 4.66 -11.95
N LEU A 124 -11.55 5.02 -10.83
CA LEU A 124 -10.21 5.61 -10.85
C LEU A 124 -9.17 4.55 -11.21
N ASP A 125 -8.06 5.01 -11.78
CA ASP A 125 -6.99 4.09 -12.19
C ASP A 125 -5.68 4.84 -12.37
N ARG A 126 -4.79 4.28 -13.18
CA ARG A 126 -3.49 4.88 -13.43
C ARG A 126 -3.66 6.28 -14.00
N VAL A 127 -4.71 6.44 -14.80
CA VAL A 127 -5.00 7.73 -15.43
C VAL A 127 -5.82 8.62 -14.51
N GLY A 128 -6.25 8.05 -13.39
CA GLY A 128 -7.07 8.79 -12.43
C GLY A 128 -6.28 9.07 -11.15
N PRO A 129 -5.71 10.24 -10.99
CA PRO A 129 -4.94 10.56 -9.76
C PRO A 129 -5.73 10.30 -8.48
N LEU A 130 -5.09 9.62 -7.53
CA LEU A 130 -5.72 9.28 -6.27
C LEU A 130 -6.10 10.54 -5.48
N SER A 131 -5.21 11.52 -5.50
CA SER A 131 -5.44 12.78 -4.77
C SER A 131 -6.58 13.60 -5.37
N LYS A 132 -7.03 13.23 -6.57
CA LYS A 132 -8.09 13.99 -7.23
C LYS A 132 -9.35 14.06 -6.37
N PHE A 133 -9.78 12.92 -5.82
CA PHE A 133 -10.98 12.90 -4.98
C PHE A 133 -10.62 12.88 -3.51
N GLY A 134 -9.41 12.41 -3.21
CA GLY A 134 -8.92 12.37 -1.84
C GLY A 134 -9.67 11.36 -0.96
N PHE A 135 -10.21 10.29 -1.55
CA PHE A 135 -10.92 9.29 -0.75
C PHE A 135 -9.92 8.35 -0.09
N ASP A 136 -10.21 7.97 1.15
CA ASP A 136 -9.34 7.07 1.90
C ASP A 136 -9.85 5.63 1.86
N ALA A 137 -10.81 5.35 0.98
CA ALA A 137 -11.37 4.01 0.88
C ALA A 137 -11.79 3.71 -0.56
N PHE A 138 -11.52 2.50 -1.02
CA PHE A 138 -11.88 2.09 -2.38
C PHE A 138 -12.19 0.59 -2.43
N ALA A 139 -12.75 0.17 -3.56
CA ALA A 139 -13.11 -1.23 -3.76
C ALA A 139 -12.63 -1.67 -5.13
N LEU A 140 -12.37 -2.97 -5.27
CA LEU A 140 -11.90 -3.50 -6.56
C LEU A 140 -13.10 -3.96 -7.37
N VAL A 141 -13.23 -3.44 -8.59
CA VAL A 141 -14.34 -3.79 -9.47
C VAL A 141 -13.81 -4.47 -10.73
N LYS A 142 -14.50 -5.53 -11.13
CA LYS A 142 -14.11 -6.32 -12.29
C LYS A 142 -14.17 -5.50 -13.58
N ALA A 143 -13.19 -5.74 -14.45
CA ALA A 143 -13.10 -5.05 -15.73
C ALA A 143 -12.87 -6.06 -16.85
N THR A 144 -13.91 -6.36 -17.60
CA THR A 144 -13.81 -7.33 -18.69
C THR A 144 -12.91 -6.80 -19.79
N PRO A 145 -12.63 -7.59 -20.81
CA PRO A 145 -11.75 -7.16 -21.94
C PRO A 145 -12.19 -5.84 -22.56
N ALA A 146 -13.49 -5.64 -22.67
CA ALA A 146 -14.01 -4.40 -23.25
C ALA A 146 -13.47 -3.18 -22.52
N GLN A 147 -13.54 -3.21 -21.20
CA GLN A 147 -13.07 -2.09 -20.39
C GLN A 147 -11.55 -2.05 -20.29
N ILE A 148 -10.90 -3.22 -20.29
CA ILE A 148 -9.45 -3.27 -20.18
C ILE A 148 -8.81 -2.58 -21.38
N LYS A 149 -9.35 -2.85 -22.57
CA LYS A 149 -8.82 -2.25 -23.79
C LYS A 149 -8.92 -0.72 -23.70
N GLU A 150 -10.01 -0.24 -23.12
CA GLU A 150 -10.20 1.20 -22.99
C GLU A 150 -9.12 1.80 -22.09
N ASN A 151 -8.91 1.18 -20.94
CA ASN A 151 -7.90 1.65 -20.00
C ASN A 151 -6.50 1.54 -20.61
N GLN A 152 -6.26 0.43 -21.30
CA GLN A 152 -4.97 0.20 -21.93
C GLN A 152 -4.69 1.23 -23.02
N ALA A 153 -5.71 1.55 -23.80
CA ALA A 153 -5.55 2.51 -24.89
C ALA A 153 -5.10 3.87 -24.37
N ALA A 154 -5.70 4.32 -23.28
CA ALA A 154 -5.35 5.61 -22.69
C ALA A 154 -3.93 5.59 -22.15
N TYR A 155 -3.55 4.50 -21.48
CA TYR A 155 -2.21 4.38 -20.91
C TYR A 155 -1.61 3.01 -21.21
N PRO A 156 -1.02 2.84 -22.36
CA PRO A 156 -0.38 1.54 -22.74
C PRO A 156 0.67 1.11 -21.73
N PHE A 157 0.78 -0.20 -21.50
CA PHE A 157 1.74 -0.72 -20.54
C PHE A 157 3.14 -0.77 -21.15
N LYS A 158 4.12 -0.21 -20.44
CA LYS A 158 5.50 -0.19 -20.91
C LYS A 158 6.23 -1.44 -20.43
N SER A 159 7.01 -2.04 -21.32
CA SER A 159 7.76 -3.24 -20.98
C SER A 159 8.95 -2.89 -20.07
N LYS A 160 9.34 -3.83 -19.21
CA LYS A 160 10.46 -3.59 -18.30
C LYS A 160 11.78 -3.84 -19.03
N GLY A 1 55.84 -26.84 34.08
CA GLY A 1 55.55 -26.17 32.77
C GLY A 1 54.05 -26.16 32.52
N PRO A 2 53.32 -25.34 33.25
CA PRO A 2 51.84 -25.22 33.10
C PRO A 2 51.44 -24.73 31.71
N GLY A 3 50.32 -25.23 31.20
CA GLY A 3 49.85 -24.82 29.88
C GLY A 3 49.21 -23.43 29.95
N HIS A 4 48.81 -22.90 28.80
CA HIS A 4 48.19 -21.58 28.78
C HIS A 4 46.87 -21.60 29.54
N MET A 5 46.83 -20.81 30.63
CA MET A 5 45.62 -20.73 31.46
C MET A 5 45.41 -19.28 31.92
N GLY A 6 44.21 -18.77 31.75
CA GLY A 6 43.92 -17.40 32.17
C GLY A 6 42.42 -17.11 32.14
N SER A 7 42.05 -15.95 32.66
CA SER A 7 40.64 -15.54 32.70
C SER A 7 40.55 -14.02 32.82
N VAL A 8 39.35 -13.48 32.59
CA VAL A 8 39.13 -12.04 32.67
C VAL A 8 38.08 -11.71 33.73
N SER A 9 38.16 -10.50 34.28
CA SER A 9 37.22 -10.06 35.31
C SER A 9 35.99 -9.39 34.69
N ASN A 10 34.98 -9.18 35.53
CA ASN A 10 33.74 -8.55 35.06
C ASN A 10 33.92 -7.05 34.93
N ALA A 11 33.80 -6.54 33.70
CA ALA A 11 33.95 -5.11 33.44
C ALA A 11 32.96 -4.64 32.38
N LYS A 12 33.00 -5.27 31.22
CA LYS A 12 32.11 -4.90 30.12
C LYS A 12 30.65 -5.16 30.49
N ALA A 13 30.39 -6.31 31.10
CA ALA A 13 29.02 -6.66 31.50
C ALA A 13 29.03 -7.95 32.32
N PRO A 14 28.06 -8.17 33.18
CA PRO A 14 28.01 -9.42 34.00
C PRO A 14 28.16 -10.68 33.14
N THR A 15 27.43 -10.71 32.03
CA THR A 15 27.48 -11.85 31.11
C THR A 15 26.80 -11.51 29.80
N SER A 16 27.59 -11.32 28.76
CA SER A 16 27.04 -10.99 27.44
C SER A 16 26.39 -12.22 26.81
N ALA A 17 27.21 -13.24 26.53
CA ALA A 17 26.71 -14.47 25.93
C ALA A 17 25.98 -14.16 24.63
N LEU A 18 24.73 -13.69 24.74
CA LEU A 18 23.94 -13.37 23.56
C LEU A 18 22.80 -12.44 23.96
N ARG A 19 22.86 -11.19 23.51
CA ARG A 19 21.82 -10.21 23.82
C ARG A 19 20.95 -9.93 22.59
N ALA A 20 21.38 -10.43 21.44
CA ALA A 20 20.63 -10.23 20.21
C ALA A 20 20.45 -8.73 19.93
N LEU A 21 21.01 -8.27 18.82
CA LEU A 21 20.91 -6.86 18.45
C LEU A 21 19.45 -6.48 18.21
N LEU A 22 18.70 -7.37 17.57
CA LEU A 22 17.30 -7.10 17.30
C LEU A 22 16.51 -6.98 18.61
N GLU A 23 15.65 -5.98 18.68
CA GLU A 23 14.85 -5.74 19.89
C GLU A 23 13.55 -6.53 19.84
N HIS A 24 12.61 -6.06 19.02
CA HIS A 24 11.31 -6.71 18.88
C HIS A 24 10.91 -6.82 17.41
N LYS A 25 10.31 -7.94 17.05
CA LYS A 25 9.88 -8.17 15.67
C LYS A 25 8.50 -7.57 15.43
N GLU A 26 7.83 -7.20 16.52
CA GLU A 26 6.50 -6.61 16.42
C GLU A 26 6.55 -5.29 15.65
N ASN A 27 7.59 -4.50 15.93
CA ASN A 27 7.76 -3.21 15.27
C ASN A 27 8.51 -3.39 13.95
N SER A 28 7.80 -3.15 12.84
CA SER A 28 8.38 -3.30 11.51
C SER A 28 8.67 -1.92 10.90
N SER A 29 9.34 -1.07 11.67
CA SER A 29 9.66 0.27 11.20
C SER A 29 10.54 0.21 9.96
N GLN A 30 11.42 -0.77 9.90
CA GLN A 30 12.32 -0.92 8.76
C GLN A 30 11.53 -1.32 7.52
N ASN A 31 11.97 -0.80 6.37
CA ASN A 31 11.30 -1.10 5.10
C ASN A 31 11.83 -2.40 4.51
N GLY A 32 11.00 -3.07 3.72
CA GLY A 32 11.39 -4.33 3.08
C GLY A 32 12.05 -4.06 1.74
N PRO A 33 12.66 -5.05 1.16
CA PRO A 33 13.34 -4.90 -0.17
C PRO A 33 12.38 -4.38 -1.24
N LEU A 34 11.24 -5.04 -1.37
CA LEU A 34 10.23 -4.63 -2.35
C LEU A 34 9.65 -3.27 -1.95
N ALA A 35 9.43 -3.11 -0.64
CA ALA A 35 8.88 -1.88 -0.11
C ALA A 35 9.75 -0.68 -0.44
N GLU A 36 11.03 -0.91 -0.64
CA GLU A 36 11.94 0.18 -0.95
C GLU A 36 11.51 0.89 -2.24
N ASN A 37 11.26 0.10 -3.28
CA ASN A 37 10.84 0.65 -4.57
C ASN A 37 9.45 1.31 -4.48
N PHE A 38 8.53 0.67 -3.77
CA PHE A 38 7.17 1.18 -3.64
C PHE A 38 7.04 2.28 -2.59
N ALA A 39 7.80 2.15 -1.51
CA ALA A 39 7.73 3.13 -0.43
C ALA A 39 8.02 4.54 -0.94
N THR A 40 8.66 4.62 -2.11
CA THR A 40 8.99 5.91 -2.69
C THR A 40 7.72 6.68 -3.05
N PHE A 41 6.67 5.96 -3.40
CA PHE A 41 5.39 6.60 -3.77
C PHE A 41 4.38 6.49 -2.64
N SER A 42 4.81 5.94 -1.50
CA SER A 42 3.92 5.77 -0.37
C SER A 42 3.85 7.02 0.51
N GLY A 43 4.75 7.97 0.27
CA GLY A 43 4.77 9.19 1.07
C GLY A 43 5.20 8.89 2.50
N HIS A 44 6.13 7.94 2.64
CA HIS A 44 6.62 7.55 3.96
C HIS A 44 7.25 8.74 4.68
N ALA A 45 8.01 9.54 3.94
CA ALA A 45 8.66 10.71 4.51
C ALA A 45 7.66 11.82 4.77
N GLU A 46 6.47 11.69 4.18
CA GLU A 46 5.42 12.69 4.36
C GLU A 46 4.38 12.23 5.37
N SER A 47 4.21 13.00 6.44
CA SER A 47 3.25 12.65 7.48
C SER A 47 1.84 13.00 7.03
N ASN A 48 1.73 13.76 5.93
CA ASN A 48 0.43 14.16 5.41
C ASN A 48 -0.05 13.16 4.36
N ALA A 49 0.61 12.00 4.31
CA ALA A 49 0.26 10.97 3.36
C ALA A 49 -1.23 10.65 3.42
N LEU A 50 -1.79 10.27 2.28
CA LEU A 50 -3.21 9.94 2.20
C LEU A 50 -3.46 8.51 2.70
N ARG A 51 -4.35 8.38 3.68
CA ARG A 51 -4.69 7.07 4.21
C ARG A 51 -5.57 6.33 3.20
N LEU A 52 -5.46 5.01 3.14
CA LEU A 52 -6.24 4.24 2.16
C LEU A 52 -6.63 2.86 2.68
N ASN A 53 -7.88 2.48 2.40
CA ASN A 53 -8.41 1.17 2.80
C ASN A 53 -8.94 0.44 1.56
N ILE A 54 -8.89 -0.89 1.58
CA ILE A 54 -9.35 -1.71 0.46
C ILE A 54 -10.34 -2.78 0.90
N TYR A 55 -11.44 -2.91 0.16
CA TYR A 55 -12.46 -3.92 0.46
C TYR A 55 -12.88 -4.62 -0.83
N PHE A 56 -12.84 -5.96 -0.82
CA PHE A 56 -13.20 -6.72 -2.01
C PHE A 56 -14.73 -6.84 -2.13
N PRO A 57 -15.27 -6.94 -3.33
CA PRO A 57 -16.75 -7.09 -3.50
C PRO A 57 -17.30 -8.20 -2.62
N SER A 58 -16.54 -9.29 -2.51
CA SER A 58 -16.96 -10.42 -1.69
C SER A 58 -16.55 -10.16 -0.24
N SER A 59 -15.60 -9.24 -0.06
CA SER A 59 -15.14 -8.88 1.27
C SER A 59 -14.94 -10.13 2.14
N GLU A 60 -13.94 -10.93 1.79
CA GLU A 60 -13.64 -12.15 2.53
C GLU A 60 -13.04 -11.83 3.89
N SER A 61 -12.24 -10.76 3.95
CA SER A 61 -11.57 -10.36 5.19
C SER A 61 -11.63 -8.84 5.41
N PRO A 62 -12.80 -8.30 5.64
CA PRO A 62 -12.97 -6.84 5.87
C PRO A 62 -12.36 -6.41 7.21
N SER A 63 -12.14 -7.38 8.08
CA SER A 63 -11.56 -7.10 9.39
C SER A 63 -10.11 -6.64 9.26
N LYS A 64 -9.51 -6.91 8.09
CA LYS A 64 -8.12 -6.53 7.85
C LYS A 64 -7.97 -5.83 6.50
N PRO A 65 -8.30 -4.56 6.43
CA PRO A 65 -8.19 -3.78 5.16
C PRO A 65 -6.75 -3.34 4.89
N LEU A 66 -6.46 -3.02 3.63
CA LEU A 66 -5.11 -2.59 3.26
C LEU A 66 -4.88 -1.17 3.75
N PHE A 67 -4.06 -1.03 4.79
CA PHE A 67 -3.72 0.29 5.34
C PHE A 67 -2.33 0.67 4.91
N VAL A 68 -2.24 1.62 3.98
CA VAL A 68 -0.95 2.08 3.45
C VAL A 68 -0.94 3.59 3.32
N GLU A 69 0.27 4.14 3.28
CA GLU A 69 0.43 5.59 3.13
C GLU A 69 0.64 5.91 1.66
N LEU A 70 -0.12 6.86 1.13
CA LEU A 70 -0.02 7.23 -0.29
C LEU A 70 0.22 8.72 -0.46
N ARG A 71 1.04 9.10 -1.44
CA ARG A 71 1.31 10.50 -1.69
C ARG A 71 0.12 11.15 -2.38
N LYS A 72 0.05 12.46 -2.27
CA LYS A 72 -1.04 13.21 -2.89
C LYS A 72 -0.79 13.39 -4.39
N ASN A 73 0.42 13.06 -4.86
CA ASN A 73 0.75 13.25 -6.28
C ASN A 73 1.04 11.93 -7.04
N VAL A 74 0.99 10.78 -6.37
CA VAL A 74 1.25 9.52 -7.07
C VAL A 74 -0.01 8.98 -7.72
N LEU A 75 0.17 8.10 -8.69
CA LEU A 75 -0.93 7.52 -9.45
C LEU A 75 -1.59 6.34 -8.72
N VAL A 76 -2.75 5.94 -9.24
CA VAL A 76 -3.52 4.83 -8.67
C VAL A 76 -2.74 3.53 -8.70
N SER A 77 -2.12 3.25 -9.84
CA SER A 77 -1.37 2.00 -10.01
C SER A 77 -0.55 1.67 -8.76
N GLU A 78 -0.12 2.69 -8.03
CA GLU A 78 0.67 2.48 -6.83
C GLU A 78 -0.17 1.86 -5.70
N ALA A 79 -1.44 2.24 -5.64
CA ALA A 79 -2.34 1.74 -4.60
C ALA A 79 -2.33 0.20 -4.52
N ILE A 80 -2.63 -0.45 -5.63
CA ILE A 80 -2.66 -1.91 -5.67
C ILE A 80 -1.27 -2.52 -5.56
N GLY A 81 -0.26 -1.79 -6.00
CA GLY A 81 1.11 -2.29 -5.98
C GLY A 81 1.58 -2.62 -4.56
N TYR A 82 1.08 -1.89 -3.57
CA TYR A 82 1.47 -2.13 -2.18
C TYR A 82 0.87 -3.43 -1.64
N ILE A 83 -0.25 -3.84 -2.22
CA ILE A 83 -0.95 -5.05 -1.75
C ILE A 83 0.00 -6.24 -1.63
N LEU A 84 1.04 -6.29 -2.46
CA LEU A 84 1.99 -7.41 -2.38
C LEU A 84 2.67 -7.41 -1.02
N LEU A 85 3.03 -6.22 -0.55
CA LEU A 85 3.70 -6.09 0.74
C LEU A 85 2.81 -6.58 1.88
N GLN A 86 1.54 -6.19 1.82
CA GLN A 86 0.59 -6.57 2.86
C GLN A 86 0.12 -8.01 2.65
N TYR A 87 0.15 -8.47 1.40
CA TYR A 87 -0.29 -9.82 1.09
C TYR A 87 0.55 -10.85 1.85
N VAL A 88 1.86 -10.71 1.79
CA VAL A 88 2.75 -11.64 2.48
C VAL A 88 2.56 -11.54 3.99
N ASN A 89 2.46 -10.32 4.49
CA ASN A 89 2.31 -10.10 5.92
C ASN A 89 1.02 -10.70 6.50
N GLN A 90 -0.11 -10.53 5.80
CA GLN A 90 -1.40 -11.05 6.29
C GLN A 90 -1.94 -12.23 5.48
N GLN A 91 -1.35 -12.52 4.32
CA GLN A 91 -1.82 -13.65 3.50
C GLN A 91 -3.36 -13.69 3.47
N LEU A 92 -3.97 -12.57 3.11
CA LEU A 92 -5.44 -12.48 3.07
C LEU A 92 -5.95 -12.58 1.63
N VAL A 93 -7.17 -13.11 1.48
CA VAL A 93 -7.79 -13.26 0.17
C VAL A 93 -6.93 -14.15 -0.75
N PRO A 94 -7.49 -15.14 -1.42
CA PRO A 94 -6.72 -16.02 -2.35
C PRO A 94 -5.66 -15.22 -3.12
N PRO A 95 -4.64 -15.87 -3.64
CA PRO A 95 -3.58 -15.18 -4.41
C PRO A 95 -4.14 -14.49 -5.66
N ILE A 96 -3.55 -13.35 -6.00
CA ILE A 96 -3.99 -12.57 -7.16
C ILE A 96 -2.97 -12.69 -8.29
N GLU A 97 -3.47 -12.88 -9.51
CA GLU A 97 -2.60 -13.02 -10.67
C GLU A 97 -1.62 -11.84 -10.74
N ASP A 98 -0.40 -12.11 -11.17
CA ASP A 98 0.62 -11.08 -11.27
C ASP A 98 0.22 -9.99 -12.26
N GLU A 99 -0.38 -10.41 -13.36
CA GLU A 99 -0.80 -9.48 -14.40
C GLU A 99 -1.93 -8.58 -13.89
N ALA A 100 -2.51 -8.95 -12.76
CA ALA A 100 -3.61 -8.18 -12.19
C ALA A 100 -3.11 -6.95 -11.45
N GLN A 101 -1.79 -6.84 -11.29
CA GLN A 101 -1.20 -5.70 -10.59
C GLN A 101 -1.48 -4.41 -11.37
N ASN A 102 -1.41 -4.47 -12.69
CA ASN A 102 -1.66 -3.29 -13.51
C ASN A 102 -3.15 -2.95 -13.51
N PRO A 103 -3.52 -1.69 -13.60
CA PRO A 103 -4.95 -1.27 -13.60
C PRO A 103 -5.66 -1.66 -14.90
N ASN A 104 -4.90 -2.03 -15.90
CA ASN A 104 -5.49 -2.41 -17.18
C ASN A 104 -6.31 -3.68 -17.02
N TYR A 105 -5.85 -4.58 -16.15
CA TYR A 105 -6.54 -5.84 -15.91
C TYR A 105 -7.71 -5.68 -14.92
N TRP A 106 -7.56 -4.79 -13.93
CA TRP A 106 -8.62 -4.56 -12.93
C TRP A 106 -8.83 -3.07 -12.73
N ASN A 107 -10.01 -2.70 -12.20
CA ASN A 107 -10.33 -1.29 -11.95
C ASN A 107 -10.55 -1.05 -10.46
N LEU A 108 -10.24 0.17 -10.02
CA LEU A 108 -10.40 0.56 -8.63
C LEU A 108 -11.58 1.52 -8.53
N ARG A 109 -12.58 1.14 -7.75
CA ARG A 109 -13.80 1.94 -7.61
C ARG A 109 -14.06 2.29 -6.15
N ILE A 110 -14.51 3.52 -5.92
CA ILE A 110 -14.79 3.99 -4.57
C ILE A 110 -16.09 3.39 -4.07
N VAL A 111 -16.19 3.25 -2.74
CA VAL A 111 -17.39 2.68 -2.11
C VAL A 111 -17.90 3.60 -1.00
N GLU A 112 -19.16 3.42 -0.63
CA GLU A 112 -19.76 4.24 0.42
C GLU A 112 -19.32 3.75 1.80
N ASP A 113 -19.71 4.48 2.83
CA ASP A 113 -19.35 4.11 4.19
C ASP A 113 -20.05 2.81 4.58
N ASP A 114 -21.11 2.49 3.84
CA ASP A 114 -21.88 1.27 4.10
C ASP A 114 -21.30 0.10 3.31
N GLY A 115 -20.28 0.38 2.51
CA GLY A 115 -19.64 -0.66 1.70
C GLY A 115 -20.44 -0.92 0.42
N GLU A 116 -21.42 -0.07 0.16
CA GLU A 116 -22.26 -0.22 -1.03
C GLU A 116 -21.56 0.40 -2.25
N LEU A 117 -22.11 0.13 -3.42
CA LEU A 117 -21.53 0.65 -4.66
C LEU A 117 -21.81 2.14 -4.80
N ASP A 118 -20.93 2.82 -5.53
CA ASP A 118 -21.07 4.26 -5.74
C ASP A 118 -21.97 4.56 -6.94
N GLU A 119 -23.05 5.28 -6.68
CA GLU A 119 -24.00 5.63 -7.73
C GLU A 119 -23.31 6.34 -8.89
N ASP A 120 -22.12 6.87 -8.63
CA ASP A 120 -21.36 7.58 -9.66
C ASP A 120 -20.47 6.62 -10.45
N PHE A 121 -20.35 5.39 -9.95
CA PHE A 121 -19.52 4.36 -10.61
C PHE A 121 -18.35 4.98 -11.37
N PRO A 122 -17.46 5.64 -10.66
CA PRO A 122 -16.28 6.30 -11.29
C PRO A 122 -15.22 5.29 -11.76
N ALA A 123 -14.40 5.72 -12.70
CA ALA A 123 -13.33 4.88 -13.23
C ALA A 123 -11.98 5.48 -12.85
N LEU A 124 -11.22 4.75 -12.04
CA LEU A 124 -9.90 5.21 -11.59
C LEU A 124 -8.80 4.43 -12.31
N ASP A 125 -7.68 5.10 -12.56
CA ASP A 125 -6.58 4.46 -13.27
C ASP A 125 -5.26 5.20 -13.04
N ARG A 126 -4.23 4.70 -13.70
CA ARG A 126 -2.89 5.27 -13.60
C ARG A 126 -2.89 6.73 -14.03
N VAL A 127 -3.64 7.04 -15.08
CA VAL A 127 -3.70 8.42 -15.56
C VAL A 127 -4.65 9.25 -14.70
N GLY A 128 -5.29 8.59 -13.74
CA GLY A 128 -6.24 9.27 -12.85
C GLY A 128 -5.75 9.26 -11.40
N PRO A 129 -5.16 10.34 -10.93
CA PRO A 129 -4.66 10.40 -9.51
C PRO A 129 -5.73 9.98 -8.50
N LEU A 130 -5.35 9.08 -7.61
CA LEU A 130 -6.29 8.57 -6.59
C LEU A 130 -6.65 9.67 -5.58
N SER A 131 -5.67 10.46 -5.19
CA SER A 131 -5.89 11.53 -4.21
C SER A 131 -6.86 12.57 -4.76
N LYS A 132 -7.20 12.43 -6.03
CA LYS A 132 -8.12 13.37 -6.66
C LYS A 132 -9.48 13.36 -5.94
N PHE A 133 -9.99 12.16 -5.65
CA PHE A 133 -11.29 12.05 -4.98
C PHE A 133 -11.16 12.40 -3.49
N GLY A 134 -9.96 12.25 -2.94
CA GLY A 134 -9.71 12.58 -1.54
C GLY A 134 -10.27 11.54 -0.56
N PHE A 135 -10.58 10.34 -1.04
CA PHE A 135 -11.12 9.27 -0.18
C PHE A 135 -10.02 8.28 0.20
N ASP A 136 -10.17 7.67 1.38
CA ASP A 136 -9.20 6.70 1.89
C ASP A 136 -9.76 5.28 1.89
N ALA A 137 -10.70 5.02 0.99
CA ALA A 137 -11.31 3.68 0.90
C ALA A 137 -11.67 3.37 -0.55
N PHE A 138 -11.47 2.11 -0.96
CA PHE A 138 -11.77 1.72 -2.32
C PHE A 138 -12.01 0.21 -2.40
N ALA A 139 -12.50 -0.24 -3.56
CA ALA A 139 -12.78 -1.65 -3.78
C ALA A 139 -12.33 -2.06 -5.18
N LEU A 140 -11.93 -3.32 -5.33
CA LEU A 140 -11.46 -3.82 -6.62
C LEU A 140 -12.63 -4.42 -7.39
N VAL A 141 -12.84 -3.92 -8.61
CA VAL A 141 -13.94 -4.39 -9.45
C VAL A 141 -13.42 -5.25 -10.60
N LYS A 142 -14.06 -6.38 -10.84
CA LYS A 142 -13.64 -7.26 -11.91
C LYS A 142 -13.87 -6.59 -13.26
N ALA A 143 -12.86 -6.64 -14.13
CA ALA A 143 -12.95 -6.03 -15.46
C ALA A 143 -12.87 -7.11 -16.53
N THR A 144 -13.74 -7.00 -17.52
CA THR A 144 -13.78 -7.97 -18.61
C THR A 144 -12.66 -7.69 -19.63
N PRO A 145 -12.30 -8.66 -20.45
CA PRO A 145 -11.22 -8.46 -21.47
C PRO A 145 -11.47 -7.21 -22.32
N ALA A 146 -12.73 -6.93 -22.62
CA ALA A 146 -13.09 -5.77 -23.43
C ALA A 146 -12.58 -4.49 -22.78
N GLN A 147 -12.72 -4.40 -21.47
CA GLN A 147 -12.29 -3.22 -20.72
C GLN A 147 -10.76 -3.08 -20.78
N ILE A 148 -10.06 -4.20 -20.87
CA ILE A 148 -8.60 -4.16 -20.92
C ILE A 148 -8.13 -3.42 -22.18
N LYS A 149 -8.75 -3.72 -23.31
CA LYS A 149 -8.37 -3.07 -24.55
C LYS A 149 -8.63 -1.57 -24.49
N GLU A 150 -9.77 -1.19 -23.91
CA GLU A 150 -10.12 0.22 -23.79
C GLU A 150 -9.15 0.94 -22.86
N ASN A 151 -8.93 0.38 -21.68
CA ASN A 151 -8.02 0.97 -20.71
C ASN A 151 -6.58 0.96 -21.24
N GLN A 152 -6.21 -0.16 -21.87
CA GLN A 152 -4.87 -0.31 -22.41
C GLN A 152 -4.60 0.72 -23.51
N ALA A 153 -5.61 0.99 -24.33
CA ALA A 153 -5.46 1.96 -25.42
C ALA A 153 -5.19 3.35 -24.87
N ALA A 154 -5.88 3.70 -23.79
CA ALA A 154 -5.70 5.02 -23.19
C ALA A 154 -4.29 5.17 -22.63
N TYR A 155 -3.79 4.11 -22.00
CA TYR A 155 -2.45 4.12 -21.41
C TYR A 155 -1.71 2.83 -21.77
N PRO A 156 -1.12 2.76 -22.94
CA PRO A 156 -0.36 1.57 -23.39
C PRO A 156 0.78 1.22 -22.44
N PHE A 157 1.03 -0.08 -22.26
CA PHE A 157 2.09 -0.53 -21.37
C PHE A 157 3.45 -0.41 -22.04
N LYS A 158 4.38 0.23 -21.36
CA LYS A 158 5.74 0.41 -21.90
C LYS A 158 6.66 -0.70 -21.42
N SER A 159 7.58 -1.12 -22.27
CA SER A 159 8.52 -2.17 -21.91
C SER A 159 9.56 -1.65 -20.92
N LYS A 160 9.99 -2.52 -20.02
CA LYS A 160 10.98 -2.15 -19.02
C LYS A 160 10.56 -0.85 -18.35
#